data_9NRY
#
_entry.id   9NRY
#
_cell.length_a   1.00
_cell.length_b   1.00
_cell.length_c   1.00
_cell.angle_alpha   90.00
_cell.angle_beta   90.00
_cell.angle_gamma   90.00
#
_symmetry.space_group_name_H-M   'P 1'
#
loop_
_entity.id
_entity.type
_entity.pdbx_description
1 polymer 'E1 envelope glycoprotein'
2 polymer 'E2 envelope glycoprotein'
3 polymer 'single domain antibody (nanobody) V2C3'
#
loop_
_entity_poly.entity_id
_entity_poly.type
_entity_poly.pdbx_seq_one_letter_code
_entity_poly.pdbx_strand_id
1 'polypeptide(L)'
;YEHATTMPSQAGISYNTIVNRAGYAPLPISITPTKIKLIPTVNLEYVTCHYKTGMDSPAIKCCGSQECTPTYRPDEQCKV
FTGVYPFMWGGAYCFCDTENTQVSKAYVMKSDDCLADHAEAYKAHTASVQAFLNITVGEHSIVTTVYVNGETPVNFNGVK
ITAGPLSTAWTPFDRKIVQYAGEIYNYDFPEYGAGQPGAFGDIQSRTVSSSDLYANTNLVLQRPKAGAIHVPYTQAPSGF
EQWKKDKAPSLKFTAPFGCEIYTNPIRAENCAVGSIPLAFDIPDALFTRVSETPTLSAAECTLNECVYSSDFGGIATVKY
SASKSGKCAVHVPSGTATLKEAAVELTEQGSATIHFSTANIHPEFRLQICTSYVTCKGDCHPPKDHIVTHPQYHAQTFTA
AVSKTAWTWLTSLLGGSAVIIIIGLVLATIVAMYVLTNQKHN
;
B,G,O
2 'polypeptide(L)'
;STEELFNEYKLTRPYMARCIRCAVGSCHSPIAIEAVKSDGHDGYVRLQTSSQYGLDSSGNLKGRTMRYDMHGTIKEIPLH
QVSLYTSRPCHIVDGHGYFLLARCPAGDSITMEFKKDSVRHSCSVPYEVKFNPVGRELYTHPPEHGVEQACQVYAHDAQN
RGAYVEMHLPGSEVDSSLVSLSGSSVTVTPPDGTSALVECECGGTKISETINKTKQFSQCTKKEQCRAYRLQNDKWVYNS
DKLPKAAGATLKGKLHVPFLLADGKCTVPLAPEPMITFGFRSVSLKLHPKNPTYLITRQLADEPHYTHELISEPAVRNFT
VTEKGWEFVWGNHPPKRFWAQETAPGNPHGLPHEVITHYYHRYPMSTILGLSICAAIATVSVAASTWLFCRSRVACLTPY
RLTPNARIPFCLAVLCCARTARA
;
J,N,Q
3 'polypeptide(L)'
;DVQLQASGGGSVQAGGSLRLSCVASQNLFEYYTMGWYRQVPGSQRERVALINNGGSNVAGSVEGRFTISRDNAKNSIYLQ
MNNLKPEDSAVYYCRAFGPADYWGQGTQVTVSS
;
X,Y,Z
#
# COMPACT_ATOMS: atom_id res chain seq x y z
N TYR A 1 29.65 26.19 -65.99
CA TYR A 1 30.26 27.32 -65.22
C TYR A 1 30.30 26.95 -63.74
N GLU A 2 31.45 26.46 -63.29
CA GLU A 2 31.55 25.93 -61.93
C GLU A 2 31.35 27.04 -60.89
N HIS A 3 30.65 26.69 -59.82
CA HIS A 3 30.44 27.58 -58.69
C HIS A 3 30.49 26.75 -57.41
N ALA A 4 31.17 27.30 -56.39
CA ALA A 4 31.37 26.62 -55.12
C ALA A 4 30.73 27.42 -54.00
N THR A 5 30.01 26.73 -53.12
CA THR A 5 29.38 27.32 -51.96
C THR A 5 29.52 26.38 -50.77
N THR A 6 29.17 26.88 -49.59
CA THR A 6 29.23 26.12 -48.35
C THR A 6 27.84 26.05 -47.74
N MET A 7 27.41 24.84 -47.38
CA MET A 7 26.07 24.58 -46.88
C MET A 7 26.11 24.37 -45.38
N PRO A 8 25.32 25.09 -44.57
CA PRO A 8 25.21 24.70 -43.16
C PRO A 8 24.67 23.29 -43.02
N SER A 9 25.25 22.53 -42.09
CA SER A 9 24.89 21.13 -41.91
C SER A 9 23.67 20.99 -41.01
N GLN A 10 22.53 21.54 -41.44
CA GLN A 10 21.30 21.54 -40.65
C GLN A 10 20.12 21.26 -41.56
N ALA A 11 19.50 20.09 -41.41
CA ALA A 11 18.34 19.73 -42.20
C ALA A 11 17.12 20.52 -41.75
N GLY A 12 16.23 20.82 -42.70
CA GLY A 12 14.99 21.49 -42.42
C GLY A 12 15.01 22.99 -42.63
N ILE A 13 16.18 23.59 -42.81
CA ILE A 13 16.31 25.04 -43.02
C ILE A 13 16.75 25.25 -44.46
N SER A 14 15.99 26.06 -45.19
CA SER A 14 16.30 26.32 -46.59
C SER A 14 17.51 27.24 -46.71
N TYR A 15 18.16 27.17 -47.88
CA TYR A 15 19.34 27.96 -48.17
C TYR A 15 19.23 28.47 -49.61
N ASN A 16 19.42 29.78 -49.78
CA ASN A 16 19.27 30.43 -51.06
C ASN A 16 20.57 31.12 -51.46
N THR A 17 20.96 30.95 -52.71
CA THR A 17 22.14 31.61 -53.24
C THR A 17 21.88 32.04 -54.68
N ILE A 18 22.81 32.81 -55.22
CA ILE A 18 22.74 33.32 -56.59
C ILE A 18 24.07 33.05 -57.27
N VAL A 19 24.01 32.49 -58.48
CA VAL A 19 25.18 32.30 -59.32
C VAL A 19 25.26 33.52 -60.22
N ASN A 20 26.23 34.40 -59.95
CA ASN A 20 26.38 35.65 -60.67
C ASN A 20 27.40 35.51 -61.78
N ARG A 21 27.08 36.05 -62.95
CA ARG A 21 27.97 36.07 -64.10
C ARG A 21 27.91 37.46 -64.73
N ALA A 22 29.04 37.89 -65.31
CA ALA A 22 29.16 39.27 -65.74
C ALA A 22 28.18 39.61 -66.85
N GLY A 23 28.18 38.83 -67.93
CA GLY A 23 27.32 39.05 -69.07
C GLY A 23 25.95 38.43 -69.02
N TYR A 24 25.63 37.66 -67.98
CA TYR A 24 24.33 37.01 -67.83
C TYR A 24 23.72 37.39 -66.47
N ALA A 25 22.40 37.21 -66.35
CA ALA A 25 21.73 37.54 -65.11
C ALA A 25 21.99 36.46 -64.06
N PRO A 26 21.78 36.76 -62.77
CA PRO A 26 21.99 35.74 -61.74
C PRO A 26 21.05 34.55 -61.90
N LEU A 27 21.58 33.36 -61.58
CA LEU A 27 20.79 32.13 -61.56
C LEU A 27 20.48 31.76 -60.12
N PRO A 28 19.22 31.76 -59.66
CA PRO A 28 18.95 31.41 -58.26
C PRO A 28 19.13 29.92 -57.99
N ILE A 29 19.46 29.63 -56.73
CA ILE A 29 19.64 28.27 -56.23
C ILE A 29 18.91 28.19 -54.89
N SER A 30 18.00 27.22 -54.76
CA SER A 30 17.31 26.95 -53.51
C SER A 30 17.53 25.49 -53.12
N ILE A 31 17.99 25.27 -51.88
CA ILE A 31 18.29 23.92 -51.41
C ILE A 31 17.70 23.76 -50.02
N THR A 32 16.95 22.68 -49.81
CA THR A 32 16.41 22.33 -48.49
C THR A 32 16.82 20.91 -48.16
N PRO A 33 17.78 20.70 -47.24
CA PRO A 33 18.07 19.33 -46.79
C PRO A 33 16.97 18.80 -45.90
N THR A 34 16.53 17.57 -46.19
CA THR A 34 15.44 16.92 -45.47
C THR A 34 15.94 16.04 -44.34
N LYS A 35 16.89 15.15 -44.64
CA LYS A 35 17.35 14.15 -43.69
C LYS A 35 18.84 13.89 -43.92
N ILE A 36 19.62 13.99 -42.85
CA ILE A 36 21.06 13.74 -42.88
C ILE A 36 21.32 12.49 -42.05
N LYS A 37 22.02 11.52 -42.63
CA LYS A 37 22.26 10.23 -42.01
C LYS A 37 23.76 10.06 -41.73
N LEU A 38 24.07 9.27 -40.70
CA LEU A 38 25.44 8.92 -40.34
C LEU A 38 25.50 7.41 -40.16
N ILE A 39 26.08 6.71 -41.12
CA ILE A 39 26.10 5.24 -41.12
C ILE A 39 27.52 4.75 -40.83
N PRO A 40 27.85 4.37 -39.60
CA PRO A 40 29.16 3.76 -39.35
C PRO A 40 29.21 2.30 -39.72
N THR A 41 30.39 1.87 -40.17
CA THR A 41 30.62 0.46 -40.45
C THR A 41 30.46 -0.34 -39.16
N VAL A 42 29.70 -1.42 -39.23
CA VAL A 42 29.30 -2.19 -38.06
C VAL A 42 29.83 -3.61 -38.19
N ASN A 43 30.48 -4.10 -37.13
CA ASN A 43 31.02 -5.46 -37.08
C ASN A 43 30.37 -6.17 -35.90
N LEU A 44 29.67 -7.26 -36.17
CA LEU A 44 29.12 -8.08 -35.10
C LEU A 44 30.19 -9.03 -34.57
N GLU A 45 30.32 -9.08 -33.25
CA GLU A 45 31.22 -10.02 -32.60
C GLU A 45 30.49 -11.11 -31.84
N TYR A 46 29.46 -10.78 -31.06
CA TYR A 46 28.73 -11.81 -30.32
C TYR A 46 27.45 -11.29 -29.70
N VAL A 47 26.71 -12.19 -29.06
CA VAL A 47 25.41 -11.91 -28.45
C VAL A 47 25.44 -12.42 -27.02
N THR A 48 24.55 -11.88 -26.20
CA THR A 48 24.42 -12.31 -24.81
C THR A 48 22.99 -12.05 -24.34
N CYS A 49 22.46 -13.00 -23.60
CA CYS A 49 21.08 -12.93 -23.11
C CYS A 49 20.99 -13.70 -21.79
N HIS A 50 19.77 -14.04 -21.37
CA HIS A 50 19.58 -14.86 -20.19
C HIS A 50 20.29 -16.19 -20.35
N TYR A 51 20.96 -16.64 -19.29
CA TYR A 51 21.50 -17.99 -19.25
C TYR A 51 20.54 -18.89 -18.50
N LYS A 52 20.80 -20.20 -18.54
CA LYS A 52 20.04 -21.15 -17.75
C LYS A 52 20.92 -22.38 -17.50
N THR A 53 20.92 -22.85 -16.25
CA THR A 53 21.79 -23.94 -15.83
C THR A 53 20.98 -25.24 -15.90
N GLY A 54 21.12 -25.95 -17.01
CA GLY A 54 20.54 -27.27 -17.11
C GLY A 54 21.31 -28.29 -16.27
N MET A 55 20.57 -29.20 -15.67
CA MET A 55 21.12 -30.19 -14.74
C MET A 55 20.88 -31.59 -15.27
N ASP A 56 21.92 -32.41 -15.24
CA ASP A 56 21.82 -33.81 -15.61
C ASP A 56 21.29 -34.61 -14.42
N SER A 57 20.68 -35.75 -14.72
CA SER A 57 20.15 -36.59 -13.66
C SER A 57 21.30 -37.13 -12.81
N PRO A 58 21.17 -37.15 -11.48
CA PRO A 58 22.25 -37.73 -10.67
C PRO A 58 22.38 -39.22 -10.92
N ALA A 59 23.58 -39.64 -11.33
CA ALA A 59 23.85 -41.06 -11.51
C ALA A 59 24.12 -41.70 -10.17
N ILE A 60 23.47 -42.83 -9.89
CA ILE A 60 23.46 -43.44 -8.56
C ILE A 60 24.07 -44.83 -8.63
N LYS A 61 24.76 -45.22 -7.56
CA LYS A 61 25.33 -46.55 -7.45
C LYS A 61 25.30 -46.98 -5.99
N CYS A 62 24.95 -48.24 -5.76
CA CYS A 62 24.88 -48.84 -4.44
C CYS A 62 25.88 -49.97 -4.35
N CYS A 63 26.64 -50.02 -3.25
CA CYS A 63 27.71 -50.98 -3.05
C CYS A 63 28.66 -50.99 -4.25
N GLY A 64 29.32 -49.86 -4.44
CA GLY A 64 30.30 -49.71 -5.51
C GLY A 64 30.85 -48.30 -5.59
N SER A 65 31.46 -47.96 -6.73
CA SER A 65 31.99 -46.63 -6.95
C SER A 65 31.75 -46.22 -8.39
N GLN A 66 31.72 -44.92 -8.62
CA GLN A 66 31.48 -44.32 -9.92
C GLN A 66 32.65 -43.41 -10.30
N GLU A 67 32.62 -42.90 -11.52
CA GLU A 67 33.66 -42.04 -12.06
C GLU A 67 33.00 -40.87 -12.78
N CYS A 68 33.82 -39.86 -13.10
CA CYS A 68 33.37 -38.67 -13.80
C CYS A 68 33.81 -38.76 -15.26
N THR A 69 32.85 -38.73 -16.17
CA THR A 69 33.12 -38.77 -17.61
C THR A 69 33.04 -37.36 -18.16
N PRO A 70 34.13 -36.74 -18.62
CA PRO A 70 34.04 -35.35 -19.07
C PRO A 70 33.17 -35.21 -20.30
N THR A 71 32.52 -34.04 -20.41
CA THR A 71 31.64 -33.74 -21.53
C THR A 71 31.91 -32.38 -22.16
N TYR A 72 32.67 -31.51 -21.50
CA TYR A 72 33.19 -30.27 -22.07
C TYR A 72 32.10 -29.27 -22.45
N ARG A 73 30.97 -29.26 -21.75
CA ARG A 73 29.99 -28.21 -21.95
C ARG A 73 30.49 -26.91 -21.31
N PRO A 74 29.95 -25.75 -21.74
CA PRO A 74 30.44 -24.47 -21.20
C PRO A 74 30.33 -24.36 -19.68
N ASP A 75 31.47 -24.22 -19.01
CA ASP A 75 31.53 -24.12 -17.55
C ASP A 75 30.84 -25.30 -16.89
N GLU A 76 31.18 -26.50 -17.34
CA GLU A 76 30.59 -27.72 -16.84
C GLU A 76 31.32 -28.18 -15.59
N GLN A 77 30.55 -28.56 -14.56
CA GLN A 77 31.09 -29.00 -13.28
C GLN A 77 30.49 -30.35 -12.93
N CYS A 78 31.36 -31.29 -12.56
CA CYS A 78 30.95 -32.63 -12.16
C CYS A 78 31.64 -32.98 -10.84
N LYS A 79 30.92 -33.65 -9.95
CA LYS A 79 31.46 -34.03 -8.66
C LYS A 79 30.88 -35.37 -8.23
N VAL A 80 31.58 -36.01 -7.30
CA VAL A 80 31.21 -37.30 -6.74
C VAL A 80 30.93 -37.14 -5.26
N PHE A 81 29.83 -37.71 -4.80
CA PHE A 81 29.45 -37.73 -3.39
C PHE A 81 29.28 -39.17 -2.92
N THR A 82 29.59 -39.41 -1.65
CA THR A 82 29.57 -40.75 -1.09
C THR A 82 28.89 -40.74 0.28
N GLY A 83 28.34 -41.89 0.67
CA GLY A 83 27.77 -42.06 1.99
C GLY A 83 26.46 -41.35 2.20
N VAL A 84 25.44 -41.71 1.41
CA VAL A 84 24.10 -41.13 1.55
C VAL A 84 23.08 -42.25 1.60
N TYR A 85 21.80 -41.90 1.61
CA TYR A 85 20.72 -42.88 1.70
C TYR A 85 19.52 -42.32 0.93
N PRO A 86 19.47 -42.53 -0.40
CA PRO A 86 18.43 -41.88 -1.20
C PRO A 86 17.03 -42.44 -0.98
N PHE A 87 16.03 -41.81 -1.55
CA PHE A 87 14.63 -42.15 -1.30
C PHE A 87 13.77 -41.65 -2.45
N MET A 88 12.57 -42.23 -2.56
CA MET A 88 11.50 -41.67 -3.37
C MET A 88 10.17 -42.08 -2.75
N TRP A 89 9.07 -41.84 -3.48
CA TRP A 89 7.75 -42.11 -2.93
C TRP A 89 7.58 -43.56 -2.51
N GLY A 90 8.17 -44.49 -3.25
CA GLY A 90 8.03 -45.90 -2.91
C GLY A 90 8.73 -46.25 -1.60
N GLY A 91 9.90 -45.71 -1.37
CA GLY A 91 10.67 -46.00 -0.19
C GLY A 91 12.16 -45.82 -0.46
N ALA A 92 12.97 -46.61 0.23
CA ALA A 92 14.42 -46.51 0.11
C ALA A 92 14.87 -47.10 -1.23
N TYR A 93 15.53 -46.28 -2.04
CA TYR A 93 16.10 -46.76 -3.29
C TYR A 93 17.22 -47.77 -3.07
N CYS A 94 17.81 -47.80 -1.88
CA CYS A 94 18.99 -48.59 -1.61
C CYS A 94 18.83 -49.36 -0.31
N PHE A 95 19.49 -50.52 -0.24
CA PHE A 95 19.66 -51.26 1.00
C PHE A 95 21.13 -51.34 1.41
N CYS A 96 22.06 -50.90 0.56
CA CYS A 96 23.44 -50.69 0.98
C CYS A 96 23.53 -49.41 1.79
N ASP A 97 24.14 -49.50 2.97
CA ASP A 97 24.21 -48.34 3.86
C ASP A 97 25.34 -47.39 3.44
N THR A 98 26.58 -47.85 3.49
CA THR A 98 27.72 -47.05 3.08
C THR A 98 28.05 -47.31 1.61
N GLU A 99 29.16 -46.75 1.14
CA GLU A 99 29.70 -46.94 -0.21
C GLU A 99 28.63 -46.80 -1.30
N ASN A 100 27.76 -45.81 -1.15
CA ASN A 100 26.80 -45.42 -2.18
C ASN A 100 27.32 -44.17 -2.87
N THR A 101 27.60 -44.27 -4.17
CA THR A 101 28.30 -43.22 -4.90
C THR A 101 27.36 -42.53 -5.88
N GLN A 102 27.43 -41.19 -5.89
CA GLN A 102 26.55 -40.35 -6.68
C GLN A 102 27.39 -39.42 -7.54
N VAL A 103 27.14 -39.42 -8.85
CA VAL A 103 27.77 -38.49 -9.78
C VAL A 103 26.75 -37.40 -10.09
N SER A 104 27.12 -36.15 -9.77
CA SER A 104 26.29 -34.99 -10.03
C SER A 104 26.99 -34.11 -11.06
N LYS A 105 26.29 -33.79 -12.14
CA LYS A 105 26.84 -33.07 -13.27
C LYS A 105 25.92 -31.92 -13.64
N ALA A 106 26.51 -30.76 -13.94
CA ALA A 106 25.73 -29.59 -14.31
C ALA A 106 26.54 -28.73 -15.29
N TYR A 107 25.83 -27.92 -16.07
CA TYR A 107 26.45 -27.04 -17.05
C TYR A 107 25.43 -25.96 -17.41
N VAL A 108 25.86 -25.02 -18.26
CA VAL A 108 25.08 -23.84 -18.60
C VAL A 108 24.94 -23.74 -20.11
N MET A 109 23.74 -23.37 -20.54
CA MET A 109 23.46 -23.02 -21.93
C MET A 109 22.63 -21.74 -21.93
N LYS A 110 22.22 -21.30 -23.12
CA LYS A 110 21.52 -20.03 -23.29
C LYS A 110 20.02 -20.26 -23.25
N SER A 111 19.30 -19.36 -22.60
CA SER A 111 17.84 -19.41 -22.56
C SER A 111 17.27 -19.33 -23.97
N ASP A 112 16.30 -20.20 -24.25
CA ASP A 112 15.71 -20.29 -25.58
C ASP A 112 14.63 -19.24 -25.82
N ASP A 113 14.31 -18.40 -24.84
CA ASP A 113 13.37 -17.31 -25.07
C ASP A 113 14.04 -16.12 -25.72
N CYS A 114 15.38 -16.03 -25.65
CA CYS A 114 16.10 -14.85 -26.12
C CYS A 114 16.45 -14.90 -27.60
N LEU A 115 15.82 -15.73 -28.43
CA LEU A 115 16.08 -15.67 -29.86
C LEU A 115 15.69 -14.32 -30.45
N ALA A 116 14.76 -13.61 -29.80
CA ALA A 116 14.32 -12.30 -30.25
C ALA A 116 14.80 -11.16 -29.37
N ASP A 117 15.01 -11.42 -28.07
CA ASP A 117 15.41 -10.39 -27.11
C ASP A 117 16.79 -10.76 -26.57
N HIS A 118 17.84 -10.32 -27.27
CA HIS A 118 19.22 -10.61 -26.90
C HIS A 118 20.06 -9.38 -27.19
N ALA A 119 20.95 -9.03 -26.25
CA ALA A 119 21.86 -7.93 -26.48
C ALA A 119 22.97 -8.36 -27.43
N GLU A 120 23.41 -7.43 -28.28
CA GLU A 120 24.44 -7.69 -29.28
C GLU A 120 25.57 -6.71 -29.11
N ALA A 121 26.81 -7.23 -29.13
CA ALA A 121 28.01 -6.40 -29.09
C ALA A 121 28.40 -5.98 -30.50
N TYR A 122 29.05 -4.82 -30.61
CA TYR A 122 29.40 -4.30 -31.93
C TYR A 122 30.65 -3.43 -31.84
N LYS A 123 31.41 -3.44 -32.93
CA LYS A 123 32.60 -2.60 -33.11
C LYS A 123 32.32 -1.64 -34.26
N ALA A 124 32.42 -0.34 -33.99
CA ALA A 124 32.00 0.70 -34.93
C ALA A 124 33.19 1.60 -35.27
N HIS A 125 33.24 2.02 -36.53
CA HIS A 125 34.30 2.91 -37.02
C HIS A 125 33.98 3.30 -38.45
N THR A 126 34.73 4.29 -38.95
CA THR A 126 34.66 4.73 -40.34
C THR A 126 33.24 5.19 -40.71
N ALA A 127 32.84 6.28 -40.06
CA ALA A 127 31.53 6.85 -40.31
C ALA A 127 31.47 7.54 -41.67
N SER A 128 30.33 7.41 -42.34
CA SER A 128 30.04 8.09 -43.60
C SER A 128 28.70 8.78 -43.48
N VAL A 129 28.54 9.88 -44.22
CA VAL A 129 27.37 10.74 -44.12
C VAL A 129 26.61 10.68 -45.44
N GLN A 130 25.28 10.66 -45.33
CA GLN A 130 24.39 10.72 -46.50
C GLN A 130 23.33 11.77 -46.24
N ALA A 131 22.74 12.28 -47.32
CA ALA A 131 21.80 13.39 -47.19
C ALA A 131 20.67 13.27 -48.22
N PHE A 132 19.46 13.49 -47.74
CA PHE A 132 18.29 13.71 -48.58
C PHE A 132 18.12 15.21 -48.80
N LEU A 133 17.82 15.60 -50.03
CA LEU A 133 17.74 17.00 -50.38
C LEU A 133 16.57 17.25 -51.32
N ASN A 134 16.06 18.48 -51.29
CA ASN A 134 15.16 19.00 -52.32
C ASN A 134 15.81 20.24 -52.91
N ILE A 135 16.09 20.19 -54.21
CA ILE A 135 16.84 21.23 -54.91
C ILE A 135 15.92 21.88 -55.93
N THR A 136 16.14 23.18 -56.15
CA THR A 136 15.42 23.93 -57.18
C THR A 136 16.40 24.93 -57.78
N VAL A 137 16.77 24.71 -59.04
CA VAL A 137 17.68 25.57 -59.78
C VAL A 137 17.06 25.84 -61.14
N GLY A 138 16.77 27.10 -61.44
CA GLY A 138 16.13 27.44 -62.69
C GLY A 138 14.79 26.74 -62.83
N GLU A 139 13.97 26.84 -61.77
CA GLU A 139 12.66 26.16 -61.67
C GLU A 139 12.72 24.70 -62.12
N HIS A 140 13.85 24.04 -61.87
CA HIS A 140 14.01 22.61 -62.07
C HIS A 140 14.05 21.98 -60.67
N SER A 141 12.88 21.52 -60.21
CA SER A 141 12.74 21.00 -58.86
C SER A 141 12.95 19.48 -58.86
N ILE A 142 13.79 19.02 -57.92
CA ILE A 142 14.10 17.59 -57.78
C ILE A 142 14.25 17.25 -56.30
N VAL A 143 14.05 15.96 -56.00
CA VAL A 143 14.31 15.40 -54.68
C VAL A 143 15.32 14.27 -54.86
N THR A 144 16.39 14.30 -54.08
CA THR A 144 17.55 13.46 -54.34
C THR A 144 18.12 12.90 -53.04
N THR A 145 18.86 11.80 -53.17
CA THR A 145 19.63 11.19 -52.10
C THR A 145 21.08 11.11 -52.55
N VAL A 146 22.00 11.64 -51.74
CA VAL A 146 23.37 11.87 -52.17
C VAL A 146 24.35 11.53 -51.05
N TYR A 147 25.48 10.95 -51.46
CA TYR A 147 26.64 10.76 -50.58
C TYR A 147 27.50 12.01 -50.62
N VAL A 148 28.04 12.39 -49.46
CA VAL A 148 28.75 13.66 -49.33
C VAL A 148 30.22 13.59 -49.69
N ASN A 149 30.77 12.38 -49.88
CA ASN A 149 32.21 12.23 -50.06
C ASN A 149 32.68 12.95 -51.32
N GLY A 150 34.00 13.06 -51.50
CA GLY A 150 34.55 13.81 -52.63
C GLY A 150 34.19 13.26 -53.99
N GLU A 151 33.73 12.02 -54.05
CA GLU A 151 33.30 11.37 -55.29
C GLU A 151 31.77 11.32 -55.31
N THR A 152 31.21 10.80 -56.38
CA THR A 152 29.78 10.56 -56.53
C THR A 152 28.99 11.87 -56.61
N PRO A 153 29.19 12.67 -57.66
CA PRO A 153 28.29 13.80 -57.90
C PRO A 153 26.97 13.33 -58.52
N VAL A 154 25.91 14.07 -58.21
CA VAL A 154 24.59 13.78 -58.75
C VAL A 154 24.43 14.51 -60.07
N ASN A 155 23.84 13.82 -61.06
CA ASN A 155 23.74 14.32 -62.42
C ASN A 155 22.27 14.40 -62.80
N PHE A 156 21.87 15.54 -63.37
CA PHE A 156 20.49 15.72 -63.83
C PHE A 156 20.37 16.87 -64.83
N ASN A 157 19.84 16.57 -66.02
CA ASN A 157 19.63 17.58 -67.06
C ASN A 157 20.93 18.27 -67.45
N GLY A 158 22.02 17.51 -67.46
CA GLY A 158 23.33 18.06 -67.76
C GLY A 158 24.01 18.75 -66.60
N VAL A 159 23.33 18.89 -65.47
CA VAL A 159 23.88 19.57 -64.30
C VAL A 159 24.53 18.54 -63.40
N LYS A 160 25.83 18.73 -63.12
CA LYS A 160 26.55 17.89 -62.18
C LYS A 160 26.74 18.66 -60.89
N ILE A 161 26.55 18.00 -59.76
CA ILE A 161 26.67 18.60 -58.44
C ILE A 161 27.52 17.69 -57.57
N THR A 162 28.65 18.20 -57.08
CA THR A 162 29.53 17.42 -56.21
C THR A 162 29.53 18.03 -54.81
N ALA A 163 29.24 17.20 -53.82
CA ALA A 163 29.21 17.61 -52.42
C ALA A 163 30.58 17.33 -51.81
N GLY A 164 31.20 18.37 -51.26
CA GLY A 164 32.46 18.21 -50.59
C GLY A 164 32.29 17.50 -49.27
N PRO A 165 33.32 16.73 -48.81
CA PRO A 165 33.19 16.07 -47.51
C PRO A 165 32.93 17.04 -46.36
N LEU A 166 32.58 16.50 -45.19
CA LEU A 166 32.22 17.33 -44.04
C LEU A 166 33.40 18.19 -43.59
N SER A 167 33.11 19.24 -42.82
CA SER A 167 34.13 20.04 -42.19
C SER A 167 34.69 19.41 -40.92
N THR A 168 34.01 18.39 -40.38
CA THR A 168 34.49 17.68 -39.21
C THR A 168 34.02 16.24 -39.31
N ALA A 169 34.86 15.33 -38.81
CA ALA A 169 34.60 13.89 -38.89
C ALA A 169 34.19 13.29 -37.55
N TRP A 170 33.73 14.10 -36.60
CA TRP A 170 33.31 13.58 -35.31
C TRP A 170 32.09 12.70 -35.47
N THR A 171 32.00 11.66 -34.63
CA THR A 171 30.86 10.75 -34.60
C THR A 171 30.31 10.70 -33.18
N PRO A 172 29.00 10.75 -32.98
CA PRO A 172 28.47 10.42 -31.65
C PRO A 172 28.69 8.97 -31.28
N PHE A 173 28.88 8.10 -32.28
CA PHE A 173 29.20 6.71 -32.02
C PHE A 173 30.63 6.59 -31.51
N ASP A 174 30.83 5.64 -30.58
CA ASP A 174 32.14 5.28 -30.09
C ASP A 174 32.55 3.97 -30.73
N ARG A 175 33.80 3.56 -30.47
CA ARG A 175 34.32 2.33 -31.08
C ARG A 175 33.50 1.13 -30.63
N LYS A 176 33.17 1.05 -29.34
CA LYS A 176 32.63 -0.15 -28.74
C LYS A 176 31.17 0.11 -28.34
N ILE A 177 30.26 -0.72 -28.86
CA ILE A 177 28.83 -0.43 -28.82
C ILE A 177 28.08 -1.67 -28.34
N VAL A 178 26.97 -1.44 -27.63
CA VAL A 178 26.06 -2.52 -27.24
C VAL A 178 24.65 -2.11 -27.64
N GLN A 179 23.90 -3.04 -28.23
CA GLN A 179 22.48 -2.81 -28.53
C GLN A 179 21.62 -3.79 -27.75
N TYR A 180 20.48 -3.30 -27.26
CA TYR A 180 19.52 -4.11 -26.51
C TYR A 180 18.14 -3.55 -26.77
N ALA A 181 17.24 -4.40 -27.28
CA ALA A 181 15.83 -4.06 -27.46
C ALA A 181 15.65 -2.81 -28.33
N GLY A 182 16.59 -2.55 -29.23
CA GLY A 182 16.50 -1.41 -30.13
C GLY A 182 17.13 -0.14 -29.61
N GLU A 183 17.62 -0.12 -28.37
CA GLU A 183 18.33 1.03 -27.82
C GLU A 183 19.80 0.68 -27.66
N ILE A 184 20.65 1.70 -27.79
CA ILE A 184 22.09 1.49 -27.95
C ILE A 184 22.85 2.31 -26.92
N TYR A 185 23.95 1.73 -26.44
CA TYR A 185 24.70 2.25 -25.31
C TYR A 185 26.18 2.12 -25.59
N ASN A 186 26.94 3.13 -25.16
CA ASN A 186 28.39 3.16 -25.31
C ASN A 186 29.01 2.64 -24.01
N TYR A 187 29.10 1.32 -23.91
CA TYR A 187 29.57 0.64 -22.72
C TYR A 187 30.70 -0.32 -23.09
N ASP A 188 31.64 -0.50 -22.16
CA ASP A 188 32.84 -1.31 -22.38
C ASP A 188 32.60 -2.72 -21.84
N PHE A 189 32.57 -3.69 -22.75
CA PHE A 189 32.44 -5.11 -22.43
C PHE A 189 33.75 -5.84 -22.64
N PRO A 190 33.94 -7.02 -22.02
CA PRO A 190 35.12 -7.82 -22.32
C PRO A 190 35.07 -8.42 -23.72
N GLU A 191 36.23 -8.92 -24.16
CA GLU A 191 36.36 -9.52 -25.47
C GLU A 191 36.01 -11.01 -25.41
N TYR A 192 36.29 -11.72 -26.49
CA TYR A 192 35.97 -13.15 -26.57
C TYR A 192 37.00 -13.97 -25.80
N GLY A 193 36.52 -14.83 -24.91
CA GLY A 193 37.38 -15.69 -24.14
C GLY A 193 37.91 -15.09 -22.85
N ALA A 194 37.45 -13.91 -22.46
CA ALA A 194 37.92 -13.24 -21.25
C ALA A 194 36.74 -12.62 -20.49
N GLY A 195 35.61 -13.31 -20.50
CA GLY A 195 34.47 -12.84 -19.73
C GLY A 195 34.65 -13.04 -18.24
N GLN A 196 33.84 -12.33 -17.47
CA GLN A 196 33.90 -12.34 -16.01
C GLN A 196 32.52 -12.61 -15.43
N PRO A 197 32.45 -13.14 -14.22
CA PRO A 197 31.14 -13.39 -13.60
C PRO A 197 30.56 -12.13 -12.97
N GLY A 198 29.22 -12.10 -12.92
CA GLY A 198 28.52 -11.02 -12.25
C GLY A 198 28.20 -9.83 -13.14
N ALA A 199 29.07 -9.56 -14.11
CA ALA A 199 28.93 -8.42 -15.00
C ALA A 199 28.49 -8.89 -16.39
N PHE A 200 28.16 -7.92 -17.23
CA PHE A 200 27.72 -8.21 -18.59
C PHE A 200 28.83 -8.91 -19.37
N GLY A 201 28.42 -9.84 -20.23
CA GLY A 201 29.37 -10.67 -20.94
C GLY A 201 29.75 -11.95 -20.22
N ASP A 202 28.98 -12.35 -19.21
CA ASP A 202 29.31 -13.55 -18.44
C ASP A 202 29.32 -14.79 -19.34
N ILE A 203 28.29 -14.96 -20.16
CA ILE A 203 28.20 -16.06 -21.11
C ILE A 203 28.24 -15.45 -22.51
N GLN A 204 28.82 -16.20 -23.46
CA GLN A 204 29.23 -15.62 -24.73
C GLN A 204 29.00 -16.63 -25.85
N SER A 205 28.14 -16.27 -26.80
CA SER A 205 27.88 -17.06 -27.99
C SER A 205 28.29 -16.25 -29.21
N ARG A 206 29.04 -16.89 -30.12
CA ARG A 206 29.59 -16.17 -31.27
C ARG A 206 28.49 -15.56 -32.13
N THR A 207 27.42 -16.31 -32.38
CA THR A 207 26.22 -15.76 -32.99
C THR A 207 25.02 -16.40 -32.31
N VAL A 208 23.83 -16.02 -32.78
CA VAL A 208 22.60 -16.59 -32.22
C VAL A 208 22.52 -18.07 -32.50
N SER A 209 23.10 -18.54 -33.60
CA SER A 209 23.03 -19.94 -34.02
C SER A 209 24.42 -20.55 -34.21
N SER A 210 25.46 -19.96 -33.64
CA SER A 210 26.80 -20.51 -33.79
C SER A 210 26.96 -21.82 -33.02
N SER A 211 26.31 -21.93 -31.87
CA SER A 211 26.36 -23.12 -31.02
C SER A 211 27.77 -23.41 -30.49
N ASP A 212 28.61 -22.38 -30.36
CA ASP A 212 29.87 -22.49 -29.65
C ASP A 212 29.86 -21.45 -28.54
N LEU A 213 30.00 -21.90 -27.29
CA LEU A 213 29.73 -21.09 -26.12
C LEU A 213 30.96 -21.01 -25.21
N TYR A 214 31.11 -19.85 -24.57
CA TYR A 214 32.03 -19.66 -23.46
C TYR A 214 31.21 -19.24 -22.25
N ALA A 215 31.53 -19.80 -21.09
CA ALA A 215 30.79 -19.51 -19.87
C ALA A 215 31.75 -19.43 -18.70
N ASN A 216 31.54 -18.45 -17.82
CA ASN A 216 32.35 -18.28 -16.61
C ASN A 216 31.44 -17.64 -15.56
N THR A 217 30.86 -18.47 -14.69
CA THR A 217 29.93 -18.00 -13.68
C THR A 217 30.18 -18.67 -12.32
N ASN A 218 31.43 -19.05 -12.07
CA ASN A 218 31.90 -19.65 -10.81
C ASN A 218 30.92 -20.66 -10.21
N LEU A 219 30.33 -21.50 -11.06
CA LEU A 219 29.38 -22.50 -10.61
C LEU A 219 30.09 -23.51 -9.71
N VAL A 220 29.59 -23.68 -8.48
CA VAL A 220 30.16 -24.59 -7.50
C VAL A 220 29.09 -25.58 -7.08
N LEU A 221 29.50 -26.83 -6.90
CA LEU A 221 28.59 -27.90 -6.47
C LEU A 221 28.60 -28.03 -4.96
N GLN A 222 27.42 -28.03 -4.36
CA GLN A 222 27.24 -28.18 -2.92
C GLN A 222 26.91 -29.64 -2.59
N ARG A 223 27.10 -29.99 -1.32
CA ARG A 223 26.86 -31.36 -0.90
C ARG A 223 25.36 -31.63 -0.87
N PRO A 224 24.88 -32.77 -1.38
CA PRO A 224 23.44 -32.99 -1.42
C PRO A 224 22.83 -33.19 -0.04
N LYS A 225 21.56 -32.82 0.07
CA LYS A 225 20.80 -33.09 1.29
C LYS A 225 20.63 -34.58 1.49
N ALA A 226 20.79 -35.04 2.73
CA ALA A 226 20.61 -36.45 3.03
C ALA A 226 19.14 -36.83 2.96
N GLY A 227 18.87 -38.01 2.42
CA GLY A 227 17.51 -38.48 2.24
C GLY A 227 16.80 -37.93 1.03
N ALA A 228 17.46 -37.10 0.22
CA ALA A 228 16.89 -36.50 -0.97
C ALA A 228 17.76 -36.85 -2.18
N ILE A 229 17.31 -36.43 -3.35
CA ILE A 229 18.03 -36.66 -4.61
C ILE A 229 17.89 -35.39 -5.44
N HIS A 230 18.99 -34.66 -5.61
CA HIS A 230 18.98 -33.41 -6.35
C HIS A 230 20.41 -32.97 -6.57
N VAL A 231 20.57 -31.91 -7.37
CA VAL A 231 21.88 -31.37 -7.72
C VAL A 231 21.96 -29.94 -7.19
N PRO A 232 22.27 -29.73 -5.91
CA PRO A 232 22.36 -28.36 -5.40
C PRO A 232 23.56 -27.64 -5.99
N TYR A 233 23.44 -26.32 -6.10
CA TYR A 233 24.45 -25.52 -6.77
C TYR A 233 24.44 -24.10 -6.19
N THR A 234 25.42 -23.31 -6.62
CA THR A 234 25.51 -21.90 -6.29
C THR A 234 26.40 -21.24 -7.34
N GLN A 235 25.99 -20.06 -7.78
CA GLN A 235 26.70 -19.36 -8.85
C GLN A 235 26.37 -17.88 -8.75
N ALA A 236 27.16 -17.06 -9.44
CA ALA A 236 26.83 -15.65 -9.52
C ALA A 236 25.57 -15.46 -10.36
N PRO A 237 24.73 -14.45 -10.02
CA PRO A 237 23.54 -14.21 -10.86
C PRO A 237 23.86 -13.84 -12.30
N SER A 238 22.83 -13.75 -13.13
CA SER A 238 22.98 -13.47 -14.56
C SER A 238 23.51 -12.06 -14.73
N GLY A 239 24.78 -11.92 -15.12
CA GLY A 239 25.36 -10.59 -15.29
C GLY A 239 24.57 -9.75 -16.28
N PHE A 240 23.97 -10.38 -17.28
CA PHE A 240 23.04 -9.69 -18.16
C PHE A 240 21.88 -9.09 -17.38
N GLU A 241 21.41 -9.81 -16.36
CA GLU A 241 20.26 -9.34 -15.59
C GLU A 241 20.59 -8.08 -14.80
N GLN A 242 21.73 -8.07 -14.10
CA GLN A 242 22.07 -6.88 -13.31
C GLN A 242 22.53 -5.74 -14.21
N TRP A 243 23.08 -6.05 -15.39
CA TRP A 243 23.37 -4.99 -16.33
C TRP A 243 22.08 -4.33 -16.81
N LYS A 244 21.03 -5.13 -17.04
CA LYS A 244 19.74 -4.53 -17.41
C LYS A 244 19.04 -3.92 -16.21
N LYS A 245 19.51 -4.22 -14.99
CA LYS A 245 19.08 -3.45 -13.84
C LYS A 245 19.83 -2.12 -13.73
N ASP A 246 21.00 -2.01 -14.35
CA ASP A 246 21.73 -0.74 -14.33
C ASP A 246 21.16 0.23 -15.37
N LYS A 247 21.32 -0.12 -16.65
CA LYS A 247 20.70 0.60 -17.78
C LYS A 247 20.88 2.12 -17.66
N ALA A 248 22.13 2.55 -17.82
CA ALA A 248 22.37 3.96 -18.02
C ALA A 248 21.51 4.45 -19.20
N PRO A 249 20.92 5.65 -19.13
CA PRO A 249 19.97 6.05 -20.17
C PRO A 249 20.59 6.02 -21.56
N SER A 250 19.77 5.63 -22.54
CA SER A 250 20.27 5.32 -23.87
C SER A 250 20.91 6.54 -24.52
N LEU A 251 21.75 6.28 -25.53
CA LEU A 251 22.34 7.37 -26.30
C LEU A 251 21.26 8.19 -26.99
N LYS A 252 20.09 7.59 -27.23
CA LYS A 252 18.93 8.35 -27.70
C LYS A 252 18.62 9.51 -26.76
N PHE A 253 18.88 9.34 -25.47
CA PHE A 253 18.59 10.35 -24.46
C PHE A 253 19.83 10.93 -23.82
N THR A 254 21.03 10.62 -24.34
CA THR A 254 22.27 11.26 -23.90
C THR A 254 23.15 11.65 -25.08
N ALA A 255 22.63 11.59 -26.31
CA ALA A 255 23.44 11.96 -27.46
C ALA A 255 23.71 13.46 -27.47
N PRO A 256 24.88 13.90 -27.95
CA PRO A 256 25.08 15.32 -28.17
C PRO A 256 24.29 15.82 -29.37
N PHE A 257 24.00 17.12 -29.37
CA PHE A 257 23.41 17.86 -30.48
C PHE A 257 21.98 17.42 -30.82
N GLY A 258 21.38 16.55 -30.03
CA GLY A 258 19.96 16.25 -30.20
C GLY A 258 19.61 15.64 -31.54
N CYS A 259 20.44 14.73 -32.04
CA CYS A 259 20.18 14.01 -33.27
C CYS A 259 19.85 12.56 -32.96
N GLU A 260 18.90 12.00 -33.70
CA GLU A 260 18.13 10.85 -33.22
C GLU A 260 18.67 9.56 -33.82
N ILE A 261 18.94 8.58 -32.97
CA ILE A 261 19.53 7.32 -33.41
C ILE A 261 18.42 6.36 -33.82
N TYR A 262 18.57 5.75 -35.00
CA TYR A 262 17.61 4.77 -35.48
C TYR A 262 18.38 3.52 -35.91
N THR A 263 17.79 2.35 -35.64
CA THR A 263 18.54 1.11 -35.56
C THR A 263 18.22 0.07 -36.63
N ASN A 264 17.34 0.36 -37.59
CA ASN A 264 17.02 -0.68 -38.58
C ASN A 264 18.27 -0.99 -39.40
N PRO A 265 18.78 -0.08 -40.26
CA PRO A 265 20.24 0.03 -40.38
C PRO A 265 20.72 1.11 -39.43
N ILE A 266 21.65 0.78 -38.51
CA ILE A 266 21.99 1.73 -37.46
C ILE A 266 22.62 2.98 -38.05
N ARG A 267 22.08 4.13 -37.63
CA ARG A 267 22.60 5.43 -38.06
C ARG A 267 22.05 6.48 -37.11
N ALA A 268 22.62 7.69 -37.21
CA ALA A 268 22.17 8.86 -36.48
C ALA A 268 21.62 9.87 -37.48
N GLU A 269 20.40 10.35 -37.21
CA GLU A 269 19.69 11.23 -38.12
C GLU A 269 19.84 12.68 -37.65
N ASN A 270 20.34 13.53 -38.55
CA ASN A 270 20.30 14.98 -38.46
C ASN A 270 21.12 15.52 -37.29
N CYS A 271 22.41 15.15 -37.29
CA CYS A 271 23.38 15.71 -36.36
C CYS A 271 23.86 17.04 -36.92
N ALA A 272 23.53 18.13 -36.22
CA ALA A 272 23.69 19.49 -36.73
C ALA A 272 25.09 19.99 -36.40
N VAL A 273 26.09 19.43 -37.10
CA VAL A 273 27.49 19.72 -36.81
C VAL A 273 28.21 20.00 -38.12
N GLY A 274 29.07 21.02 -38.09
CA GLY A 274 29.93 21.31 -39.23
C GLY A 274 29.16 21.91 -40.41
N SER A 275 29.74 21.75 -41.58
CA SER A 275 29.16 22.28 -42.81
C SER A 275 29.69 21.47 -43.98
N ILE A 276 28.98 21.52 -45.10
CA ILE A 276 29.26 20.72 -46.28
C ILE A 276 29.73 21.66 -47.38
N PRO A 277 31.02 21.64 -47.75
CA PRO A 277 31.42 22.30 -49.00
C PRO A 277 30.68 21.70 -50.18
N LEU A 278 30.33 22.55 -51.15
CA LEU A 278 29.59 22.16 -52.34
C LEU A 278 30.26 22.74 -53.57
N ALA A 279 29.99 22.14 -54.73
CA ALA A 279 30.43 22.71 -56.00
C ALA A 279 29.46 22.29 -57.09
N PHE A 280 29.13 23.24 -57.97
CA PHE A 280 28.01 23.13 -58.90
C PHE A 280 28.52 23.30 -60.32
N ASP A 281 28.71 22.18 -61.04
CA ASP A 281 28.98 22.24 -62.48
C ASP A 281 27.64 22.39 -63.19
N ILE A 282 27.24 23.64 -63.36
CA ILE A 282 25.97 24.01 -64.00
C ILE A 282 26.30 24.35 -65.45
N PRO A 283 25.62 23.78 -66.46
CA PRO A 283 25.95 24.16 -67.83
C PRO A 283 25.53 25.60 -68.13
N ASP A 284 26.15 26.16 -69.17
CA ASP A 284 25.82 27.50 -69.61
C ASP A 284 24.45 27.58 -70.26
N ALA A 285 23.81 26.45 -70.56
CA ALA A 285 22.53 26.47 -71.26
C ALA A 285 21.46 27.17 -70.43
N LEU A 286 21.41 26.87 -69.12
CA LEU A 286 20.35 27.41 -68.28
C LEU A 286 20.54 28.90 -67.98
N PHE A 287 21.73 29.45 -68.25
CA PHE A 287 21.94 30.87 -68.00
C PHE A 287 21.11 31.72 -68.96
N THR A 288 20.81 32.94 -68.53
CA THR A 288 19.94 33.86 -69.25
C THR A 288 20.68 35.15 -69.55
N ARG A 289 20.54 35.62 -70.80
CA ARG A 289 21.16 36.87 -71.20
C ARG A 289 20.45 38.04 -70.53
N VAL A 290 21.18 39.16 -70.39
CA VAL A 290 20.63 40.33 -69.70
C VAL A 290 19.42 40.87 -70.45
N SER A 291 19.50 40.93 -71.78
CA SER A 291 18.37 41.42 -72.57
C SER A 291 17.14 40.55 -72.37
N GLU A 292 17.33 39.25 -72.13
CA GLU A 292 16.20 38.36 -71.88
C GLU A 292 15.54 38.61 -70.53
N THR A 293 16.23 39.30 -69.61
CA THR A 293 15.75 39.51 -68.25
C THR A 293 15.26 40.94 -68.04
N PRO A 294 14.31 41.18 -67.15
CA PRO A 294 13.87 42.57 -66.90
C PRO A 294 14.97 43.44 -66.32
N THR A 295 14.91 44.73 -66.64
CA THR A 295 15.75 45.75 -66.03
C THR A 295 14.84 46.86 -65.51
N LEU A 296 15.08 47.29 -64.28
CA LEU A 296 14.16 48.18 -63.58
C LEU A 296 14.64 49.63 -63.65
N SER A 297 13.94 50.51 -62.93
CA SER A 297 14.29 51.91 -62.83
C SER A 297 13.47 52.54 -61.71
N ALA A 298 14.11 53.40 -60.92
CA ALA A 298 13.43 54.16 -59.86
C ALA A 298 12.77 53.24 -58.85
N ALA A 299 13.60 52.48 -58.14
CA ALA A 299 13.17 51.57 -57.10
C ALA A 299 13.38 52.19 -55.73
N GLU A 300 12.37 52.06 -54.87
CA GLU A 300 12.40 52.62 -53.52
C GLU A 300 12.07 51.53 -52.51
N CYS A 301 12.89 51.39 -51.48
CA CYS A 301 12.71 50.37 -50.45
C CYS A 301 12.15 51.01 -49.18
N THR A 302 11.12 50.39 -48.62
CA THR A 302 10.49 50.85 -47.38
C THR A 302 10.35 49.66 -46.45
N LEU A 303 10.74 49.85 -45.18
CA LEU A 303 10.63 48.80 -44.17
C LEU A 303 9.30 48.96 -43.46
N ASN A 304 8.37 48.04 -43.73
CA ASN A 304 7.04 48.13 -43.13
C ASN A 304 7.05 47.62 -41.69
N GLU A 305 7.40 46.35 -41.50
CA GLU A 305 7.44 45.71 -40.20
C GLU A 305 8.87 45.27 -39.91
N CYS A 306 9.38 45.65 -38.74
CA CYS A 306 10.75 45.37 -38.34
C CYS A 306 10.73 44.79 -36.94
N VAL A 307 11.06 43.51 -36.82
CA VAL A 307 11.17 42.82 -35.54
C VAL A 307 12.29 41.79 -35.65
N TYR A 308 13.31 41.92 -34.82
CA TYR A 308 14.44 40.99 -34.88
C TYR A 308 14.07 39.67 -34.22
N SER A 309 13.20 38.90 -34.88
CA SER A 309 12.76 37.61 -34.38
C SER A 309 13.52 36.48 -35.05
N SER A 310 13.40 35.28 -34.46
CA SER A 310 14.07 34.11 -35.01
C SER A 310 13.52 33.77 -36.39
N ASP A 311 12.21 33.87 -36.57
CA ASP A 311 11.55 33.55 -37.83
C ASP A 311 11.59 34.78 -38.74
N PHE A 312 11.03 34.65 -39.95
CA PHE A 312 10.95 35.77 -40.87
C PHE A 312 9.89 36.77 -40.42
N GLY A 313 10.17 37.48 -39.32
CA GLY A 313 9.24 38.44 -38.79
C GLY A 313 9.53 39.86 -39.27
N GLY A 314 9.88 39.99 -40.54
CA GLY A 314 10.16 41.30 -41.12
C GLY A 314 9.54 41.47 -42.49
N ILE A 315 8.81 42.58 -42.67
CA ILE A 315 8.09 42.88 -43.90
C ILE A 315 8.70 44.13 -44.50
N ALA A 316 9.18 44.04 -45.74
CA ALA A 316 9.69 45.19 -46.47
C ALA A 316 9.01 45.27 -47.82
N THR A 317 8.38 46.40 -48.11
CA THR A 317 7.75 46.62 -49.40
C THR A 317 8.62 47.57 -50.22
N VAL A 318 9.06 47.11 -51.39
CA VAL A 318 9.88 47.89 -52.31
C VAL A 318 9.01 48.30 -53.48
N LYS A 319 8.89 49.61 -53.69
CA LYS A 319 8.17 50.15 -54.84
C LYS A 319 9.15 50.28 -56.00
N TYR A 320 8.73 49.85 -57.18
CA TYR A 320 9.59 49.81 -58.35
C TYR A 320 8.81 50.24 -59.58
N SER A 321 9.57 50.59 -60.62
CA SER A 321 9.01 50.93 -61.94
C SER A 321 9.86 50.17 -62.96
N ALA A 322 9.37 49.02 -63.40
CA ALA A 322 10.17 48.07 -64.18
C ALA A 322 9.91 48.25 -65.67
N SER A 323 10.99 48.11 -66.45
CA SER A 323 10.85 48.15 -67.91
C SER A 323 10.09 46.94 -68.42
N LYS A 324 10.36 45.76 -67.86
CA LYS A 324 9.69 44.52 -68.24
C LYS A 324 9.13 43.83 -67.01
N SER A 325 8.17 42.95 -67.24
CA SER A 325 7.49 42.19 -66.18
C SER A 325 7.92 40.74 -66.29
N GLY A 326 8.73 40.29 -65.33
CA GLY A 326 9.20 38.92 -65.32
C GLY A 326 9.85 38.53 -64.00
N LYS A 327 9.65 37.28 -63.58
CA LYS A 327 10.23 36.80 -62.35
C LYS A 327 11.75 36.77 -62.45
N CYS A 328 12.41 37.08 -61.33
CA CYS A 328 13.87 37.14 -61.27
C CYS A 328 14.30 36.93 -59.83
N ALA A 329 15.60 36.69 -59.66
CA ALA A 329 16.14 36.35 -58.35
C ALA A 329 16.53 37.59 -57.57
N VAL A 330 16.14 37.64 -56.30
CA VAL A 330 16.42 38.74 -55.40
C VAL A 330 17.18 38.19 -54.20
N HIS A 331 18.21 38.92 -53.75
CA HIS A 331 19.10 38.38 -52.73
C HIS A 331 19.70 39.53 -51.95
N VAL A 332 20.32 39.20 -50.82
CA VAL A 332 21.14 40.12 -50.04
C VAL A 332 22.54 39.53 -49.97
N PRO A 333 23.58 40.21 -50.45
CA PRO A 333 24.93 39.62 -50.35
C PRO A 333 25.38 39.37 -48.93
N SER A 334 24.98 40.22 -47.99
CA SER A 334 25.43 40.09 -46.61
C SER A 334 24.55 39.08 -45.87
N GLY A 335 24.91 38.81 -44.61
CA GLY A 335 24.16 37.92 -43.75
C GLY A 335 23.29 38.62 -42.73
N THR A 336 23.07 39.93 -42.86
CA THR A 336 22.24 40.64 -41.89
C THR A 336 20.80 40.14 -41.90
N ALA A 337 20.28 39.82 -43.09
CA ALA A 337 18.90 39.38 -43.25
C ALA A 337 18.88 38.10 -44.07
N THR A 338 17.95 37.21 -43.72
CA THR A 338 17.68 35.98 -44.47
C THR A 338 16.33 36.16 -45.15
N LEU A 339 16.35 36.25 -46.48
CA LEU A 339 15.11 36.44 -47.23
C LEU A 339 14.31 35.16 -47.27
N LYS A 340 12.98 35.30 -47.11
CA LYS A 340 12.11 34.14 -47.15
C LYS A 340 12.06 33.52 -48.54
N GLU A 341 12.06 34.35 -49.58
CA GLU A 341 11.95 33.91 -50.97
C GLU A 341 13.13 34.41 -51.77
N ALA A 342 13.53 33.60 -52.76
CA ALA A 342 14.66 33.94 -53.62
C ALA A 342 14.24 34.71 -54.87
N ALA A 343 13.00 34.56 -55.32
CA ALA A 343 12.52 35.22 -56.53
C ALA A 343 11.07 35.64 -56.34
N VAL A 344 10.70 36.74 -57.01
CA VAL A 344 9.34 37.27 -56.96
C VAL A 344 8.97 37.78 -58.35
N GLU A 345 7.73 37.55 -58.75
CA GLU A 345 7.25 38.04 -60.04
C GLU A 345 7.29 39.57 -60.07
N LEU A 346 7.82 40.12 -61.15
CA LEU A 346 7.88 41.57 -61.35
C LEU A 346 6.80 42.01 -62.32
N THR A 347 6.11 43.08 -61.96
CA THR A 347 5.13 43.73 -62.83
C THR A 347 5.80 44.92 -63.52
N GLU A 348 5.01 45.65 -64.31
CA GLU A 348 5.56 46.79 -65.03
C GLU A 348 5.87 47.95 -64.08
N GLN A 349 4.93 48.28 -63.19
CA GLN A 349 5.09 49.40 -62.28
C GLN A 349 4.60 49.11 -60.86
N GLY A 350 4.43 47.84 -60.50
CA GLY A 350 3.90 47.50 -59.19
C GLY A 350 4.94 47.56 -58.09
N SER A 351 4.61 46.98 -56.94
CA SER A 351 5.50 46.94 -55.78
C SER A 351 5.53 45.52 -55.24
N ALA A 352 6.67 45.15 -54.64
CA ALA A 352 6.90 43.80 -54.16
C ALA A 352 7.13 43.82 -52.66
N THR A 353 6.35 43.02 -51.94
CA THR A 353 6.50 42.85 -50.50
C THR A 353 7.28 41.57 -50.21
N ILE A 354 8.32 41.69 -49.40
CA ILE A 354 9.24 40.59 -49.13
C ILE A 354 9.29 40.32 -47.63
N HIS A 355 9.29 39.03 -47.29
CA HIS A 355 9.44 38.52 -45.93
C HIS A 355 10.92 38.26 -45.68
N PHE A 356 11.37 38.52 -44.46
CA PHE A 356 12.77 38.27 -44.12
C PHE A 356 12.91 38.14 -42.60
N SER A 357 14.01 37.50 -42.20
CA SER A 357 14.38 37.35 -40.80
C SER A 357 15.64 38.19 -40.56
N THR A 358 15.60 39.05 -39.55
CA THR A 358 16.68 39.97 -39.25
C THR A 358 17.06 39.89 -37.79
N ALA A 359 18.24 40.42 -37.46
CA ALA A 359 18.76 40.40 -36.10
C ALA A 359 19.41 41.71 -35.68
N ASN A 360 19.31 42.76 -36.49
CA ASN A 360 19.92 44.06 -36.18
C ASN A 360 18.84 45.01 -35.69
N ILE A 361 19.13 45.72 -34.59
CA ILE A 361 18.20 46.71 -34.08
C ILE A 361 18.08 47.88 -35.05
N HIS A 362 19.18 48.25 -35.70
CA HIS A 362 19.20 49.27 -36.75
C HIS A 362 19.63 48.62 -38.06
N PRO A 363 18.76 47.80 -38.67
CA PRO A 363 19.18 47.08 -39.87
C PRO A 363 19.42 48.03 -41.05
N GLU A 364 20.55 47.84 -41.71
CA GLU A 364 20.94 48.69 -42.83
C GLU A 364 21.74 47.82 -43.80
N PHE A 365 21.34 47.81 -45.07
CA PHE A 365 22.07 47.02 -46.04
C PHE A 365 21.67 47.41 -47.46
N ARG A 366 22.33 46.78 -48.42
CA ARG A 366 22.02 46.89 -49.84
C ARG A 366 21.49 45.56 -50.33
N LEU A 367 20.26 45.55 -50.84
CA LEU A 367 19.63 44.37 -51.40
C LEU A 367 19.82 44.38 -52.91
N GLN A 368 20.30 43.26 -53.45
CA GLN A 368 20.47 43.11 -54.89
C GLN A 368 19.18 42.56 -55.50
N ILE A 369 18.68 43.27 -56.50
CA ILE A 369 17.46 42.89 -57.21
C ILE A 369 17.77 42.91 -58.71
N CYS A 370 18.22 41.76 -59.21
CA CYS A 370 18.07 41.30 -60.60
C CYS A 370 18.78 42.14 -61.66
N THR A 371 19.05 43.40 -61.37
CA THR A 371 20.00 44.20 -62.12
C THR A 371 20.87 45.02 -61.18
N SER A 372 20.27 45.53 -60.10
CA SER A 372 20.83 46.67 -59.38
C SER A 372 20.81 46.40 -57.89
N TYR A 373 21.15 47.43 -57.11
CA TYR A 373 21.18 47.38 -55.66
C TYR A 373 20.36 48.53 -55.11
N VAL A 374 19.65 48.29 -54.01
CA VAL A 374 18.84 49.30 -53.35
C VAL A 374 19.09 49.26 -51.85
N THR A 375 19.22 50.43 -51.24
CA THR A 375 19.48 50.53 -49.81
C THR A 375 18.19 50.36 -49.03
N CYS A 376 18.25 49.56 -47.97
CA CYS A 376 17.15 49.38 -47.04
C CYS A 376 17.63 49.66 -45.63
N LYS A 377 16.84 50.48 -44.91
CA LYS A 377 17.18 50.95 -43.57
C LYS A 377 15.91 51.05 -42.76
N GLY A 378 16.03 50.82 -41.45
CA GLY A 378 14.90 50.92 -40.55
C GLY A 378 15.27 50.69 -39.10
N ASP A 379 14.30 50.30 -38.28
CA ASP A 379 14.53 50.07 -36.85
C ASP A 379 13.61 48.96 -36.37
N CYS A 380 14.20 47.86 -35.89
CA CYS A 380 13.44 46.72 -35.41
C CYS A 380 13.20 46.82 -33.91
N HIS A 381 12.29 45.99 -33.41
CA HIS A 381 11.83 46.03 -32.04
C HIS A 381 11.83 44.62 -31.47
N PRO A 382 11.81 44.47 -30.15
CA PRO A 382 11.82 43.12 -29.56
C PRO A 382 10.56 42.36 -29.89
N PRO A 383 10.61 41.01 -29.99
CA PRO A 383 9.37 40.24 -30.06
C PRO A 383 8.73 40.06 -28.69
N LYS A 384 7.66 39.26 -28.61
CA LYS A 384 6.84 39.17 -27.40
C LYS A 384 6.99 37.87 -26.63
N ASP A 385 7.47 36.80 -27.25
CA ASP A 385 7.49 35.47 -26.65
C ASP A 385 8.88 35.12 -26.17
N HIS A 386 8.99 34.63 -24.93
CA HIS A 386 10.29 34.30 -24.37
C HIS A 386 10.91 33.09 -25.06
N ILE A 387 10.14 32.01 -25.23
CA ILE A 387 10.63 30.77 -25.81
C ILE A 387 9.75 30.42 -27.00
N VAL A 388 10.38 29.88 -28.05
CA VAL A 388 9.69 29.39 -29.25
C VAL A 388 10.02 27.92 -29.42
N THR A 389 9.43 27.32 -30.45
CA THR A 389 9.57 25.89 -30.73
C THR A 389 10.42 25.59 -31.97
N HIS A 390 11.08 26.59 -32.54
CA HIS A 390 11.88 26.41 -33.75
C HIS A 390 13.22 27.14 -33.62
N PRO A 391 14.25 26.69 -34.35
CA PRO A 391 15.58 27.27 -34.16
C PRO A 391 15.77 28.60 -34.88
N GLN A 392 16.98 29.16 -34.79
CA GLN A 392 17.28 30.41 -35.47
C GLN A 392 17.35 30.19 -36.98
N TYR A 393 16.94 31.22 -37.72
CA TYR A 393 16.97 31.23 -39.18
C TYR A 393 17.84 32.37 -39.69
N HIS A 394 18.93 32.64 -38.99
CA HIS A 394 19.87 33.68 -39.38
C HIS A 394 21.14 33.54 -38.54
N ALA A 395 22.20 34.19 -38.99
CA ALA A 395 23.45 34.26 -38.25
C ALA A 395 23.47 35.49 -37.36
N GLN A 396 24.20 35.38 -36.25
CA GLN A 396 24.31 36.45 -35.27
C GLN A 396 25.55 37.28 -35.57
N THR A 397 25.35 38.56 -35.84
CA THR A 397 26.46 39.47 -36.12
C THR A 397 27.06 39.97 -34.82
N PHE A 398 28.37 40.22 -34.84
CA PHE A 398 29.08 40.70 -33.67
C PHE A 398 28.55 42.07 -33.23
N TYR B 1 -28.44 59.96 37.55
CA TYR B 1 -27.06 60.47 37.80
C TYR B 1 -26.08 59.93 36.76
N GLU B 2 -25.30 60.83 36.17
CA GLU B 2 -24.43 60.50 35.05
C GLU B 2 -23.09 59.98 35.58
N HIS B 3 -22.66 58.83 35.06
CA HIS B 3 -21.35 58.27 35.36
C HIS B 3 -20.76 57.71 34.08
N ALA B 4 -19.61 58.24 33.67
CA ALA B 4 -18.91 57.79 32.47
C ALA B 4 -17.71 56.94 32.87
N THR B 5 -17.59 55.77 32.25
CA THR B 5 -16.51 54.84 32.55
C THR B 5 -16.10 54.12 31.27
N THR B 6 -15.18 53.17 31.40
CA THR B 6 -14.66 52.42 30.28
C THR B 6 -14.55 50.95 30.68
N MET B 7 -14.82 50.07 29.71
CA MET B 7 -14.83 48.62 29.93
C MET B 7 -13.89 47.98 28.94
N PRO B 8 -12.87 47.21 29.37
CA PRO B 8 -12.08 46.46 28.39
C PRO B 8 -12.94 45.42 27.69
N SER B 9 -12.63 45.18 26.42
CA SER B 9 -13.48 44.36 25.55
C SER B 9 -13.00 42.92 25.57
N GLN B 10 -13.62 42.11 26.44
CA GLN B 10 -13.42 40.67 26.41
C GLN B 10 -14.61 40.02 27.10
N ALA B 11 -15.01 38.86 26.58
CA ALA B 11 -16.11 38.11 27.19
C ALA B 11 -15.61 37.37 28.42
N GLY B 12 -16.54 37.07 29.33
CA GLY B 12 -16.24 36.27 30.50
C GLY B 12 -15.76 37.07 31.69
N ILE B 13 -14.67 37.82 31.52
CA ILE B 13 -14.07 38.57 32.62
C ILE B 13 -15.05 39.63 33.10
N SER B 14 -15.40 39.58 34.38
CA SER B 14 -16.33 40.53 34.95
C SER B 14 -15.63 41.84 35.31
N TYR B 15 -16.43 42.89 35.48
CA TYR B 15 -15.94 44.20 35.87
C TYR B 15 -16.84 44.75 36.97
N ASN B 16 -16.22 45.40 37.95
CA ASN B 16 -16.93 45.92 39.12
C ASN B 16 -16.47 47.34 39.39
N THR B 17 -17.40 48.15 39.89
CA THR B 17 -17.08 49.53 40.26
C THR B 17 -18.06 49.97 41.34
N ILE B 18 -17.66 51.01 42.08
CA ILE B 18 -18.47 51.58 43.15
C ILE B 18 -18.63 53.07 42.90
N VAL B 19 -19.86 53.55 42.95
CA VAL B 19 -20.15 54.98 42.91
C VAL B 19 -20.17 55.47 44.36
N ASN B 20 -19.25 56.36 44.69
CA ASN B 20 -19.07 56.88 46.05
C ASN B 20 -19.65 58.28 46.10
N ARG B 21 -20.94 58.37 46.43
CA ARG B 21 -21.59 59.67 46.58
C ARG B 21 -21.09 60.34 47.85
N ALA B 22 -21.00 61.68 47.80
CA ALA B 22 -20.40 62.43 48.91
C ALA B 22 -21.20 62.29 50.20
N GLY B 23 -22.52 62.11 50.11
CA GLY B 23 -23.37 62.07 51.29
C GLY B 23 -24.30 60.87 51.35
N TYR B 24 -24.25 60.00 50.36
CA TYR B 24 -25.08 58.79 50.32
C TYR B 24 -24.19 57.55 50.29
N ALA B 25 -24.82 56.41 50.53
CA ALA B 25 -24.08 55.15 50.63
C ALA B 25 -23.50 54.78 49.26
N PRO B 26 -22.44 53.96 49.24
CA PRO B 26 -21.88 53.52 47.95
C PRO B 26 -22.89 52.71 47.16
N LEU B 27 -22.87 52.88 45.84
CA LEU B 27 -23.73 52.14 44.92
C LEU B 27 -22.89 51.17 44.10
N PRO B 28 -23.11 49.86 44.17
CA PRO B 28 -22.27 48.95 43.38
C PRO B 28 -22.78 48.76 41.96
N ILE B 29 -21.85 48.44 41.07
CA ILE B 29 -22.17 48.01 39.71
C ILE B 29 -21.26 46.84 39.37
N SER B 30 -21.85 45.76 38.85
CA SER B 30 -21.08 44.60 38.40
C SER B 30 -21.64 44.12 37.07
N ILE B 31 -20.78 44.02 36.06
CA ILE B 31 -21.17 43.66 34.71
C ILE B 31 -20.31 42.50 34.24
N THR B 32 -20.95 41.46 33.71
CA THR B 32 -20.26 40.34 33.07
C THR B 32 -20.65 40.31 31.60
N PRO B 33 -19.74 40.56 30.66
CA PRO B 33 -20.07 40.41 29.24
C PRO B 33 -19.99 38.94 28.83
N THR B 34 -21.15 38.33 28.57
CA THR B 34 -21.19 36.91 28.26
C THR B 34 -20.76 36.61 26.83
N LYS B 35 -21.02 37.51 25.90
CA LYS B 35 -20.73 37.25 24.50
C LYS B 35 -20.74 38.56 23.73
N ILE B 36 -19.83 38.69 22.77
CA ILE B 36 -19.72 39.86 21.90
C ILE B 36 -19.70 39.38 20.46
N LYS B 37 -20.55 39.99 19.62
CA LYS B 37 -20.66 39.67 18.21
C LYS B 37 -20.02 40.77 17.38
N LEU B 38 -19.95 40.54 16.07
CA LEU B 38 -19.49 41.54 15.12
C LEU B 38 -20.11 41.21 13.78
N ILE B 39 -21.15 41.95 13.40
CA ILE B 39 -21.95 41.71 12.20
C ILE B 39 -21.69 42.86 11.23
N PRO B 40 -21.04 42.62 10.09
CA PRO B 40 -20.88 43.68 9.09
C PRO B 40 -21.99 43.68 8.06
N THR B 41 -22.18 44.83 7.42
CA THR B 41 -23.12 44.94 6.32
C THR B 41 -22.56 44.20 5.12
N VAL B 42 -23.37 43.30 4.56
CA VAL B 42 -22.93 42.32 3.58
C VAL B 42 -23.85 42.38 2.38
N ASN B 43 -23.26 42.26 1.17
CA ASN B 43 -24.05 42.22 -0.05
C ASN B 43 -23.46 41.20 -1.01
N LEU B 44 -24.34 40.37 -1.57
CA LEU B 44 -23.92 39.35 -2.53
C LEU B 44 -23.62 39.97 -3.89
N GLU B 45 -22.77 39.28 -4.66
CA GLU B 45 -22.48 39.64 -6.05
C GLU B 45 -22.86 38.54 -7.04
N TYR B 46 -22.46 37.30 -6.78
CA TYR B 46 -22.78 36.19 -7.67
C TYR B 46 -22.46 34.89 -6.94
N VAL B 47 -22.72 33.77 -7.62
CA VAL B 47 -22.45 32.44 -7.08
C VAL B 47 -21.47 31.74 -8.01
N THR B 48 -20.77 30.76 -7.47
CA THR B 48 -19.83 29.94 -8.23
C THR B 48 -19.91 28.50 -7.74
N CYS B 49 -19.64 27.58 -8.65
CA CYS B 49 -19.63 26.15 -8.35
C CYS B 49 -19.04 25.44 -9.56
N HIS B 50 -18.96 24.11 -9.48
CA HIS B 50 -18.56 23.33 -10.64
C HIS B 50 -19.60 23.49 -11.75
N TYR B 51 -19.13 23.60 -12.97
CA TYR B 51 -19.99 23.69 -14.14
C TYR B 51 -20.32 22.28 -14.62
N LYS B 52 -21.12 22.16 -15.68
CA LYS B 52 -21.29 20.88 -16.34
C LYS B 52 -21.58 21.13 -17.81
N THR B 53 -20.94 20.37 -18.68
CA THR B 53 -20.92 20.68 -20.10
C THR B 53 -22.23 20.21 -20.71
N GLY B 54 -23.00 21.15 -21.25
CA GLY B 54 -24.25 20.84 -21.89
C GLY B 54 -24.05 20.44 -23.34
N MET B 55 -24.55 19.26 -23.70
CA MET B 55 -24.33 18.65 -24.99
C MET B 55 -25.62 18.64 -25.81
N ASP B 56 -25.44 18.67 -27.13
CA ASP B 56 -26.52 18.53 -28.11
C ASP B 56 -26.16 17.40 -29.07
N SER B 57 -27.17 16.68 -29.54
CA SER B 57 -26.92 15.63 -30.52
C SER B 57 -26.37 16.27 -31.80
N PRO B 58 -25.42 15.62 -32.49
CA PRO B 58 -24.98 16.17 -33.78
C PRO B 58 -26.13 16.22 -34.77
N ALA B 59 -26.15 17.29 -35.58
CA ALA B 59 -27.13 17.44 -36.65
C ALA B 59 -26.46 17.02 -37.95
N ILE B 60 -26.89 15.89 -38.50
CA ILE B 60 -26.21 15.24 -39.62
C ILE B 60 -27.13 15.29 -40.84
N LYS B 61 -26.59 15.75 -41.97
CA LYS B 61 -27.26 15.71 -43.26
C LYS B 61 -26.36 15.02 -44.27
N CYS B 62 -26.89 14.01 -44.94
CA CYS B 62 -26.12 13.20 -45.86
C CYS B 62 -26.30 13.70 -47.29
N CYS B 63 -25.18 13.91 -47.99
CA CYS B 63 -25.18 14.55 -49.30
C CYS B 63 -25.94 15.87 -49.26
N GLY B 64 -25.59 16.69 -48.27
CA GLY B 64 -26.18 18.00 -48.14
C GLY B 64 -25.27 18.94 -47.37
N SER B 65 -25.86 20.03 -46.88
CA SER B 65 -25.13 21.03 -46.13
C SER B 65 -26.04 21.60 -45.05
N GLN B 66 -25.43 22.21 -44.03
CA GLN B 66 -26.13 22.73 -42.87
C GLN B 66 -25.64 24.14 -42.58
N GLU B 67 -26.26 24.76 -41.57
CA GLU B 67 -25.91 26.11 -41.15
C GLU B 67 -25.93 26.17 -39.63
N CYS B 68 -25.44 27.28 -39.09
CA CYS B 68 -25.32 27.48 -37.65
C CYS B 68 -26.48 28.33 -37.15
N THR B 69 -27.15 27.86 -36.10
CA THR B 69 -28.24 28.57 -35.47
C THR B 69 -27.85 28.95 -34.05
N PRO B 70 -27.44 30.20 -33.78
CA PRO B 70 -26.95 30.54 -32.43
C PRO B 70 -28.09 30.72 -31.45
N THR B 71 -28.15 29.83 -30.45
CA THR B 71 -29.12 29.94 -29.37
C THR B 71 -28.81 31.09 -28.42
N TYR B 72 -27.59 31.64 -28.46
CA TYR B 72 -27.10 32.68 -27.56
C TYR B 72 -26.96 32.19 -26.12
N ARG B 73 -26.95 30.88 -25.89
CA ARG B 73 -26.65 30.36 -24.57
C ARG B 73 -25.19 30.69 -24.22
N PRO B 74 -24.84 30.79 -22.93
CA PRO B 74 -23.50 31.23 -22.56
C PRO B 74 -22.42 30.32 -23.13
N ASP B 75 -21.39 30.94 -23.70
CA ASP B 75 -20.21 30.26 -24.22
C ASP B 75 -20.61 29.15 -25.20
N GLU B 76 -21.48 29.52 -26.15
CA GLU B 76 -21.97 28.58 -27.14
C GLU B 76 -20.90 28.31 -28.19
N GLN B 77 -20.70 27.03 -28.51
CA GLN B 77 -19.76 26.61 -29.54
C GLN B 77 -20.47 25.70 -30.53
N CYS B 78 -20.53 26.15 -31.78
CA CYS B 78 -21.15 25.38 -32.87
C CYS B 78 -20.15 25.32 -34.02
N LYS B 79 -19.88 24.12 -34.52
CA LYS B 79 -18.95 23.94 -35.62
C LYS B 79 -19.45 22.87 -36.57
N VAL B 80 -19.24 23.09 -37.87
CA VAL B 80 -19.75 22.22 -38.92
C VAL B 80 -18.56 21.59 -39.65
N PHE B 81 -18.63 20.27 -39.85
CA PHE B 81 -17.61 19.54 -40.57
C PHE B 81 -18.27 18.71 -41.67
N THR B 82 -17.73 18.80 -42.88
CA THR B 82 -18.26 18.09 -44.04
C THR B 82 -17.41 16.87 -44.37
N GLY B 83 -17.96 16.01 -45.22
CA GLY B 83 -17.25 14.84 -45.68
C GLY B 83 -16.96 13.81 -44.62
N VAL B 84 -17.95 13.50 -43.78
CA VAL B 84 -17.83 12.45 -42.77
C VAL B 84 -18.47 11.18 -43.31
N TYR B 85 -18.15 10.06 -42.66
CA TYR B 85 -18.69 8.75 -43.03
C TYR B 85 -19.13 8.02 -41.77
N PRO B 86 -20.18 8.53 -41.11
CA PRO B 86 -20.62 7.94 -39.84
C PRO B 86 -21.25 6.57 -40.02
N PHE B 87 -21.25 5.81 -38.93
CA PHE B 87 -21.82 4.47 -38.89
C PHE B 87 -22.83 4.37 -37.76
N MET B 88 -23.69 3.36 -37.86
CA MET B 88 -24.45 2.86 -36.73
C MET B 88 -24.35 1.33 -36.75
N TRP B 89 -25.06 0.68 -35.84
CA TRP B 89 -24.90 -0.76 -35.67
C TRP B 89 -25.32 -1.54 -36.90
N GLY B 90 -26.50 -1.24 -37.45
CA GLY B 90 -26.99 -1.95 -38.61
C GLY B 90 -26.43 -1.42 -39.91
N GLY B 91 -25.11 -1.47 -40.06
CA GLY B 91 -24.45 -0.93 -41.23
C GLY B 91 -24.26 0.58 -41.12
N ALA B 92 -23.75 1.16 -42.20
CA ALA B 92 -23.51 2.60 -42.24
C ALA B 92 -24.83 3.35 -42.11
N TYR B 93 -24.83 4.41 -41.29
CA TYR B 93 -26.04 5.20 -41.11
C TYR B 93 -26.55 5.75 -42.43
N CYS B 94 -25.64 6.13 -43.33
CA CYS B 94 -25.97 6.59 -44.66
C CYS B 94 -25.03 5.90 -45.65
N PHE B 95 -25.22 6.20 -46.94
CA PHE B 95 -24.50 5.53 -48.01
C PHE B 95 -23.70 6.47 -48.91
N CYS B 96 -23.77 7.78 -48.69
CA CYS B 96 -22.95 8.70 -49.48
C CYS B 96 -21.48 8.49 -49.16
N ASP B 97 -20.63 9.06 -50.01
CA ASP B 97 -19.18 9.04 -49.83
C ASP B 97 -18.62 10.41 -49.45
N THR B 98 -19.15 11.47 -50.06
CA THR B 98 -18.71 12.84 -49.81
C THR B 98 -19.92 13.73 -49.53
N GLU B 99 -19.64 14.98 -49.17
CA GLU B 99 -20.68 15.99 -48.95
C GLU B 99 -21.62 15.58 -47.82
N ASN B 100 -21.04 14.99 -46.77
CA ASN B 100 -21.78 14.58 -45.58
C ASN B 100 -21.46 15.59 -44.48
N THR B 101 -22.47 16.35 -44.07
CA THR B 101 -22.29 17.47 -43.15
C THR B 101 -22.76 17.06 -41.76
N GLN B 102 -21.99 17.45 -40.74
CA GLN B 102 -22.34 17.20 -39.36
C GLN B 102 -22.04 18.45 -38.55
N VAL B 103 -23.04 18.94 -37.82
CA VAL B 103 -22.92 20.11 -36.98
C VAL B 103 -22.88 19.65 -35.53
N SER B 104 -21.80 20.03 -34.84
CA SER B 104 -21.62 19.73 -33.42
C SER B 104 -21.84 21.00 -32.62
N LYS B 105 -22.70 20.91 -31.60
CA LYS B 105 -23.12 22.05 -30.80
C LYS B 105 -22.93 21.70 -29.32
N ALA B 106 -22.30 22.61 -28.57
CA ALA B 106 -22.02 22.36 -27.16
C ALA B 106 -21.99 23.70 -26.43
N TYR B 107 -22.19 23.63 -25.11
CA TYR B 107 -22.22 24.82 -24.26
C TYR B 107 -21.98 24.39 -22.83
N VAL B 108 -22.24 25.29 -21.88
CA VAL B 108 -22.04 25.05 -20.45
C VAL B 108 -23.32 25.41 -19.71
N MET B 109 -23.59 24.68 -18.62
CA MET B 109 -24.70 24.98 -17.74
C MET B 109 -24.30 24.66 -16.30
N LYS B 110 -24.76 25.49 -15.37
CA LYS B 110 -24.35 25.37 -13.99
C LYS B 110 -24.85 24.07 -13.37
N SER B 111 -24.13 23.61 -12.35
CA SER B 111 -24.40 22.30 -11.76
C SER B 111 -25.80 22.25 -11.17
N ASP B 112 -26.42 21.07 -11.26
CA ASP B 112 -27.72 20.87 -10.63
C ASP B 112 -27.63 20.99 -9.12
N ASP B 113 -26.50 20.58 -8.54
CA ASP B 113 -26.26 20.70 -7.10
C ASP B 113 -25.73 22.06 -6.70
N CYS B 114 -25.90 23.07 -7.55
CA CYS B 114 -25.49 24.43 -7.17
C CYS B 114 -26.23 24.91 -5.95
N LEU B 115 -27.52 24.58 -5.84
CA LEU B 115 -28.31 24.99 -4.69
C LEU B 115 -27.75 24.41 -3.40
N ALA B 116 -27.40 23.12 -3.42
CA ALA B 116 -26.87 22.46 -2.23
C ALA B 116 -25.39 22.71 -2.01
N ASP B 117 -24.67 23.22 -3.02
CA ASP B 117 -23.23 23.43 -2.89
C ASP B 117 -22.83 24.54 -3.87
N HIS B 118 -22.52 25.72 -3.33
CA HIS B 118 -22.04 26.82 -4.16
C HIS B 118 -21.35 27.83 -3.24
N ALA B 119 -20.12 28.20 -3.57
CA ALA B 119 -19.44 29.25 -2.83
C ALA B 119 -20.05 30.61 -3.19
N GLU B 120 -20.29 31.41 -2.17
CA GLU B 120 -21.02 32.67 -2.30
C GLU B 120 -20.06 33.85 -2.13
N ALA B 121 -20.03 34.73 -3.12
CA ALA B 121 -19.21 35.92 -3.07
C ALA B 121 -19.94 37.03 -2.33
N TYR B 122 -19.19 37.81 -1.56
CA TYR B 122 -19.77 38.88 -0.75
C TYR B 122 -18.83 40.06 -0.65
N LYS B 123 -19.43 41.25 -0.56
CA LYS B 123 -18.77 42.49 -0.19
C LYS B 123 -19.20 42.84 1.22
N ALA B 124 -18.23 43.09 2.10
CA ALA B 124 -18.47 43.36 3.52
C ALA B 124 -17.94 44.73 3.87
N HIS B 125 -18.69 45.46 4.70
CA HIS B 125 -18.32 46.84 5.01
C HIS B 125 -19.16 47.31 6.19
N THR B 126 -18.60 48.23 6.97
CA THR B 126 -19.24 48.80 8.16
C THR B 126 -19.53 47.72 9.20
N ALA B 127 -18.44 47.16 9.72
CA ALA B 127 -18.54 46.19 10.80
C ALA B 127 -19.17 46.82 12.03
N SER B 128 -20.13 46.11 12.63
CA SER B 128 -20.87 46.58 13.80
C SER B 128 -20.89 45.50 14.86
N VAL B 129 -20.82 45.94 16.12
CA VAL B 129 -20.64 45.06 17.28
C VAL B 129 -21.94 45.01 18.09
N GLN B 130 -22.21 43.82 18.65
CA GLN B 130 -23.39 43.53 19.45
C GLN B 130 -22.89 42.72 20.65
N ALA B 131 -23.60 42.77 21.78
CA ALA B 131 -23.10 42.03 22.94
C ALA B 131 -24.20 41.63 23.90
N PHE B 132 -24.12 40.40 24.40
CA PHE B 132 -24.96 39.92 25.49
C PHE B 132 -24.27 40.24 26.82
N LEU B 133 -24.97 40.94 27.71
CA LEU B 133 -24.39 41.38 28.97
C LEU B 133 -25.32 41.02 30.13
N ASN B 134 -24.69 40.72 31.28
CA ASN B 134 -25.41 40.53 32.54
C ASN B 134 -25.01 41.67 33.47
N ILE B 135 -25.98 42.50 33.82
CA ILE B 135 -25.77 43.70 34.61
C ILE B 135 -26.46 43.56 35.95
N THR B 136 -25.75 43.92 37.03
CA THR B 136 -26.28 43.93 38.37
C THR B 136 -26.01 45.28 39.00
N VAL B 137 -27.07 45.94 39.46
CA VAL B 137 -27.02 47.29 40.02
C VAL B 137 -27.66 47.20 41.40
N GLY B 138 -26.84 46.96 42.43
CA GLY B 138 -27.37 46.91 43.77
C GLY B 138 -28.42 45.83 43.95
N GLU B 139 -28.10 44.61 43.51
CA GLU B 139 -29.05 43.49 43.46
C GLU B 139 -30.21 43.82 42.52
N HIS B 140 -29.86 44.10 41.27
CA HIS B 140 -30.81 44.26 40.17
C HIS B 140 -30.20 43.56 38.96
N SER B 141 -30.44 42.24 38.86
CA SER B 141 -29.71 41.38 37.94
C SER B 141 -30.55 41.13 36.69
N ILE B 142 -30.02 41.51 35.53
CA ILE B 142 -30.70 41.30 34.25
C ILE B 142 -29.69 40.89 33.20
N VAL B 143 -30.09 39.95 32.33
CA VAL B 143 -29.31 39.52 31.18
C VAL B 143 -30.02 40.03 29.93
N THR B 144 -29.29 40.70 29.05
CA THR B 144 -29.91 41.33 27.89
C THR B 144 -28.93 41.47 26.74
N THR B 145 -29.48 41.46 25.53
CA THR B 145 -28.74 41.82 24.33
C THR B 145 -28.71 43.33 24.17
N VAL B 146 -27.52 43.87 23.90
CA VAL B 146 -27.30 45.32 23.89
C VAL B 146 -26.53 45.70 22.63
N TYR B 147 -26.98 46.79 22.00
CA TYR B 147 -26.22 47.43 20.94
C TYR B 147 -25.14 48.30 21.58
N VAL B 148 -23.92 48.21 21.04
CA VAL B 148 -22.80 48.99 21.56
C VAL B 148 -22.62 50.33 20.85
N ASN B 149 -23.51 50.67 19.92
CA ASN B 149 -23.43 51.99 19.30
C ASN B 149 -23.70 53.07 20.34
N GLY B 150 -23.19 54.27 20.06
CA GLY B 150 -23.22 55.37 21.01
C GLY B 150 -24.59 55.76 21.54
N GLU B 151 -25.65 55.29 20.89
CA GLU B 151 -27.02 55.53 21.34
C GLU B 151 -27.77 54.20 21.44
N THR B 152 -29.09 54.24 21.60
CA THR B 152 -29.90 53.07 21.94
C THR B 152 -29.51 52.52 23.30
N PRO B 153 -29.78 53.24 24.38
CA PRO B 153 -29.51 52.68 25.72
C PRO B 153 -30.51 51.58 26.06
N VAL B 154 -30.23 50.90 27.17
CA VAL B 154 -31.08 49.84 27.69
C VAL B 154 -31.63 50.30 29.04
N ASN B 155 -32.77 49.72 29.39
CA ASN B 155 -33.60 50.15 30.51
C ASN B 155 -33.61 49.13 31.63
N PHE B 156 -33.55 49.62 32.88
CA PHE B 156 -34.03 48.81 34.00
C PHE B 156 -34.24 49.69 35.22
N ASN B 157 -35.46 49.69 35.75
CA ASN B 157 -35.82 50.46 36.95
C ASN B 157 -35.54 51.96 36.74
N GLY B 158 -35.83 52.45 35.54
CA GLY B 158 -35.54 53.83 35.18
C GLY B 158 -34.09 54.12 34.92
N VAL B 159 -33.21 53.13 35.04
CA VAL B 159 -31.79 53.31 34.79
C VAL B 159 -31.55 53.15 33.29
N LYS B 160 -30.86 54.13 32.70
CA LYS B 160 -30.50 54.14 31.29
C LYS B 160 -29.02 53.81 31.16
N ILE B 161 -28.70 52.73 30.45
CA ILE B 161 -27.31 52.32 30.22
C ILE B 161 -27.01 52.51 28.74
N THR B 162 -26.11 53.44 28.43
CA THR B 162 -25.66 53.67 27.06
C THR B 162 -24.30 53.03 26.86
N ALA B 163 -24.18 52.17 25.86
CA ALA B 163 -22.92 51.51 25.53
C ALA B 163 -22.26 52.29 24.41
N GLY B 164 -21.15 52.97 24.73
CA GLY B 164 -20.48 53.82 23.79
C GLY B 164 -19.83 53.04 22.64
N PRO B 165 -19.50 53.73 21.56
CA PRO B 165 -18.93 53.04 20.40
C PRO B 165 -17.52 52.55 20.68
N LEU B 166 -17.13 51.52 19.94
CA LEU B 166 -15.83 50.88 20.14
C LEU B 166 -14.69 51.88 19.92
N SER B 167 -13.63 51.71 20.71
CA SER B 167 -12.43 52.53 20.58
C SER B 167 -11.60 52.17 19.35
N THR B 168 -11.91 51.06 18.67
CA THR B 168 -11.16 50.64 17.50
C THR B 168 -12.12 49.98 16.52
N ALA B 169 -12.00 50.36 15.25
CA ALA B 169 -12.82 49.80 14.18
C ALA B 169 -12.08 48.71 13.41
N TRP B 170 -11.22 47.96 14.09
CA TRP B 170 -10.49 46.88 13.43
C TRP B 170 -11.44 45.76 13.05
N THR B 171 -11.24 45.20 11.86
CA THR B 171 -12.11 44.16 11.30
C THR B 171 -11.24 43.06 10.70
N PRO B 172 -11.34 41.82 11.17
CA PRO B 172 -10.70 40.72 10.41
C PRO B 172 -11.21 40.59 9.00
N PHE B 173 -12.43 41.05 8.74
CA PHE B 173 -13.00 40.95 7.40
C PHE B 173 -12.29 41.91 6.45
N ASP B 174 -12.11 41.47 5.21
CA ASP B 174 -11.53 42.29 4.16
C ASP B 174 -12.64 42.82 3.26
N ARG B 175 -12.26 43.51 2.18
CA ARG B 175 -13.24 44.12 1.31
C ARG B 175 -14.09 43.06 0.60
N LYS B 176 -13.44 42.05 0.03
CA LYS B 176 -14.11 40.97 -0.68
C LYS B 176 -13.91 39.67 0.09
N ILE B 177 -14.99 38.92 0.30
CA ILE B 177 -14.94 37.65 1.00
C ILE B 177 -15.76 36.62 0.23
N VAL B 178 -15.49 35.35 0.53
CA VAL B 178 -16.19 34.24 -0.11
C VAL B 178 -16.53 33.20 0.96
N GLN B 179 -17.77 32.72 0.94
CA GLN B 179 -18.29 31.75 1.88
C GLN B 179 -18.38 30.38 1.20
N TYR B 180 -18.08 29.32 1.95
CA TYR B 180 -18.24 27.96 1.46
C TYR B 180 -18.35 27.02 2.64
N ALA B 181 -19.54 26.43 2.83
CA ALA B 181 -19.76 25.41 3.84
C ALA B 181 -19.37 25.90 5.24
N GLY B 182 -19.67 27.17 5.51
CA GLY B 182 -19.39 27.77 6.79
C GLY B 182 -17.99 28.31 6.96
N GLU B 183 -17.12 28.13 5.97
CA GLU B 183 -15.74 28.63 6.02
C GLU B 183 -15.64 29.86 5.12
N ILE B 184 -15.08 30.94 5.66
CA ILE B 184 -15.00 32.22 4.96
C ILE B 184 -13.54 32.52 4.65
N TYR B 185 -13.32 33.06 3.45
CA TYR B 185 -11.97 33.34 2.98
C TYR B 185 -11.92 34.74 2.39
N ASN B 186 -10.88 35.49 2.74
CA ASN B 186 -10.72 36.88 2.33
C ASN B 186 -10.00 37.00 0.98
N TYR B 187 -10.57 36.38 -0.05
CA TYR B 187 -9.98 36.35 -1.37
C TYR B 187 -10.68 37.34 -2.30
N ASP B 188 -9.88 38.00 -3.14
CA ASP B 188 -10.39 38.99 -4.09
C ASP B 188 -10.85 38.23 -5.33
N PHE B 189 -12.16 38.16 -5.53
CA PHE B 189 -12.72 37.49 -6.70
C PHE B 189 -12.83 38.48 -7.85
N PRO B 190 -12.53 38.08 -9.11
CA PRO B 190 -12.79 38.98 -10.24
C PRO B 190 -14.26 39.37 -10.32
N GLU B 191 -14.52 40.58 -10.83
CA GLU B 191 -15.86 41.14 -10.86
C GLU B 191 -16.78 40.33 -11.78
N TYR B 192 -18.07 40.60 -11.67
CA TYR B 192 -19.05 39.99 -12.56
C TYR B 192 -18.75 40.38 -13.99
N GLY B 193 -18.62 39.37 -14.86
CA GLY B 193 -18.22 39.61 -16.24
C GLY B 193 -16.74 39.81 -16.44
N ALA B 194 -15.91 39.53 -15.42
CA ALA B 194 -14.47 39.73 -15.50
C ALA B 194 -13.70 38.48 -15.09
N GLY B 195 -14.32 37.31 -15.14
CA GLY B 195 -13.65 36.08 -14.79
C GLY B 195 -12.77 35.56 -15.90
N GLN B 196 -12.03 34.50 -15.59
CA GLN B 196 -11.09 33.89 -16.51
C GLN B 196 -11.23 32.38 -16.47
N PRO B 197 -10.88 31.68 -17.54
CA PRO B 197 -10.97 30.21 -17.53
C PRO B 197 -9.85 29.58 -16.71
N GLY B 198 -10.13 28.38 -16.20
CA GLY B 198 -9.15 27.62 -15.47
C GLY B 198 -8.90 28.05 -14.04
N ALA B 199 -9.66 29.03 -13.54
CA ALA B 199 -9.46 29.54 -12.19
C ALA B 199 -10.79 30.10 -11.70
N PHE B 200 -10.74 30.83 -10.58
CA PHE B 200 -11.95 31.36 -9.97
C PHE B 200 -12.61 32.38 -10.89
N GLY B 201 -13.93 32.49 -10.77
CA GLY B 201 -14.71 33.39 -11.60
C GLY B 201 -15.12 32.83 -12.93
N ASP B 202 -14.86 31.54 -13.20
CA ASP B 202 -15.16 30.97 -14.50
C ASP B 202 -16.65 31.02 -14.80
N ILE B 203 -17.48 30.74 -13.81
CA ILE B 203 -18.95 30.77 -13.94
C ILE B 203 -19.46 31.81 -12.94
N GLN B 204 -20.34 32.71 -13.43
CA GLN B 204 -20.82 33.83 -12.62
C GLN B 204 -22.32 33.97 -12.79
N SER B 205 -23.10 33.48 -11.82
CA SER B 205 -24.54 33.64 -11.80
C SER B 205 -24.93 34.56 -10.65
N ARG B 206 -25.87 35.48 -10.92
CA ARG B 206 -26.17 36.54 -9.96
C ARG B 206 -26.61 35.98 -8.62
N THR B 207 -27.36 34.88 -8.63
CA THR B 207 -27.77 34.21 -7.41
C THR B 207 -28.01 32.74 -7.71
N VAL B 208 -28.57 32.03 -6.73
CA VAL B 208 -28.78 30.59 -6.87
C VAL B 208 -29.76 30.30 -7.99
N SER B 209 -30.83 31.08 -8.10
CA SER B 209 -31.90 30.87 -9.07
C SER B 209 -32.03 32.06 -10.02
N SER B 210 -30.91 32.68 -10.40
CA SER B 210 -30.96 33.80 -11.32
C SER B 210 -31.37 33.38 -12.73
N SER B 211 -31.18 32.11 -13.09
CA SER B 211 -31.50 31.57 -14.41
C SER B 211 -30.67 32.23 -15.51
N ASP B 212 -29.53 32.82 -15.17
CA ASP B 212 -28.61 33.38 -16.15
C ASP B 212 -27.20 33.31 -15.57
N LEU B 213 -26.21 33.33 -16.46
CA LEU B 213 -24.82 33.23 -16.03
C LEU B 213 -23.89 33.77 -17.10
N TYR B 214 -22.79 34.36 -16.66
CA TYR B 214 -21.67 34.70 -17.52
C TYR B 214 -20.64 33.59 -17.43
N ALA B 215 -20.25 33.05 -18.58
CA ALA B 215 -19.34 31.91 -18.67
C ALA B 215 -18.08 32.34 -19.41
N ASN B 216 -16.92 32.13 -18.77
CA ASN B 216 -15.62 32.31 -19.41
C ASN B 216 -14.81 31.06 -19.07
N THR B 217 -14.96 30.03 -19.91
CA THR B 217 -14.38 28.72 -19.66
C THR B 217 -13.61 28.15 -20.84
N ASN B 218 -13.57 28.86 -21.97
CA ASN B 218 -12.68 28.51 -23.09
C ASN B 218 -13.03 27.14 -23.68
N LEU B 219 -14.27 27.02 -24.15
CA LEU B 219 -14.69 25.82 -24.89
C LEU B 219 -14.13 25.89 -26.29
N VAL B 220 -13.28 24.93 -26.64
CA VAL B 220 -12.67 24.81 -27.95
C VAL B 220 -13.08 23.47 -28.55
N LEU B 221 -13.67 23.50 -29.73
CA LEU B 221 -14.17 22.29 -30.37
C LEU B 221 -13.12 21.71 -31.31
N GLN B 222 -12.81 20.43 -31.14
CA GLN B 222 -11.93 19.70 -32.02
C GLN B 222 -12.77 18.91 -33.03
N ARG B 223 -12.09 18.22 -33.96
CA ARG B 223 -12.82 17.45 -34.95
C ARG B 223 -13.16 16.06 -34.41
N PRO B 224 -14.32 15.48 -34.70
CA PRO B 224 -14.63 14.14 -34.19
C PRO B 224 -13.86 13.06 -34.94
N LYS B 225 -13.87 11.87 -34.35
CA LYS B 225 -13.30 10.68 -34.99
C LYS B 225 -14.11 10.31 -36.22
N ALA B 226 -13.41 9.83 -37.24
CA ALA B 226 -14.06 9.35 -38.46
C ALA B 226 -14.88 8.11 -38.14
N GLY B 227 -16.07 8.03 -38.72
CA GLY B 227 -16.93 6.87 -38.49
C GLY B 227 -17.37 6.72 -37.05
N ALA B 228 -17.60 7.84 -36.36
CA ALA B 228 -18.04 7.80 -34.97
C ALA B 228 -18.82 9.08 -34.69
N ILE B 229 -20.06 8.91 -34.21
CA ILE B 229 -20.93 10.04 -33.93
C ILE B 229 -20.76 10.43 -32.46
N HIS B 230 -20.20 11.62 -32.23
CA HIS B 230 -20.03 12.17 -30.89
C HIS B 230 -19.50 13.59 -31.04
N VAL B 231 -19.40 14.30 -29.93
CA VAL B 231 -19.00 15.71 -29.92
C VAL B 231 -17.82 15.90 -28.95
N PRO B 232 -16.58 15.67 -29.38
CA PRO B 232 -15.45 15.89 -28.47
C PRO B 232 -15.16 17.37 -28.29
N TYR B 233 -14.28 17.66 -27.34
CA TYR B 233 -14.09 19.03 -26.88
C TYR B 233 -12.78 19.14 -26.12
N THR B 234 -12.28 20.37 -26.00
CA THR B 234 -11.17 20.69 -25.13
C THR B 234 -11.42 22.06 -24.53
N GLN B 235 -11.13 22.19 -23.24
CA GLN B 235 -11.33 23.45 -22.52
C GLN B 235 -10.45 23.45 -21.28
N ALA B 236 -10.52 24.54 -20.52
CA ALA B 236 -9.77 24.65 -19.29
C ALA B 236 -10.43 23.82 -18.18
N PRO B 237 -9.67 23.39 -17.18
CA PRO B 237 -10.28 22.68 -16.05
C PRO B 237 -11.21 23.58 -15.27
N SER B 238 -12.10 22.94 -14.50
CA SER B 238 -13.00 23.66 -13.61
C SER B 238 -12.17 24.37 -12.55
N GLY B 239 -12.16 25.70 -12.60
CA GLY B 239 -11.29 26.47 -11.71
C GLY B 239 -11.59 26.26 -10.24
N PHE B 240 -12.86 25.97 -9.92
CA PHE B 240 -13.23 25.72 -8.54
C PHE B 240 -12.47 24.52 -8.01
N GLU B 241 -12.25 23.52 -8.86
CA GLU B 241 -11.50 22.33 -8.42
C GLU B 241 -10.10 22.72 -7.96
N GLN B 242 -9.37 23.46 -8.79
CA GLN B 242 -8.01 23.86 -8.41
C GLN B 242 -8.02 24.80 -7.21
N TRP B 243 -8.99 25.71 -7.12
CA TRP B 243 -9.00 26.61 -5.98
C TRP B 243 -9.27 25.87 -4.67
N LYS B 244 -10.23 24.94 -4.67
CA LYS B 244 -10.50 24.19 -3.44
C LYS B 244 -9.37 23.21 -3.16
N LYS B 245 -8.58 22.84 -4.18
CA LYS B 245 -7.31 22.19 -3.89
C LYS B 245 -6.37 23.14 -3.15
N ASP B 246 -6.36 24.42 -3.54
CA ASP B 246 -5.52 25.39 -2.85
C ASP B 246 -6.09 25.70 -1.47
N LYS B 247 -7.26 26.34 -1.44
CA LYS B 247 -8.07 26.53 -0.24
C LYS B 247 -7.28 26.88 1.01
N ALA B 248 -6.64 28.05 1.04
CA ALA B 248 -5.95 28.55 2.22
C ALA B 248 -6.84 28.41 3.45
N PRO B 249 -6.27 28.23 4.65
CA PRO B 249 -7.11 27.87 5.80
C PRO B 249 -8.10 28.96 6.16
N SER B 250 -9.17 28.54 6.84
CA SER B 250 -10.29 29.42 7.15
C SER B 250 -9.84 30.56 8.07
N LEU B 251 -10.58 31.68 7.98
CA LEU B 251 -10.32 32.79 8.91
C LEU B 251 -10.57 32.37 10.35
N LYS B 252 -11.42 31.35 10.56
CA LYS B 252 -11.54 30.76 11.88
C LYS B 252 -10.21 30.20 12.37
N PHE B 253 -9.32 29.83 11.45
CA PHE B 253 -8.00 29.31 11.77
C PHE B 253 -6.88 30.29 11.43
N THR B 254 -7.20 31.53 11.03
CA THR B 254 -6.18 32.55 10.80
C THR B 254 -6.54 33.92 11.35
N ALA B 255 -7.72 34.11 11.93
CA ALA B 255 -8.09 35.41 12.47
C ALA B 255 -7.26 35.70 13.71
N PRO B 256 -6.54 36.82 13.78
CA PRO B 256 -5.72 37.09 14.97
C PRO B 256 -6.57 37.63 16.11
N PHE B 257 -5.90 37.90 17.24
CA PHE B 257 -6.54 38.35 18.48
C PHE B 257 -7.51 37.31 19.02
N GLY B 258 -7.42 36.06 18.59
CA GLY B 258 -8.16 34.97 19.18
C GLY B 258 -9.66 35.13 19.24
N CYS B 259 -10.34 35.08 18.09
CA CYS B 259 -11.78 35.25 18.06
C CYS B 259 -12.37 34.53 16.85
N GLU B 260 -13.62 34.09 17.01
CA GLU B 260 -14.17 33.00 16.20
C GLU B 260 -15.28 33.52 15.30
N ILE B 261 -15.31 33.01 14.07
CA ILE B 261 -16.26 33.44 13.05
C ILE B 261 -17.32 32.36 12.88
N TYR B 262 -18.57 32.73 13.10
CA TYR B 262 -19.72 31.87 12.85
C TYR B 262 -20.62 32.56 11.84
N THR B 263 -21.47 31.78 11.16
CA THR B 263 -22.36 32.38 10.17
C THR B 263 -23.66 31.57 10.09
N ASN B 264 -24.65 31.98 10.90
CA ASN B 264 -26.03 31.91 10.43
C ASN B 264 -26.23 33.21 9.65
N PRO B 265 -26.04 34.40 10.27
CA PRO B 265 -25.54 35.55 9.50
C PRO B 265 -24.03 35.69 9.68
N ILE B 266 -23.31 36.07 8.63
CA ILE B 266 -21.85 36.15 8.69
C ILE B 266 -21.43 37.10 9.81
N ARG B 267 -20.73 36.57 10.82
CA ARG B 267 -20.33 37.38 11.96
C ARG B 267 -19.08 36.81 12.60
N ALA B 268 -18.27 37.71 13.15
CA ALA B 268 -17.18 37.35 14.05
C ALA B 268 -17.68 37.45 15.49
N GLU B 269 -16.89 36.93 16.43
CA GLU B 269 -17.35 36.82 17.81
C GLU B 269 -16.17 36.84 18.77
N ASN B 270 -16.25 37.75 19.75
CA ASN B 270 -15.39 37.82 20.94
C ASN B 270 -13.92 38.04 20.58
N CYS B 271 -13.66 39.22 20.01
CA CYS B 271 -12.31 39.66 19.72
C CYS B 271 -11.80 40.58 20.83
N ALA B 272 -10.69 40.19 21.44
CA ALA B 272 -10.11 40.92 22.57
C ALA B 272 -9.23 42.04 22.04
N VAL B 273 -9.87 43.18 21.79
CA VAL B 273 -9.19 44.35 21.25
C VAL B 273 -10.10 45.55 21.44
N GLY B 274 -9.49 46.70 21.73
CA GLY B 274 -10.26 47.90 21.96
C GLY B 274 -10.95 47.91 23.31
N SER B 275 -11.90 48.83 23.45
CA SER B 275 -12.65 48.96 24.69
C SER B 275 -13.94 49.73 24.40
N ILE B 276 -14.87 49.64 25.34
CA ILE B 276 -16.20 50.21 25.21
C ILE B 276 -16.37 51.30 26.26
N PRO B 277 -16.50 52.58 25.89
CA PRO B 277 -16.99 53.55 26.87
C PRO B 277 -18.44 53.28 27.23
N LEU B 278 -18.78 53.58 28.48
CA LEU B 278 -20.10 53.31 29.03
C LEU B 278 -20.59 54.56 29.75
N ALA B 279 -21.89 54.84 29.61
CA ALA B 279 -22.54 55.93 30.32
C ALA B 279 -23.71 55.37 31.11
N PHE B 280 -23.73 55.66 32.40
CA PHE B 280 -24.73 55.14 33.33
C PHE B 280 -25.57 56.31 33.80
N ASP B 281 -26.89 56.19 33.69
CA ASP B 281 -27.83 57.21 34.19
C ASP B 281 -28.71 56.50 35.21
N ILE B 282 -28.38 56.69 36.48
CA ILE B 282 -29.12 56.11 37.60
C ILE B 282 -29.94 57.23 38.25
N PRO B 283 -31.26 57.13 38.28
CA PRO B 283 -32.03 58.19 38.95
C PRO B 283 -31.72 58.24 40.45
N ASP B 284 -31.85 59.45 41.01
CA ASP B 284 -31.39 59.69 42.37
C ASP B 284 -32.13 58.85 43.41
N ALA B 285 -33.31 58.34 43.08
CA ALA B 285 -34.10 57.59 44.04
C ALA B 285 -33.42 56.32 44.53
N LEU B 286 -32.49 55.77 43.75
CA LEU B 286 -31.82 54.52 44.12
C LEU B 286 -30.70 54.71 45.13
N PHE B 287 -30.26 55.94 45.38
CA PHE B 287 -29.14 56.19 46.28
C PHE B 287 -29.63 56.21 47.72
N THR B 288 -29.03 55.34 48.55
CA THR B 288 -29.44 55.15 49.93
C THR B 288 -28.54 55.97 50.86
N ARG B 289 -29.13 56.42 51.97
CA ARG B 289 -28.38 57.23 52.93
C ARG B 289 -27.38 56.37 53.69
N VAL B 290 -26.38 57.03 54.27
CA VAL B 290 -25.31 56.33 54.97
C VAL B 290 -25.74 55.91 56.37
N SER B 291 -26.85 56.45 56.88
CA SER B 291 -27.28 56.10 58.23
C SER B 291 -27.70 54.64 58.33
N GLU B 292 -28.29 54.09 57.27
CA GLU B 292 -28.87 52.75 57.32
C GLU B 292 -27.95 51.67 56.79
N THR B 293 -26.70 52.01 56.41
CA THR B 293 -25.72 51.02 55.95
C THR B 293 -24.66 50.78 57.02
N PRO B 294 -24.03 49.61 57.08
CA PRO B 294 -23.04 49.36 58.14
C PRO B 294 -21.88 50.34 58.09
N THR B 295 -21.38 50.68 59.27
CA THR B 295 -20.21 51.54 59.45
C THR B 295 -19.21 50.82 60.33
N LEU B 296 -17.96 50.76 59.90
CA LEU B 296 -16.91 50.01 60.60
C LEU B 296 -15.96 50.95 61.30
N SER B 297 -15.29 50.41 62.32
CA SER B 297 -14.29 51.14 63.07
C SER B 297 -13.22 50.16 63.55
N ALA B 298 -12.01 50.67 63.73
CA ALA B 298 -10.88 49.90 64.25
C ALA B 298 -10.65 48.63 63.43
N ALA B 299 -10.51 48.82 62.12
CA ALA B 299 -10.29 47.74 61.17
C ALA B 299 -8.87 47.82 60.62
N GLU B 300 -8.25 46.65 60.44
CA GLU B 300 -6.86 46.58 60.01
C GLU B 300 -6.66 45.45 59.01
N CYS B 301 -5.86 45.73 57.99
CA CYS B 301 -5.36 44.70 57.07
C CYS B 301 -4.37 43.77 57.74
N THR B 302 -4.48 42.48 57.40
CA THR B 302 -3.37 41.53 57.54
C THR B 302 -3.44 40.60 56.34
N LEU B 303 -2.33 40.49 55.62
CA LEU B 303 -2.23 39.56 54.50
C LEU B 303 -2.00 38.14 55.00
N ASN B 304 -2.73 37.21 54.42
CA ASN B 304 -2.60 35.79 54.76
C ASN B 304 -1.68 35.08 53.76
N GLU B 305 -2.02 35.13 52.47
CA GLU B 305 -1.19 34.54 51.43
C GLU B 305 -1.24 35.43 50.19
N CYS B 306 -0.15 35.42 49.42
CA CYS B 306 -0.02 36.32 48.28
C CYS B 306 0.83 35.60 47.23
N VAL B 307 0.26 35.43 46.04
CA VAL B 307 0.97 34.88 44.88
C VAL B 307 0.52 35.66 43.66
N TYR B 308 1.47 36.22 42.92
CA TYR B 308 1.11 37.05 41.76
C TYR B 308 0.81 36.17 40.55
N SER B 309 -0.16 35.27 40.68
CA SER B 309 -0.54 34.36 39.63
C SER B 309 -1.56 35.01 38.70
N SER B 310 -1.82 34.33 37.57
CA SER B 310 -2.78 34.85 36.61
C SER B 310 -4.17 34.93 37.20
N ASP B 311 -4.56 33.91 37.98
CA ASP B 311 -5.89 33.87 38.59
C ASP B 311 -5.85 34.53 39.96
N PHE B 312 -6.95 34.44 40.70
CA PHE B 312 -7.04 34.99 42.05
C PHE B 312 -6.22 34.11 42.99
N GLY B 313 -4.96 34.49 43.22
CA GLY B 313 -4.06 33.73 44.04
C GLY B 313 -3.66 34.41 45.34
N GLY B 314 -4.32 35.51 45.68
CA GLY B 314 -4.05 36.22 46.92
C GLY B 314 -5.26 36.19 47.83
N ILE B 315 -5.02 35.97 49.11
CA ILE B 315 -6.08 35.91 50.12
C ILE B 315 -5.62 36.71 51.33
N ALA B 316 -6.53 37.55 51.84
CA ALA B 316 -6.22 38.47 52.93
C ALA B 316 -7.36 38.45 53.96
N THR B 317 -7.03 38.85 55.18
CA THR B 317 -7.95 38.89 56.30
C THR B 317 -8.03 40.31 56.85
N VAL B 318 -9.22 40.74 57.23
CA VAL B 318 -9.45 42.06 57.80
C VAL B 318 -10.39 41.91 59.00
N LYS B 319 -9.88 42.21 60.18
CA LYS B 319 -10.73 42.33 61.36
C LYS B 319 -11.38 43.72 61.37
N TYR B 320 -12.53 43.81 62.02
CA TYR B 320 -13.31 45.04 62.04
C TYR B 320 -14.17 45.11 63.28
N SER B 321 -14.73 46.29 63.52
CA SER B 321 -15.74 46.50 64.57
C SER B 321 -16.86 47.32 63.94
N ALA B 322 -17.99 46.68 63.70
CA ALA B 322 -19.08 47.28 62.94
C ALA B 322 -20.12 47.91 63.85
N SER B 323 -20.67 49.03 63.39
CA SER B 323 -21.82 49.62 64.09
C SER B 323 -23.04 48.70 64.00
N LYS B 324 -23.23 48.07 62.83
CA LYS B 324 -24.32 47.12 62.64
C LYS B 324 -23.88 46.09 61.61
N SER B 325 -24.61 44.99 61.56
CA SER B 325 -24.34 43.89 60.63
C SER B 325 -25.18 44.07 59.38
N GLY B 326 -24.54 44.04 58.23
CA GLY B 326 -25.25 44.19 56.97
C GLY B 326 -24.29 44.08 55.81
N LYS B 327 -24.88 44.00 54.61
CA LYS B 327 -24.10 43.88 53.39
C LYS B 327 -23.72 45.25 52.83
N CYS B 328 -22.53 45.31 52.24
CA CYS B 328 -22.11 46.47 51.47
C CYS B 328 -21.23 45.95 50.33
N ALA B 329 -20.48 46.85 49.70
CA ALA B 329 -19.63 46.51 48.57
C ALA B 329 -18.16 46.72 48.92
N VAL B 330 -17.29 46.17 48.07
CA VAL B 330 -15.84 46.25 48.25
C VAL B 330 -15.18 46.42 46.89
N HIS B 331 -14.03 47.07 46.88
CA HIS B 331 -13.36 47.43 45.63
C HIS B 331 -12.00 48.02 45.96
N VAL B 332 -11.06 47.85 45.04
CA VAL B 332 -9.74 48.46 45.14
C VAL B 332 -9.74 49.71 44.23
N PRO B 333 -9.68 50.92 44.78
CA PRO B 333 -9.57 52.10 43.90
C PRO B 333 -8.39 52.06 42.96
N SER B 334 -7.27 51.47 43.37
CA SER B 334 -6.13 51.29 42.50
C SER B 334 -6.25 49.97 41.74
N GLY B 335 -5.56 49.88 40.61
CA GLY B 335 -5.56 48.70 39.78
C GLY B 335 -4.52 47.66 40.16
N THR B 336 -3.80 47.87 41.26
CA THR B 336 -2.77 46.91 41.66
C THR B 336 -3.38 45.55 41.98
N ALA B 337 -4.51 45.53 42.68
CA ALA B 337 -5.20 44.30 43.05
C ALA B 337 -6.64 44.34 42.55
N THR B 338 -7.02 43.32 41.78
CA THR B 338 -8.38 43.15 41.31
C THR B 338 -9.06 42.13 42.22
N LEU B 339 -10.19 42.54 42.81
CA LEU B 339 -10.83 41.72 43.84
C LEU B 339 -11.79 40.71 43.21
N LYS B 340 -11.79 39.50 43.76
CA LYS B 340 -12.60 38.43 43.19
C LYS B 340 -14.09 38.70 43.39
N GLU B 341 -14.48 39.17 44.57
CA GLU B 341 -15.88 39.33 44.94
C GLU B 341 -16.14 40.77 45.34
N ALA B 342 -17.21 41.36 44.82
CA ALA B 342 -17.60 42.72 45.13
C ALA B 342 -18.65 42.82 46.22
N ALA B 343 -19.22 41.70 46.67
CA ALA B 343 -20.26 41.67 47.69
C ALA B 343 -19.72 41.03 48.95
N VAL B 344 -19.93 41.69 50.10
CA VAL B 344 -19.44 41.22 51.39
C VAL B 344 -20.60 41.28 52.38
N GLU B 345 -20.83 40.19 53.10
CA GLU B 345 -21.74 40.18 54.23
C GLU B 345 -20.94 40.33 55.52
N LEU B 346 -21.35 41.27 56.37
CA LEU B 346 -20.57 41.68 57.53
C LEU B 346 -21.35 41.43 58.80
N THR B 347 -20.66 40.90 59.81
CA THR B 347 -21.20 40.72 61.15
C THR B 347 -20.86 41.95 61.99
N GLU B 348 -21.04 41.86 63.31
CA GLU B 348 -20.76 43.00 64.17
C GLU B 348 -19.26 43.13 64.47
N GLN B 349 -18.60 42.02 64.82
CA GLN B 349 -17.21 42.07 65.24
C GLN B 349 -16.37 40.94 64.64
N GLY B 350 -16.77 40.37 63.51
CA GLY B 350 -16.05 39.27 62.93
C GLY B 350 -14.84 39.73 62.13
N SER B 351 -14.30 38.78 61.37
CA SER B 351 -13.16 39.04 60.49
C SER B 351 -13.49 38.52 59.11
N ALA B 352 -13.36 39.37 58.10
CA ALA B 352 -13.69 39.02 56.73
C ALA B 352 -12.46 38.55 55.98
N THR B 353 -12.64 37.56 55.11
CA THR B 353 -11.58 37.01 54.28
C THR B 353 -11.90 37.30 52.82
N ILE B 354 -10.96 37.93 52.12
CA ILE B 354 -11.16 38.41 50.76
C ILE B 354 -10.09 37.82 49.85
N HIS B 355 -10.49 37.55 48.60
CA HIS B 355 -9.64 36.91 47.61
C HIS B 355 -9.50 37.82 46.38
N PHE B 356 -8.28 37.90 45.86
CA PHE B 356 -7.96 38.88 44.82
C PHE B 356 -6.77 38.37 44.01
N SER B 357 -6.44 39.11 42.95
CA SER B 357 -5.28 38.85 42.11
C SER B 357 -4.49 40.14 41.95
N THR B 358 -3.17 40.07 42.09
CA THR B 358 -2.30 41.22 41.94
C THR B 358 -1.05 40.84 41.16
N ALA B 359 -0.49 41.83 40.46
CA ALA B 359 0.75 41.67 39.71
C ALA B 359 1.97 42.19 40.47
N ASN B 360 1.80 42.62 41.71
CA ASN B 360 2.88 43.23 42.47
C ASN B 360 3.54 42.20 43.37
N ILE B 361 4.87 42.13 43.31
CA ILE B 361 5.61 41.29 44.24
C ILE B 361 5.51 41.84 45.66
N HIS B 362 5.33 43.16 45.80
CA HIS B 362 5.21 43.82 47.10
C HIS B 362 3.97 44.71 47.09
N PRO B 363 2.78 44.11 47.16
CA PRO B 363 1.55 44.92 47.13
C PRO B 363 1.46 45.85 48.34
N GLU B 364 1.08 47.10 48.06
CA GLU B 364 0.86 48.10 49.10
C GLU B 364 -0.24 49.02 48.57
N PHE B 365 -1.47 48.75 48.96
CA PHE B 365 -2.63 49.38 48.33
C PHE B 365 -3.58 49.92 49.39
N ARG B 366 -4.58 50.66 48.91
CA ARG B 366 -5.68 51.15 49.72
C ARG B 366 -6.95 50.46 49.26
N LEU B 367 -7.70 49.91 50.21
CA LEU B 367 -8.95 49.22 49.94
C LEU B 367 -10.10 49.98 50.57
N GLN B 368 -11.18 50.17 49.81
CA GLN B 368 -12.37 50.86 50.29
C GLN B 368 -13.34 49.84 50.84
N ILE B 369 -13.95 50.18 51.97
CA ILE B 369 -14.93 49.33 52.64
C ILE B 369 -16.22 50.14 52.58
N CYS B 370 -17.31 49.63 53.16
CA CYS B 370 -18.64 50.26 53.14
C CYS B 370 -18.58 51.78 53.26
N THR B 371 -17.75 52.30 54.16
CA THR B 371 -17.68 53.73 54.42
C THR B 371 -16.28 54.33 54.41
N SER B 372 -15.22 53.54 54.61
CA SER B 372 -13.88 54.06 54.87
C SER B 372 -12.87 53.44 53.92
N TYR B 373 -11.59 53.77 54.17
CA TYR B 373 -10.46 53.27 53.41
C TYR B 373 -9.41 52.74 54.38
N VAL B 374 -8.70 51.69 53.98
CA VAL B 374 -7.69 51.06 54.82
C VAL B 374 -6.48 50.70 53.98
N THR B 375 -5.29 50.97 54.52
CA THR B 375 -4.03 50.59 53.90
C THR B 375 -3.75 49.12 54.17
N CYS B 376 -3.16 48.44 53.18
CA CYS B 376 -3.00 47.00 53.20
C CYS B 376 -1.69 46.64 52.50
N LYS B 377 -0.82 45.93 53.22
CA LYS B 377 0.56 45.71 52.81
C LYS B 377 0.88 44.22 52.86
N GLY B 378 1.79 43.79 51.98
CA GLY B 378 2.22 42.40 51.98
C GLY B 378 3.20 42.13 50.85
N ASP B 379 3.56 40.86 50.71
CA ASP B 379 4.52 40.41 49.71
C ASP B 379 4.03 39.12 49.07
N CYS B 380 3.96 39.10 47.73
CA CYS B 380 3.63 37.89 46.99
C CYS B 380 4.90 37.06 46.72
N HIS B 381 4.70 35.87 46.16
CA HIS B 381 5.75 34.93 45.86
C HIS B 381 5.47 34.32 44.50
N PRO B 382 6.47 33.74 43.83
CA PRO B 382 6.22 33.20 42.49
C PRO B 382 5.31 31.99 42.55
N PRO B 383 4.60 31.68 41.45
CA PRO B 383 3.81 30.44 41.41
C PRO B 383 4.66 29.24 41.03
N LYS B 384 4.02 28.07 40.87
CA LYS B 384 4.70 26.83 40.50
C LYS B 384 4.31 26.31 39.13
N ASP B 385 3.04 26.43 38.75
CA ASP B 385 2.58 25.88 37.49
C ASP B 385 2.96 26.80 36.33
N HIS B 386 3.37 26.20 35.21
CA HIS B 386 3.99 26.94 34.12
C HIS B 386 2.97 27.52 33.14
N ILE B 387 1.92 26.78 32.79
CA ILE B 387 0.95 27.19 31.79
C ILE B 387 -0.46 27.04 32.35
N VAL B 388 -1.33 27.98 32.01
CA VAL B 388 -2.73 27.97 32.39
C VAL B 388 -3.58 27.89 31.13
N THR B 389 -4.91 27.87 31.30
CA THR B 389 -5.85 27.84 30.18
C THR B 389 -6.94 28.90 30.32
N HIS B 390 -6.71 29.92 31.16
CA HIS B 390 -7.69 30.97 31.42
C HIS B 390 -6.99 32.33 31.44
N PRO B 391 -7.70 33.42 31.17
CA PRO B 391 -7.03 34.71 30.95
C PRO B 391 -6.49 35.32 32.24
N GLN B 392 -5.77 36.42 32.07
CA GLN B 392 -5.23 37.17 33.19
C GLN B 392 -6.34 37.99 33.85
N TYR B 393 -6.43 37.90 35.18
CA TYR B 393 -7.52 38.50 35.94
C TYR B 393 -7.15 39.83 36.56
N HIS B 394 -6.00 40.40 36.23
CA HIS B 394 -5.59 41.70 36.74
C HIS B 394 -4.85 42.45 35.62
N ALA B 395 -4.25 43.58 35.98
CA ALA B 395 -3.46 44.39 35.07
C ALA B 395 -1.98 44.26 35.41
N GLN B 396 -1.14 44.44 34.38
CA GLN B 396 0.30 44.35 34.51
C GLN B 396 0.85 45.76 34.75
N THR B 397 1.12 46.07 36.01
CA THR B 397 1.64 47.38 36.36
C THR B 397 3.13 47.47 36.03
N PHE B 398 3.54 48.61 35.49
CA PHE B 398 4.94 48.83 35.14
C PHE B 398 5.82 48.83 36.38
N SER C 1 -46.84 7.33 -3.16
CA SER C 1 -46.82 6.53 -4.42
C SER C 1 -45.72 7.02 -5.36
N THR C 2 -45.09 6.07 -6.05
CA THR C 2 -44.03 6.37 -7.01
C THR C 2 -44.50 6.40 -8.45
N GLU C 3 -45.76 6.03 -8.71
CA GLU C 3 -46.23 6.01 -10.10
C GLU C 3 -46.22 7.41 -10.71
N GLU C 4 -46.66 8.42 -9.96
CA GLU C 4 -46.56 9.79 -10.44
C GLU C 4 -45.12 10.27 -10.46
N LEU C 5 -44.27 9.71 -9.59
CA LEU C 5 -42.83 9.94 -9.65
C LEU C 5 -42.13 8.94 -10.57
N PHE C 6 -42.90 8.12 -11.31
CA PHE C 6 -42.35 7.20 -12.29
C PHE C 6 -43.13 7.19 -13.61
N ASN C 7 -44.30 7.82 -13.67
CA ASN C 7 -45.07 7.85 -14.92
C ASN C 7 -44.27 8.52 -16.04
N GLU C 8 -43.39 9.45 -15.69
CA GLU C 8 -42.59 10.15 -16.69
C GLU C 8 -41.81 9.20 -17.58
N TYR C 9 -41.33 8.09 -17.02
CA TYR C 9 -40.53 7.13 -17.78
C TYR C 9 -41.38 6.12 -18.53
N LYS C 10 -42.70 6.19 -18.41
CA LYS C 10 -43.57 5.49 -19.35
C LYS C 10 -43.54 6.11 -20.74
N LEU C 11 -42.95 7.30 -20.88
CA LEU C 11 -42.97 8.05 -22.12
C LEU C 11 -41.68 7.94 -22.93
N THR C 12 -40.68 7.19 -22.45
CA THR C 12 -39.39 7.04 -23.11
C THR C 12 -39.02 5.56 -23.15
N ARG C 13 -37.95 5.25 -23.87
CA ARG C 13 -37.46 3.90 -24.05
C ARG C 13 -35.96 3.87 -23.81
N PRO C 14 -35.39 2.69 -23.56
CA PRO C 14 -33.93 2.54 -23.66
C PRO C 14 -33.50 2.48 -25.13
N TYR C 15 -32.19 2.49 -25.32
CA TYR C 15 -31.61 2.46 -26.65
C TYR C 15 -30.23 1.82 -26.58
N MET C 16 -29.75 1.36 -27.74
CA MET C 16 -28.45 0.71 -27.85
C MET C 16 -27.51 1.59 -28.64
N ALA C 17 -26.28 1.75 -28.12
CA ALA C 17 -25.40 2.82 -28.56
C ALA C 17 -23.99 2.26 -28.79
N ARG C 18 -23.03 3.16 -28.96
CA ARG C 18 -21.65 2.80 -29.22
C ARG C 18 -20.88 2.65 -27.92
N CYS C 19 -20.14 1.55 -27.80
CA CYS C 19 -19.24 1.29 -26.70
C CYS C 19 -17.83 1.22 -27.25
N ILE C 20 -16.96 2.13 -26.81
CA ILE C 20 -15.59 2.16 -27.30
C ILE C 20 -14.82 0.90 -26.92
N ARG C 21 -15.24 0.22 -25.85
CA ARG C 21 -14.54 -0.98 -25.38
C ARG C 21 -15.57 -1.88 -24.70
N CYS C 22 -16.17 -2.80 -25.46
CA CYS C 22 -16.90 -3.91 -24.87
C CYS C 22 -15.94 -5.09 -24.72
N ALA C 23 -16.50 -6.29 -24.52
CA ALA C 23 -15.67 -7.48 -24.31
C ALA C 23 -14.72 -7.76 -25.47
N VAL C 24 -15.01 -7.25 -26.66
CA VAL C 24 -14.15 -7.45 -27.83
C VAL C 24 -13.28 -6.25 -28.11
N GLY C 25 -13.88 -5.07 -28.28
CA GLY C 25 -13.12 -3.86 -28.57
C GLY C 25 -14.02 -2.70 -28.96
N SER C 26 -13.66 -1.97 -30.02
CA SER C 26 -14.56 -0.95 -30.54
C SER C 26 -15.83 -1.63 -31.04
N CYS C 27 -16.98 -1.19 -30.52
CA CYS C 27 -18.10 -2.11 -30.35
C CYS C 27 -19.39 -1.32 -30.24
N HIS C 28 -20.50 -2.04 -30.42
CA HIS C 28 -21.84 -1.50 -30.18
C HIS C 28 -22.47 -2.29 -29.04
N SER C 29 -22.87 -1.58 -27.98
CA SER C 29 -23.37 -2.20 -26.76
C SER C 29 -24.63 -1.48 -26.30
N PRO C 30 -25.53 -2.16 -25.58
CA PRO C 30 -26.72 -1.50 -25.06
C PRO C 30 -26.51 -0.73 -23.77
N ILE C 31 -25.27 -0.61 -23.30
CA ILE C 31 -24.97 -0.13 -21.96
C ILE C 31 -23.93 0.98 -21.99
N ALA C 32 -23.88 1.74 -23.08
CA ALA C 32 -22.95 2.85 -23.16
C ALA C 32 -23.21 3.85 -22.04
N ILE C 33 -22.15 4.23 -21.34
CA ILE C 33 -22.25 5.15 -20.20
C ILE C 33 -21.93 6.54 -20.72
N GLU C 34 -22.92 7.44 -20.67
CA GLU C 34 -22.69 8.79 -21.17
C GLU C 34 -21.88 9.62 -20.19
N ALA C 35 -22.12 9.45 -18.89
CA ALA C 35 -21.42 10.23 -17.88
C ALA C 35 -21.73 9.66 -16.51
N VAL C 36 -20.76 9.77 -15.61
CA VAL C 36 -20.93 9.46 -14.20
C VAL C 36 -20.48 10.68 -13.40
N LYS C 37 -21.37 11.20 -12.56
CA LYS C 37 -21.07 12.30 -11.66
C LYS C 37 -20.94 11.75 -10.24
N SER C 38 -19.92 12.21 -9.53
CA SER C 38 -19.64 11.74 -8.17
C SER C 38 -19.14 12.93 -7.36
N ASP C 39 -20.06 13.60 -6.66
CA ASP C 39 -19.72 14.75 -5.83
C ASP C 39 -20.12 14.56 -4.37
N GLY C 40 -20.41 13.32 -3.97
CA GLY C 40 -20.63 13.00 -2.57
C GLY C 40 -19.31 12.95 -1.82
N HIS C 41 -19.34 12.32 -0.65
CA HIS C 41 -18.16 12.21 0.20
C HIS C 41 -17.75 10.77 0.47
N ASP C 42 -18.68 9.90 0.85
CA ASP C 42 -18.35 8.54 1.24
C ASP C 42 -18.27 7.58 0.07
N GLY C 43 -18.49 8.04 -1.16
CA GLY C 43 -18.35 7.20 -2.34
C GLY C 43 -19.64 6.84 -3.01
N TYR C 44 -20.60 7.76 -3.02
CA TYR C 44 -21.86 7.58 -3.72
C TYR C 44 -21.74 8.19 -5.11
N VAL C 45 -22.07 7.41 -6.14
CA VAL C 45 -21.85 7.78 -7.53
C VAL C 45 -23.15 7.63 -8.31
N ARG C 46 -23.45 8.61 -9.16
CA ARG C 46 -24.61 8.58 -10.04
C ARG C 46 -24.15 8.44 -11.48
N LEU C 47 -24.65 7.40 -12.15
CA LEU C 47 -24.23 7.01 -13.50
C LEU C 47 -25.39 7.20 -14.47
N GLN C 48 -25.08 7.72 -15.65
CA GLN C 48 -26.04 7.79 -16.76
C GLN C 48 -25.70 6.68 -17.76
N THR C 49 -26.61 5.72 -17.90
CA THR C 49 -26.48 4.64 -18.85
C THR C 49 -27.49 4.82 -19.98
N SER C 50 -27.29 4.08 -21.06
CA SER C 50 -28.21 4.14 -22.20
C SER C 50 -29.48 3.33 -21.96
N SER C 51 -29.51 2.49 -20.94
CA SER C 51 -30.67 1.66 -20.64
C SER C 51 -31.59 2.33 -19.64
N GLN C 52 -32.79 1.76 -19.48
CA GLN C 52 -33.81 2.27 -18.59
C GLN C 52 -34.05 1.27 -17.46
N TYR C 53 -34.62 1.77 -16.37
CA TYR C 53 -34.72 1.03 -15.11
C TYR C 53 -36.14 1.05 -14.57
N GLY C 54 -36.48 -0.02 -13.86
CA GLY C 54 -37.69 -0.06 -13.05
C GLY C 54 -38.98 -0.22 -13.81
N LEU C 55 -38.91 -0.30 -15.14
CA LEU C 55 -40.07 -0.33 -16.01
C LEU C 55 -40.16 -1.67 -16.73
N ASP C 56 -41.33 -2.29 -16.69
CA ASP C 56 -41.55 -3.54 -17.39
C ASP C 56 -41.54 -3.29 -18.91
N SER C 57 -41.68 -4.39 -19.66
CA SER C 57 -41.68 -4.32 -21.11
C SER C 57 -42.85 -3.48 -21.62
N LEU C 61 -45.05 -2.74 -13.79
CA LEU C 61 -43.93 -2.15 -13.06
C LEU C 61 -43.22 -3.21 -12.22
N LYS C 62 -41.95 -2.94 -11.92
CA LYS C 62 -41.15 -3.82 -11.06
C LYS C 62 -39.88 -3.08 -10.68
N GLY C 63 -39.45 -3.26 -9.44
CA GLY C 63 -38.36 -2.47 -8.89
C GLY C 63 -36.99 -2.74 -9.49
N ARG C 64 -36.45 -3.94 -9.23
CA ARG C 64 -35.07 -4.26 -9.59
C ARG C 64 -35.07 -5.01 -10.93
N THR C 65 -35.21 -4.24 -12.01
CA THR C 65 -35.11 -4.80 -13.36
C THR C 65 -34.56 -3.73 -14.29
N MET C 66 -33.45 -4.05 -14.96
CA MET C 66 -32.95 -3.24 -16.05
C MET C 66 -33.69 -3.61 -17.34
N ARG C 67 -34.30 -2.61 -17.96
CA ARG C 67 -34.91 -2.73 -19.29
C ARG C 67 -33.98 -2.03 -20.26
N TYR C 68 -33.47 -2.78 -21.23
CA TYR C 68 -32.47 -2.29 -22.18
C TYR C 68 -32.85 -2.69 -23.59
N ASP C 69 -32.08 -2.19 -24.54
CA ASP C 69 -32.34 -2.38 -25.96
C ASP C 69 -31.45 -3.48 -26.53
N MET C 70 -31.91 -4.07 -27.64
CA MET C 70 -31.12 -5.07 -28.35
C MET C 70 -31.62 -5.06 -29.80
N HIS C 71 -30.88 -4.36 -30.66
CA HIS C 71 -31.15 -4.30 -32.11
C HIS C 71 -32.63 -3.98 -32.38
N GLY C 72 -33.17 -3.06 -31.60
CA GLY C 72 -34.55 -2.62 -31.72
C GLY C 72 -35.52 -3.21 -30.73
N THR C 73 -35.32 -4.49 -30.36
CA THR C 73 -36.22 -5.16 -29.43
C THR C 73 -35.79 -4.87 -27.99
N ILE C 74 -36.75 -4.47 -27.16
CA ILE C 74 -36.48 -4.10 -25.78
C ILE C 74 -36.64 -5.33 -24.91
N LYS C 75 -35.58 -5.69 -24.19
CA LYS C 75 -35.57 -6.83 -23.28
C LYS C 75 -35.35 -6.35 -21.86
N GLU C 76 -35.48 -7.28 -20.91
CA GLU C 76 -35.39 -6.97 -19.50
C GLU C 76 -34.63 -8.07 -18.77
N ILE C 77 -34.06 -7.71 -17.63
CA ILE C 77 -33.38 -8.69 -16.76
C ILE C 77 -33.23 -8.08 -15.37
N PRO C 78 -33.36 -8.86 -14.27
CA PRO C 78 -33.18 -8.26 -12.94
C PRO C 78 -31.80 -7.64 -12.74
N LEU C 79 -31.73 -6.62 -11.87
CA LEU C 79 -30.51 -5.87 -11.70
C LEU C 79 -29.36 -6.73 -11.17
N HIS C 80 -29.67 -7.72 -10.32
CA HIS C 80 -28.60 -8.46 -9.65
C HIS C 80 -27.78 -9.33 -10.58
N GLN C 81 -28.22 -9.56 -11.83
CA GLN C 81 -27.37 -10.24 -12.79
C GLN C 81 -26.24 -9.35 -13.30
N VAL C 82 -26.40 -8.03 -13.19
CA VAL C 82 -25.41 -7.07 -13.67
C VAL C 82 -24.51 -6.67 -12.50
N SER C 83 -23.27 -6.32 -12.82
CA SER C 83 -22.31 -5.93 -11.78
C SER C 83 -21.35 -4.89 -12.35
N LEU C 84 -20.63 -4.21 -11.46
CA LEU C 84 -19.76 -3.11 -11.84
C LEU C 84 -18.53 -3.12 -10.94
N TYR C 85 -17.42 -2.63 -11.48
CA TYR C 85 -16.20 -2.47 -10.69
C TYR C 85 -15.36 -1.36 -11.31
N THR C 86 -14.41 -0.86 -10.51
CA THR C 86 -13.37 0.02 -11.01
C THR C 86 -11.99 -0.58 -10.81
N SER C 87 -11.63 -0.91 -9.57
CA SER C 87 -10.46 -1.72 -9.27
C SER C 87 -10.85 -2.86 -8.32
N ARG C 88 -11.84 -2.60 -7.46
CA ARG C 88 -12.49 -3.55 -6.60
C ARG C 88 -13.99 -3.57 -6.91
N PRO C 89 -14.67 -4.70 -6.75
CA PRO C 89 -16.10 -4.74 -7.09
C PRO C 89 -16.92 -3.71 -6.32
N CYS C 90 -17.90 -3.14 -7.01
CA CYS C 90 -18.77 -2.10 -6.47
C CYS C 90 -19.95 -2.73 -5.73
N HIS C 91 -20.77 -1.89 -5.11
CA HIS C 91 -22.05 -2.29 -4.51
C HIS C 91 -23.09 -1.28 -4.95
N ILE C 92 -23.97 -1.69 -5.87
CA ILE C 92 -24.99 -0.79 -6.38
C ILE C 92 -26.03 -0.53 -5.28
N VAL C 93 -26.53 0.70 -5.25
CA VAL C 93 -27.56 1.09 -4.29
C VAL C 93 -28.91 0.82 -4.93
N ASP C 94 -29.18 1.49 -6.04
CA ASP C 94 -30.44 1.29 -6.77
C ASP C 94 -30.34 2.04 -8.09
N GLY C 95 -31.43 2.07 -8.84
CA GLY C 95 -31.47 2.78 -10.10
C GLY C 95 -32.88 3.25 -10.41
N HIS C 96 -32.96 4.41 -11.07
CA HIS C 96 -34.23 4.97 -11.50
C HIS C 96 -34.05 5.57 -12.88
N GLY C 97 -34.88 5.14 -13.82
CA GLY C 97 -34.78 5.62 -15.18
C GLY C 97 -33.41 5.34 -15.78
N TYR C 98 -32.83 6.37 -16.39
CA TYR C 98 -31.49 6.26 -16.96
C TYR C 98 -30.39 6.36 -15.91
N PHE C 99 -30.72 6.73 -14.67
CA PHE C 99 -29.71 7.01 -13.66
C PHE C 99 -29.55 5.83 -12.69
N LEU C 100 -28.34 5.66 -12.20
CA LEU C 100 -28.01 4.57 -11.27
C LEU C 100 -27.19 5.13 -10.12
N LEU C 101 -27.65 4.94 -8.88
CA LEU C 101 -26.89 5.29 -7.70
C LEU C 101 -26.18 4.04 -7.17
N ALA C 102 -24.87 4.18 -6.91
CA ALA C 102 -24.04 3.05 -6.51
C ALA C 102 -22.98 3.48 -5.51
N ARG C 103 -22.43 2.49 -4.83
CA ARG C 103 -21.26 2.64 -3.97
C ARG C 103 -20.06 2.00 -4.67
N CYS C 104 -18.96 2.75 -4.78
CA CYS C 104 -17.80 2.28 -5.51
C CYS C 104 -16.52 2.74 -4.85
N PRO C 105 -15.39 2.06 -5.10
CA PRO C 105 -14.10 2.49 -4.53
C PRO C 105 -13.42 3.52 -5.42
N ALA C 106 -12.19 3.88 -5.07
CA ALA C 106 -11.38 4.77 -5.91
C ALA C 106 -10.82 3.99 -7.09
N GLY C 107 -10.59 4.70 -8.19
CA GLY C 107 -10.04 4.08 -9.38
C GLY C 107 -10.04 5.06 -10.52
N ASP C 108 -9.53 4.58 -11.67
CA ASP C 108 -9.46 5.37 -12.89
C ASP C 108 -10.54 5.01 -13.90
N SER C 109 -10.77 3.72 -14.15
CA SER C 109 -11.66 3.28 -15.21
C SER C 109 -12.84 2.51 -14.64
N ILE C 110 -14.04 2.95 -15.00
CA ILE C 110 -15.27 2.22 -14.72
C ILE C 110 -15.29 1.02 -15.66
N THR C 111 -15.84 -0.09 -15.19
CA THR C 111 -16.03 -1.28 -16.02
C THR C 111 -17.27 -2.01 -15.49
N MET C 112 -18.34 -2.01 -16.29
CA MET C 112 -19.59 -2.63 -15.91
C MET C 112 -19.83 -3.81 -16.85
N GLU C 113 -20.50 -4.84 -16.36
CA GLU C 113 -20.62 -6.09 -17.10
C GLU C 113 -21.90 -6.81 -16.74
N PHE C 114 -22.50 -7.46 -17.75
CA PHE C 114 -23.59 -8.39 -17.56
C PHE C 114 -23.44 -9.51 -18.60
N LYS C 115 -24.26 -10.54 -18.47
CA LYS C 115 -24.13 -11.75 -19.27
C LYS C 115 -25.49 -12.18 -19.81
N LYS C 116 -25.52 -12.46 -21.11
CA LYS C 116 -26.64 -13.07 -21.81
C LYS C 116 -26.39 -14.57 -21.89
N ASP C 117 -27.36 -15.31 -22.44
CA ASP C 117 -27.31 -16.78 -22.46
C ASP C 117 -25.98 -17.32 -23.00
N SER C 118 -25.36 -16.63 -23.96
CA SER C 118 -24.10 -17.08 -24.54
C SER C 118 -23.05 -16.00 -24.72
N VAL C 119 -23.38 -14.72 -24.61
CA VAL C 119 -22.45 -13.63 -24.89
C VAL C 119 -22.41 -12.70 -23.69
N ARG C 120 -21.20 -12.40 -23.21
CA ARG C 120 -21.00 -11.45 -22.14
C ARG C 120 -20.84 -10.05 -22.72
N HIS C 121 -21.64 -9.10 -22.23
CA HIS C 121 -21.58 -7.72 -22.67
C HIS C 121 -21.03 -6.86 -21.53
N SER C 122 -19.92 -6.17 -21.80
CA SER C 122 -19.30 -5.27 -20.85
C SER C 122 -19.07 -3.92 -21.52
N CYS C 123 -18.77 -2.92 -20.70
CA CYS C 123 -18.28 -1.63 -21.17
C CYS C 123 -17.36 -1.03 -20.12
N SER C 124 -16.19 -0.59 -20.56
CA SER C 124 -15.20 0.05 -19.71
C SER C 124 -14.85 1.41 -20.28
N VAL C 125 -14.77 2.41 -19.40
CA VAL C 125 -14.49 3.79 -19.80
C VAL C 125 -13.52 4.40 -18.81
N PRO C 126 -12.54 5.20 -19.30
CA PRO C 126 -11.57 5.82 -18.38
C PRO C 126 -12.05 7.15 -17.80
N TYR C 127 -13.08 7.07 -16.96
CA TYR C 127 -13.56 8.22 -16.18
C TYR C 127 -13.12 8.02 -14.73
N GLU C 128 -12.23 8.88 -14.27
CA GLU C 128 -11.60 8.68 -12.97
C GLU C 128 -12.63 8.78 -11.85
N VAL C 129 -12.52 7.88 -10.88
CA VAL C 129 -13.40 7.86 -9.72
C VAL C 129 -12.73 8.65 -8.61
N LYS C 130 -13.41 9.69 -8.12
CA LYS C 130 -12.86 10.63 -7.14
C LYS C 130 -13.57 10.40 -5.82
N PHE C 131 -12.88 9.76 -4.88
CA PHE C 131 -13.39 9.64 -3.51
C PHE C 131 -12.92 10.84 -2.69
N ASN C 132 -13.85 11.45 -1.97
CA ASN C 132 -13.64 12.72 -1.28
C ASN C 132 -13.75 12.50 0.23
N PRO C 133 -12.62 12.38 0.94
CA PRO C 133 -12.69 12.24 2.40
C PRO C 133 -13.25 13.49 3.06
N VAL C 134 -13.83 13.30 4.25
CA VAL C 134 -14.45 14.38 5.00
C VAL C 134 -13.48 14.89 6.05
N GLY C 135 -13.66 16.16 6.42
CA GLY C 135 -12.95 16.75 7.53
C GLY C 135 -11.44 16.73 7.34
N ARG C 136 -10.75 16.35 8.42
CA ARG C 136 -9.29 16.35 8.49
C ARG C 136 -8.69 14.96 8.66
N GLU C 137 -9.50 13.94 8.91
CA GLU C 137 -9.01 12.58 9.05
C GLU C 137 -9.19 11.87 7.72
N LEU C 138 -8.08 11.60 7.03
CA LEU C 138 -8.09 11.06 5.68
C LEU C 138 -8.05 9.54 5.76
N TYR C 139 -8.98 8.89 5.07
CA TYR C 139 -9.10 7.43 5.09
C TYR C 139 -9.37 6.90 3.69
N THR C 140 -9.72 5.61 3.57
CA THR C 140 -10.03 4.99 2.30
C THR C 140 -11.33 4.21 2.27
N HIS C 141 -11.81 3.72 3.41
CA HIS C 141 -13.07 3.02 3.52
C HIS C 141 -13.89 3.64 4.64
N PRO C 142 -15.21 3.61 4.56
CA PRO C 142 -16.04 4.30 5.56
C PRO C 142 -15.80 3.74 6.96
N PRO C 143 -15.83 4.58 7.99
CA PRO C 143 -15.50 4.10 9.34
C PRO C 143 -16.63 3.28 9.94
N GLU C 144 -16.34 2.69 11.10
CA GLU C 144 -17.30 1.91 11.86
C GLU C 144 -17.88 2.68 13.05
N HIS C 145 -17.33 3.85 13.39
CA HIS C 145 -17.82 4.64 14.51
C HIS C 145 -17.12 5.99 14.54
N GLY C 146 -17.48 6.84 15.49
CA GLY C 146 -16.81 8.12 15.69
C GLY C 146 -17.72 9.26 16.07
N VAL C 147 -17.56 10.41 15.42
CA VAL C 147 -18.31 11.62 15.74
C VAL C 147 -19.01 12.10 14.48
N GLU C 148 -20.23 12.65 14.66
CA GLU C 148 -21.12 12.94 13.54
C GLU C 148 -21.01 14.39 13.11
N GLN C 149 -20.92 14.60 11.80
CA GLN C 149 -20.87 15.94 11.19
C GLN C 149 -21.88 16.01 10.06
N ALA C 150 -22.11 17.22 9.58
CA ALA C 150 -22.94 17.42 8.41
C ALA C 150 -22.15 17.08 7.14
N CYS C 151 -22.79 16.38 6.22
CA CYS C 151 -22.16 15.95 4.98
C CYS C 151 -23.16 16.10 3.84
N GLN C 152 -22.65 16.00 2.61
CA GLN C 152 -23.46 16.07 1.41
C GLN C 152 -23.41 14.72 0.71
N VAL C 153 -24.57 14.11 0.50
CA VAL C 153 -24.65 12.76 -0.04
C VAL C 153 -25.80 12.69 -1.04
N TYR C 154 -25.61 11.93 -2.12
CA TYR C 154 -26.65 11.77 -3.11
C TYR C 154 -27.85 11.04 -2.52
N ALA C 155 -29.04 11.50 -2.89
CA ALA C 155 -30.27 10.94 -2.36
C ALA C 155 -30.49 9.53 -2.89
N HIS C 156 -30.98 8.64 -2.02
CA HIS C 156 -31.20 7.26 -2.43
C HIS C 156 -32.46 7.09 -3.26
N ASP C 157 -33.46 7.95 -3.06
CA ASP C 157 -34.74 7.85 -3.75
C ASP C 157 -34.82 8.84 -4.90
N ALA C 158 -35.93 8.76 -5.64
CA ALA C 158 -36.19 9.65 -6.75
C ALA C 158 -37.16 10.75 -6.34
N GLN C 159 -36.88 11.98 -6.75
CA GLN C 159 -37.73 13.11 -6.42
C GLN C 159 -37.57 14.18 -7.50
N ASN C 160 -38.54 15.09 -7.55
CA ASN C 160 -38.52 16.20 -8.50
C ASN C 160 -37.98 17.45 -7.80
N ARG C 161 -37.04 18.12 -8.47
CA ARG C 161 -36.34 19.26 -7.90
C ARG C 161 -36.06 20.26 -9.02
N GLY C 162 -35.49 21.41 -8.66
CA GLY C 162 -35.20 22.44 -9.64
C GLY C 162 -34.03 22.10 -10.54
N ALA C 163 -34.21 21.06 -11.35
CA ALA C 163 -33.21 20.65 -12.33
C ALA C 163 -33.84 19.66 -13.30
N TYR C 164 -33.70 19.91 -14.60
CA TYR C 164 -34.41 19.13 -15.61
C TYR C 164 -33.47 18.79 -16.76
N VAL C 165 -33.81 17.72 -17.47
CA VAL C 165 -33.03 17.25 -18.63
C VAL C 165 -33.95 17.28 -19.84
N GLU C 166 -33.44 16.83 -21.00
CA GLU C 166 -34.11 17.02 -22.29
C GLU C 166 -34.20 15.68 -23.02
N MET C 167 -35.43 15.17 -23.15
CA MET C 167 -35.70 14.02 -24.01
C MET C 167 -35.96 14.51 -25.44
N HIS C 168 -35.95 13.58 -26.40
CA HIS C 168 -35.93 13.97 -27.80
C HIS C 168 -36.68 12.95 -28.66
N LEU C 169 -37.08 13.43 -29.83
CA LEU C 169 -37.77 12.60 -30.81
C LEU C 169 -36.82 11.54 -31.37
N PRO C 170 -37.26 10.28 -31.51
CA PRO C 170 -36.41 9.30 -32.20
C PRO C 170 -36.20 9.66 -33.66
N GLY C 171 -35.05 9.25 -34.17
CA GLY C 171 -34.65 9.54 -35.53
C GLY C 171 -34.95 8.41 -36.50
N SER C 172 -34.17 8.33 -37.56
CA SER C 172 -34.33 7.34 -38.63
C SER C 172 -33.14 6.41 -38.59
N GLU C 173 -33.32 5.22 -38.03
CA GLU C 173 -32.25 4.25 -37.86
C GLU C 173 -32.24 3.28 -39.05
N VAL C 174 -31.11 3.24 -39.76
CA VAL C 174 -30.97 2.34 -40.90
C VAL C 174 -31.04 0.90 -40.42
N ASP C 175 -31.55 0.01 -41.28
CA ASP C 175 -31.67 -1.41 -40.98
C ASP C 175 -31.39 -2.19 -42.25
N SER C 176 -30.28 -2.93 -42.29
CA SER C 176 -29.96 -3.77 -43.44
C SER C 176 -30.75 -5.07 -43.45
N SER C 177 -31.39 -5.44 -42.33
CA SER C 177 -32.19 -6.66 -42.30
C SER C 177 -33.50 -6.49 -43.05
N LEU C 178 -34.13 -5.32 -42.95
CA LEU C 178 -35.40 -5.10 -43.65
C LEU C 178 -35.21 -5.18 -45.15
N VAL C 179 -34.14 -4.58 -45.67
CA VAL C 179 -33.84 -4.63 -47.10
C VAL C 179 -33.20 -5.97 -47.40
N SER C 180 -33.76 -6.69 -48.37
CA SER C 180 -33.23 -7.98 -48.80
C SER C 180 -33.36 -8.08 -50.31
N LEU C 181 -32.77 -9.14 -50.87
CA LEU C 181 -32.72 -9.34 -52.31
C LEU C 181 -33.69 -10.44 -52.71
N SER C 182 -34.63 -10.09 -53.59
CA SER C 182 -35.51 -11.07 -54.22
C SER C 182 -34.81 -11.62 -55.46
N GLY C 183 -35.56 -12.30 -56.33
CA GLY C 183 -34.98 -12.82 -57.55
C GLY C 183 -34.36 -11.74 -58.42
N SER C 184 -35.09 -10.64 -58.60
CA SER C 184 -34.61 -9.52 -59.41
C SER C 184 -34.74 -8.19 -58.69
N SER C 185 -35.76 -8.05 -57.83
CA SER C 185 -36.07 -6.78 -57.18
C SER C 185 -35.55 -6.77 -55.74
N VAL C 186 -35.84 -5.68 -55.04
CA VAL C 186 -35.43 -5.47 -53.65
C VAL C 186 -36.67 -5.56 -52.78
N THR C 187 -36.61 -6.44 -51.78
CA THR C 187 -37.74 -6.70 -50.89
C THR C 187 -37.58 -5.93 -49.59
N VAL C 188 -38.69 -5.34 -49.13
CA VAL C 188 -38.75 -4.64 -47.86
C VAL C 188 -39.88 -5.27 -47.04
N THR C 189 -39.57 -5.59 -45.79
CA THR C 189 -40.52 -6.24 -44.87
C THR C 189 -40.54 -5.47 -43.56
N PRO C 190 -41.21 -4.32 -43.53
CA PRO C 190 -41.18 -3.48 -42.32
C PRO C 190 -41.84 -4.20 -41.15
N PRO C 191 -41.49 -3.85 -39.91
CA PRO C 191 -42.13 -4.50 -38.76
C PRO C 191 -43.63 -4.23 -38.72
N ASP C 192 -44.37 -5.21 -38.23
CA ASP C 192 -45.83 -5.10 -38.17
C ASP C 192 -46.23 -3.92 -37.30
N GLY C 193 -47.13 -3.09 -37.80
CA GLY C 193 -47.64 -1.96 -37.07
C GLY C 193 -46.82 -0.69 -37.14
N THR C 194 -45.92 -0.58 -38.12
CA THR C 194 -45.07 0.60 -38.22
C THR C 194 -44.62 0.74 -39.68
N SER C 195 -44.44 1.97 -40.10
CA SER C 195 -44.03 2.29 -41.46
C SER C 195 -42.51 2.37 -41.54
N ALA C 196 -42.00 2.40 -42.77
CA ALA C 196 -40.57 2.44 -43.03
C ALA C 196 -40.31 3.28 -44.28
N LEU C 197 -39.05 3.69 -44.45
CA LEU C 197 -38.62 4.51 -45.57
C LEU C 197 -37.33 3.94 -46.12
N VAL C 198 -37.35 3.55 -47.39
CA VAL C 198 -36.19 2.97 -48.06
C VAL C 198 -35.76 3.93 -49.17
N GLU C 199 -34.51 4.37 -49.11
CA GLU C 199 -33.93 5.27 -50.11
C GLU C 199 -33.00 4.48 -51.02
N CYS C 200 -33.18 4.64 -52.33
CA CYS C 200 -32.41 3.93 -53.34
C CYS C 200 -31.88 4.90 -54.38
N GLU C 201 -30.64 4.65 -54.83
CA GLU C 201 -30.05 5.40 -55.93
C GLU C 201 -29.52 4.47 -57.02
N CYS C 202 -29.96 3.20 -57.01
CA CYS C 202 -29.57 2.28 -58.08
C CYS C 202 -30.04 2.78 -59.44
N GLY C 203 -31.14 3.55 -59.47
CA GLY C 203 -31.51 4.33 -60.63
C GLY C 203 -31.32 5.81 -60.32
N GLY C 204 -32.43 6.50 -60.04
CA GLY C 204 -32.39 7.82 -59.47
C GLY C 204 -32.59 7.78 -57.96
N THR C 205 -32.48 8.94 -57.33
CA THR C 205 -32.70 9.03 -55.89
C THR C 205 -34.19 8.92 -55.60
N LYS C 206 -34.58 7.85 -54.92
CA LYS C 206 -35.97 7.57 -54.59
C LYS C 206 -36.17 7.72 -53.09
N ILE C 207 -37.33 8.25 -52.71
CA ILE C 207 -37.75 8.35 -51.31
C ILE C 207 -39.19 7.86 -51.26
N SER C 208 -39.39 6.65 -50.74
CA SER C 208 -40.70 6.02 -50.69
C SER C 208 -40.99 5.56 -49.27
N GLU C 209 -42.23 5.76 -48.83
CA GLU C 209 -42.68 5.37 -47.49
C GLU C 209 -43.61 4.17 -47.65
N THR C 210 -43.20 3.04 -47.09
CA THR C 210 -44.03 1.83 -47.10
C THR C 210 -44.69 1.68 -45.73
N ILE C 211 -46.03 1.65 -45.73
CA ILE C 211 -46.81 1.53 -44.51
C ILE C 211 -47.38 0.12 -44.49
N ASN C 212 -46.64 -0.80 -43.89
CA ASN C 212 -47.00 -2.23 -43.87
C ASN C 212 -47.29 -2.74 -45.27
N LYS C 213 -46.45 -2.33 -46.21
CA LYS C 213 -46.61 -2.63 -47.63
C LYS C 213 -45.31 -3.27 -48.11
N THR C 214 -45.30 -4.60 -48.25
CA THR C 214 -44.17 -5.26 -48.89
C THR C 214 -44.09 -4.82 -50.34
N LYS C 215 -42.95 -4.22 -50.72
CA LYS C 215 -42.81 -3.53 -52.00
C LYS C 215 -41.54 -3.99 -52.69
N GLN C 216 -41.67 -4.30 -53.98
CA GLN C 216 -40.55 -4.69 -54.82
C GLN C 216 -40.30 -3.58 -55.84
N PHE C 217 -39.09 -3.02 -55.82
CA PHE C 217 -38.71 -1.89 -56.66
C PHE C 217 -37.62 -2.32 -57.63
N SER C 218 -37.81 -2.02 -58.91
CA SER C 218 -36.91 -2.47 -59.96
C SER C 218 -35.67 -1.58 -60.01
N GLN C 219 -34.84 -1.80 -61.02
CA GLN C 219 -33.63 -1.05 -61.36
C GLN C 219 -32.47 -1.33 -60.41
N CYS C 220 -32.66 -2.10 -59.34
CA CYS C 220 -31.62 -2.42 -58.37
C CYS C 220 -31.16 -3.85 -58.57
N THR C 221 -29.85 -4.07 -58.39
CA THR C 221 -29.25 -5.40 -58.48
C THR C 221 -28.86 -5.93 -57.10
N LYS C 222 -28.10 -5.16 -56.33
CA LYS C 222 -27.73 -5.51 -54.97
C LYS C 222 -28.57 -4.71 -53.97
N LYS C 223 -28.58 -5.17 -52.72
CA LYS C 223 -29.24 -4.43 -51.65
C LYS C 223 -28.41 -3.25 -51.16
N GLU C 224 -27.10 -3.24 -51.44
CA GLU C 224 -26.24 -2.17 -50.95
C GLU C 224 -26.55 -0.83 -51.61
N GLN C 225 -27.19 -0.84 -52.78
CA GLN C 225 -27.60 0.40 -53.41
C GLN C 225 -28.72 1.11 -52.67
N CYS C 226 -29.36 0.45 -51.71
CA CYS C 226 -30.47 0.99 -50.95
C CYS C 226 -30.16 0.99 -49.46
N ARG C 227 -30.85 1.87 -48.74
CA ARG C 227 -30.78 1.92 -47.28
C ARG C 227 -32.19 2.05 -46.74
N ALA C 228 -32.56 1.16 -45.81
CA ALA C 228 -33.89 1.12 -45.23
C ALA C 228 -33.82 1.61 -43.78
N TYR C 229 -34.59 2.65 -43.47
CA TYR C 229 -34.62 3.24 -42.15
C TYR C 229 -35.89 2.82 -41.40
N ARG C 230 -35.91 3.12 -40.11
CA ARG C 230 -37.02 2.80 -39.23
C ARG C 230 -37.50 4.06 -38.52
N LEU C 231 -38.81 4.16 -38.33
CA LEU C 231 -39.45 5.40 -37.92
C LEU C 231 -40.21 5.19 -36.61
N GLN C 232 -40.17 6.21 -35.75
CA GLN C 232 -40.93 6.21 -34.51
C GLN C 232 -41.23 7.66 -34.13
N ASN C 233 -42.27 7.83 -33.32
CA ASN C 233 -42.63 9.13 -32.77
C ASN C 233 -42.60 9.16 -31.25
N ASP C 234 -43.19 8.17 -30.60
CA ASP C 234 -43.23 8.12 -29.15
C ASP C 234 -41.90 7.59 -28.61
N LYS C 235 -41.84 7.42 -27.29
CA LYS C 235 -40.70 6.79 -26.60
C LYS C 235 -39.41 7.59 -26.87
N TRP C 236 -39.39 8.79 -26.31
CA TRP C 236 -38.34 9.76 -26.56
C TRP C 236 -37.00 9.28 -25.98
N VAL C 237 -35.92 10.00 -26.31
CA VAL C 237 -34.57 9.65 -25.90
C VAL C 237 -33.82 10.91 -25.44
N TYR C 238 -32.76 10.67 -24.67
CA TYR C 238 -32.02 11.74 -24.01
C TYR C 238 -31.15 12.50 -25.02
N ASN C 239 -30.80 13.73 -24.67
CA ASN C 239 -29.89 14.57 -25.46
C ASN C 239 -28.46 14.03 -25.40
N SER C 240 -28.27 12.87 -26.03
CA SER C 240 -26.96 12.24 -26.12
C SER C 240 -26.29 12.60 -27.44
N ASP C 241 -24.95 12.70 -27.39
CA ASP C 241 -24.17 13.01 -28.58
C ASP C 241 -23.93 11.80 -29.47
N LYS C 242 -24.36 10.60 -29.06
CA LYS C 242 -24.08 9.37 -29.77
C LYS C 242 -25.22 8.94 -30.68
N LEU C 243 -26.23 9.77 -30.89
CA LEU C 243 -27.41 9.44 -31.67
C LEU C 243 -27.68 10.53 -32.69
N PRO C 244 -28.35 10.21 -33.80
CA PRO C 244 -28.65 11.24 -34.80
C PRO C 244 -29.84 12.09 -34.40
N LYS C 245 -29.84 13.34 -34.87
CA LYS C 245 -30.91 14.27 -34.55
C LYS C 245 -32.17 13.94 -35.34
N ALA C 246 -33.31 14.37 -34.80
CA ALA C 246 -34.61 14.12 -35.40
C ALA C 246 -34.98 15.30 -36.32
N ALA C 247 -36.24 15.34 -36.75
CA ALA C 247 -36.69 16.27 -37.80
C ALA C 247 -37.46 17.44 -37.17
N GLY C 248 -36.74 18.51 -36.89
CA GLY C 248 -37.33 19.81 -36.61
C GLY C 248 -37.41 20.19 -35.15
N ALA C 249 -36.40 20.96 -34.69
CA ALA C 249 -36.37 21.64 -33.40
C ALA C 249 -36.18 20.71 -32.21
N THR C 250 -36.36 19.40 -32.41
CA THR C 250 -35.85 18.35 -31.53
C THR C 250 -36.15 18.57 -30.05
N LEU C 251 -37.19 19.34 -29.71
CA LEU C 251 -37.56 19.59 -28.32
C LEU C 251 -39.00 19.15 -28.11
N LYS C 252 -39.22 18.30 -27.10
CA LYS C 252 -40.56 17.78 -26.79
C LYS C 252 -40.77 17.67 -25.28
N GLY C 253 -40.17 18.58 -24.50
CA GLY C 253 -40.41 18.68 -23.08
C GLY C 253 -39.13 18.52 -22.29
N LYS C 254 -39.30 18.31 -20.98
CA LYS C 254 -38.17 18.17 -20.07
C LYS C 254 -38.58 17.25 -18.92
N LEU C 255 -37.59 16.83 -18.14
CA LEU C 255 -37.78 15.78 -17.14
C LEU C 255 -36.92 16.05 -15.91
N HIS C 256 -37.55 15.98 -14.73
CA HIS C 256 -36.85 16.14 -13.47
C HIS C 256 -35.75 15.07 -13.33
N VAL C 257 -34.91 15.26 -12.31
CA VAL C 257 -33.73 14.44 -12.08
C VAL C 257 -33.90 13.74 -10.74
N PRO C 258 -33.60 12.42 -10.63
CA PRO C 258 -33.48 11.79 -9.31
C PRO C 258 -32.07 11.82 -8.74
N PHE C 259 -31.90 11.28 -7.53
CA PHE C 259 -30.60 11.10 -6.91
C PHE C 259 -29.86 12.42 -6.75
N LEU C 260 -30.43 13.30 -5.92
CA LEU C 260 -29.90 14.63 -5.69
C LEU C 260 -29.02 14.67 -4.44
N LEU C 261 -28.13 15.67 -4.41
CA LEU C 261 -27.20 15.86 -3.30
C LEU C 261 -27.95 16.55 -2.16
N ALA C 262 -28.27 15.79 -1.12
CA ALA C 262 -28.95 16.30 0.07
C ALA C 262 -27.97 16.38 1.23
N ASP C 263 -28.33 17.20 2.22
CA ASP C 263 -27.51 17.40 3.41
C ASP C 263 -27.91 16.38 4.46
N GLY C 264 -27.02 15.41 4.72
CA GLY C 264 -27.25 14.39 5.73
C GLY C 264 -26.17 14.42 6.79
N LYS C 265 -26.06 13.34 7.56
CA LYS C 265 -25.09 13.24 8.65
C LYS C 265 -24.16 12.05 8.41
N CYS C 266 -22.87 12.27 8.66
CA CYS C 266 -21.85 11.27 8.41
C CYS C 266 -20.91 11.19 9.61
N THR C 267 -20.49 9.98 9.96
CA THR C 267 -19.59 9.78 11.09
C THR C 267 -18.14 9.70 10.61
N VAL C 268 -17.25 10.36 11.35
CA VAL C 268 -15.83 10.42 11.03
C VAL C 268 -15.07 9.81 12.21
N PRO C 269 -13.94 9.12 11.98
CA PRO C 269 -13.18 8.60 13.13
C PRO C 269 -12.63 9.73 13.99
N LEU C 270 -12.15 9.34 15.17
CA LEU C 270 -11.60 10.27 16.14
C LEU C 270 -10.14 9.91 16.40
N ALA C 271 -9.26 10.88 16.23
CA ALA C 271 -7.83 10.63 16.34
C ALA C 271 -7.40 10.50 17.80
N PRO C 272 -6.21 9.95 18.06
CA PRO C 272 -5.73 9.85 19.44
C PRO C 272 -5.63 11.19 20.12
N GLU C 273 -5.87 11.21 21.42
CA GLU C 273 -5.59 12.39 22.22
C GLU C 273 -4.07 12.51 22.36
N PRO C 274 -3.44 13.56 21.86
CA PRO C 274 -1.97 13.58 21.82
C PRO C 274 -1.38 13.70 23.22
N MET C 275 -0.15 13.20 23.35
CA MET C 275 0.55 13.25 24.63
C MET C 275 1.26 14.59 24.77
N ILE C 276 0.97 15.29 25.86
CA ILE C 276 1.49 16.62 26.14
C ILE C 276 2.53 16.53 27.24
N THR C 277 3.64 17.25 27.08
CA THR C 277 4.66 17.37 28.10
C THR C 277 5.15 18.81 28.08
N PHE C 278 4.79 19.59 29.09
CA PHE C 278 4.92 21.04 29.03
C PHE C 278 6.10 21.52 29.86
N GLY C 279 6.89 22.43 29.30
CA GLY C 279 7.90 23.17 30.01
C GLY C 279 7.65 24.67 29.88
N PHE C 280 8.58 25.44 30.45
CA PHE C 280 8.42 26.89 30.52
C PHE C 280 8.23 27.49 29.14
N ARG C 281 7.03 28.02 28.90
CA ARG C 281 6.71 28.72 27.66
C ARG C 281 6.75 27.79 26.45
N SER C 282 6.77 26.48 26.67
CA SER C 282 6.93 25.53 25.57
C SER C 282 6.22 24.23 25.89
N VAL C 283 5.96 23.45 24.84
CA VAL C 283 5.32 22.14 24.99
C VAL C 283 5.93 21.20 23.96
N SER C 284 6.27 20.00 24.42
CA SER C 284 6.57 18.87 23.56
C SER C 284 5.31 18.03 23.39
N LEU C 285 5.07 17.60 22.16
CA LEU C 285 3.89 16.81 21.82
C LEU C 285 4.35 15.52 21.15
N LYS C 286 3.91 14.40 21.70
CA LYS C 286 4.09 13.08 21.09
C LYS C 286 2.76 12.67 20.46
N LEU C 287 2.83 12.31 19.18
CA LEU C 287 1.68 12.07 18.33
C LEU C 287 1.77 10.65 17.77
N HIS C 288 0.61 10.06 17.46
CA HIS C 288 0.59 8.70 16.95
C HIS C 288 -0.72 8.38 16.25
N PRO C 289 -1.03 9.01 15.12
CA PRO C 289 -2.31 8.78 14.46
C PRO C 289 -2.38 7.43 13.77
N LYS C 290 -3.61 6.97 13.53
CA LYS C 290 -3.80 5.76 12.74
C LYS C 290 -3.72 6.02 11.24
N ASN C 291 -3.80 7.27 10.81
CA ASN C 291 -3.95 7.60 9.40
C ASN C 291 -3.48 9.03 9.19
N PRO C 292 -3.40 9.49 7.95
CA PRO C 292 -3.07 10.91 7.73
C PRO C 292 -4.14 11.81 8.32
N THR C 293 -3.76 12.55 9.36
CA THR C 293 -4.64 13.49 10.04
C THR C 293 -3.92 14.82 10.16
N TYR C 294 -4.70 15.90 10.08
CA TYR C 294 -4.12 17.24 10.03
C TYR C 294 -3.93 17.81 11.43
N LEU C 295 -2.79 18.45 11.64
CA LEU C 295 -2.58 19.34 12.76
C LEU C 295 -2.71 20.77 12.23
N ILE C 296 -3.58 21.54 12.87
CA ILE C 296 -3.93 22.90 12.46
C ILE C 296 -3.75 23.79 13.68
N THR C 297 -2.62 24.49 13.75
CA THR C 297 -2.28 25.26 14.94
C THR C 297 -2.12 26.72 14.58
N ARG C 298 -2.02 27.55 15.62
CA ARG C 298 -1.81 28.99 15.48
C ARG C 298 -1.61 29.58 16.87
N GLN C 299 -1.30 30.88 16.89
CA GLN C 299 -1.22 31.68 18.10
C GLN C 299 -2.39 32.66 18.13
N LEU C 300 -2.81 33.02 19.34
CA LEU C 300 -3.92 33.95 19.53
C LEU C 300 -3.48 35.41 19.51
N ALA C 301 -2.34 35.72 18.90
CA ALA C 301 -1.75 37.05 18.92
C ALA C 301 -2.13 37.82 17.67
N ASP C 302 -1.49 38.97 17.46
CA ASP C 302 -1.76 39.77 16.26
C ASP C 302 -1.39 39.01 14.99
N GLU C 303 -0.38 38.14 15.07
CA GLU C 303 0.05 37.33 13.93
C GLU C 303 -0.07 35.86 14.32
N PRO C 304 -0.98 35.07 13.72
CA PRO C 304 -1.19 33.71 14.23
C PRO C 304 0.03 32.79 14.13
N HIS C 305 0.88 32.97 13.12
CA HIS C 305 1.91 31.98 12.80
C HIS C 305 1.29 30.60 12.62
N TYR C 306 0.17 30.55 11.90
CA TYR C 306 -0.59 29.31 11.80
C TYR C 306 0.20 28.24 11.07
N THR C 307 0.10 27.01 11.57
CA THR C 307 0.74 25.84 10.97
C THR C 307 -0.34 24.90 10.44
N HIS C 308 -0.28 24.65 9.13
CA HIS C 308 -1.09 23.67 8.44
C HIS C 308 -0.22 22.48 8.07
N GLU C 309 -0.50 21.30 8.62
CA GLU C 309 0.37 20.19 8.30
C GLU C 309 -0.37 18.87 8.50
N LEU C 310 0.14 17.82 7.87
CA LEU C 310 -0.50 16.51 7.82
C LEU C 310 0.47 15.45 8.32
N ILE C 311 0.05 14.66 9.32
CA ILE C 311 0.89 13.62 9.91
C ILE C 311 0.19 12.28 9.73
N SER C 312 0.94 11.29 9.22
CA SER C 312 0.51 9.90 9.22
C SER C 312 1.45 9.00 10.00
N GLU C 313 2.61 9.51 10.45
CA GLU C 313 3.62 8.75 11.18
C GLU C 313 3.81 9.33 12.57
N PRO C 314 3.90 8.51 13.64
CA PRO C 314 4.11 9.08 14.99
C PRO C 314 5.36 9.94 15.10
N ALA C 315 5.22 11.18 15.57
CA ALA C 315 6.33 12.13 15.58
C ALA C 315 6.29 12.99 16.83
N VAL C 316 7.46 13.52 17.20
CA VAL C 316 7.61 14.45 18.31
C VAL C 316 7.73 15.85 17.74
N ARG C 317 7.18 16.82 18.46
CA ARG C 317 7.30 18.21 18.01
C ARG C 317 7.34 19.14 19.22
N ASN C 318 8.29 20.07 19.22
CA ASN C 318 8.39 21.10 20.24
C ASN C 318 7.93 22.46 19.70
N PHE C 319 7.05 23.10 20.47
CA PHE C 319 6.50 24.42 20.15
C PHE C 319 6.70 25.34 21.34
N THR C 320 6.72 26.64 21.06
CA THR C 320 6.85 27.68 22.07
C THR C 320 5.50 28.39 22.17
N VAL C 321 4.94 28.45 23.39
CA VAL C 321 3.62 29.03 23.63
C VAL C 321 3.78 30.29 24.45
N THR C 322 3.07 31.34 24.04
CA THR C 322 3.19 32.66 24.66
C THR C 322 2.11 32.85 25.73
N GLU C 323 2.24 33.96 26.47
CA GLU C 323 1.23 34.29 27.48
C GLU C 323 -0.11 34.64 26.82
N LYS C 324 -0.07 35.18 25.61
CA LYS C 324 -1.29 35.53 24.90
C LYS C 324 -2.17 34.31 24.63
N GLY C 325 -1.59 33.12 24.56
CA GLY C 325 -2.34 31.90 24.35
C GLY C 325 -1.70 30.96 23.35
N TRP C 326 -2.49 30.01 22.85
CA TRP C 326 -2.03 29.07 21.83
C TRP C 326 -3.22 28.21 21.43
N GLU C 327 -3.24 27.81 20.16
CA GLU C 327 -4.29 26.94 19.65
C GLU C 327 -3.68 25.83 18.80
N PHE C 328 -4.16 24.61 19.01
CA PHE C 328 -3.88 23.50 18.11
C PHE C 328 -5.12 22.63 18.00
N VAL C 329 -5.44 22.22 16.77
CA VAL C 329 -6.53 21.32 16.47
C VAL C 329 -5.95 20.07 15.87
N TRP C 330 -6.26 18.92 16.47
CA TRP C 330 -5.71 17.64 16.10
C TRP C 330 -6.85 16.74 15.63
N GLY C 331 -6.85 16.42 14.34
CA GLY C 331 -7.95 15.65 13.78
C GLY C 331 -9.25 16.40 13.89
N ASN C 332 -10.31 15.67 14.25
CA ASN C 332 -11.64 16.23 14.43
C ASN C 332 -11.94 16.59 15.88
N HIS C 333 -10.93 16.57 16.75
CA HIS C 333 -11.13 16.97 18.13
C HIS C 333 -11.42 18.48 18.20
N PRO C 334 -12.07 18.95 19.27
CA PRO C 334 -12.30 20.39 19.40
C PRO C 334 -10.99 21.13 19.58
N PRO C 335 -10.96 22.44 19.29
CA PRO C 335 -9.72 23.20 19.50
C PRO C 335 -9.34 23.26 20.97
N LYS C 336 -8.03 23.31 21.22
CA LYS C 336 -7.46 23.29 22.56
C LYS C 336 -6.71 24.59 22.80
N ARG C 337 -6.87 25.14 24.01
CA ARG C 337 -6.34 26.45 24.35
C ARG C 337 -5.42 26.33 25.56
N PHE C 338 -4.28 27.02 25.50
CA PHE C 338 -3.29 26.99 26.56
C PHE C 338 -2.59 28.35 26.63
N TRP C 339 -2.63 28.97 27.81
CA TRP C 339 -2.07 30.30 28.04
C TRP C 339 -0.90 30.16 29.00
N ALA C 340 0.27 30.67 28.61
CA ALA C 340 1.47 30.53 29.41
C ALA C 340 1.38 31.40 30.66
N GLN C 341 2.08 30.98 31.72
CA GLN C 341 2.16 31.71 32.97
C GLN C 341 3.63 31.94 33.32
N GLU C 342 3.89 33.01 34.05
CA GLU C 342 5.25 33.40 34.39
C GLU C 342 5.81 32.50 35.48
N THR C 343 6.86 31.76 35.16
CA THR C 343 7.54 30.91 36.13
C THR C 343 9.03 30.82 35.79
N THR D 2 -12.32 -35.87 26.95
CA THR D 2 -12.39 -34.42 26.92
C THR D 2 -13.57 -33.88 27.73
N GLU D 3 -14.45 -34.78 28.18
CA GLU D 3 -15.62 -34.36 28.94
C GLU D 3 -15.24 -33.85 30.33
N GLU D 4 -14.10 -34.25 30.86
CA GLU D 4 -13.70 -33.82 32.21
C GLU D 4 -13.48 -32.32 32.25
N LEU D 5 -12.82 -31.76 31.23
CA LEU D 5 -12.61 -30.33 31.13
C LEU D 5 -13.79 -29.60 30.45
N PHE D 6 -14.94 -30.26 30.33
CA PHE D 6 -16.13 -29.68 29.68
C PHE D 6 -17.35 -29.64 30.58
N ASN D 7 -17.50 -30.60 31.50
CA ASN D 7 -18.59 -30.52 32.47
C ASN D 7 -18.46 -29.27 33.34
N GLU D 8 -17.24 -28.73 33.46
CA GLU D 8 -17.04 -27.47 34.15
C GLU D 8 -17.88 -26.35 33.53
N TYR D 9 -17.86 -26.22 32.22
CA TYR D 9 -18.57 -25.15 31.53
C TYR D 9 -19.96 -25.57 31.04
N LYS D 10 -20.32 -26.85 31.15
CA LYS D 10 -21.61 -27.29 30.66
C LYS D 10 -22.77 -26.60 31.36
N LEU D 11 -22.58 -26.19 32.62
CA LEU D 11 -23.68 -25.82 33.50
C LEU D 11 -23.82 -24.31 33.69
N THR D 12 -23.09 -23.49 32.91
CA THR D 12 -23.05 -22.08 33.30
C THR D 12 -24.28 -21.31 32.81
N ARG D 13 -24.27 -20.82 31.55
CA ARG D 13 -25.40 -20.31 30.77
C ARG D 13 -24.82 -19.59 29.55
N PRO D 14 -25.52 -19.49 28.41
CA PRO D 14 -25.30 -18.33 27.52
C PRO D 14 -26.27 -17.20 27.78
N TYR D 15 -25.78 -15.96 27.79
CA TYR D 15 -26.55 -14.80 28.22
C TYR D 15 -26.48 -13.69 27.18
N MET D 16 -27.22 -12.61 27.45
CA MET D 16 -27.35 -11.46 26.58
C MET D 16 -26.67 -10.25 27.20
N ALA D 17 -26.23 -9.32 26.34
CA ALA D 17 -25.63 -8.08 26.81
C ALA D 17 -25.64 -7.07 25.66
N ARG D 18 -25.18 -5.86 25.96
CA ARG D 18 -25.31 -4.72 25.06
C ARG D 18 -24.25 -4.73 23.96
N CYS D 19 -24.64 -4.21 22.80
CA CYS D 19 -23.76 -3.97 21.66
C CYS D 19 -23.74 -2.48 21.34
N ILE D 20 -22.73 -2.07 20.56
CA ILE D 20 -22.58 -0.67 20.16
C ILE D 20 -23.04 -0.49 18.71
N ARG D 21 -22.82 -1.50 17.87
CA ARG D 21 -23.20 -1.45 16.46
C ARG D 21 -23.70 -2.84 16.08
N CYS D 22 -25.01 -3.05 16.18
CA CYS D 22 -25.64 -4.32 15.84
C CYS D 22 -26.33 -4.24 14.48
N ALA D 23 -25.70 -3.54 13.55
CA ALA D 23 -26.09 -3.30 12.15
C ALA D 23 -27.22 -2.29 12.02
N VAL D 24 -27.90 -1.91 13.11
CA VAL D 24 -28.81 -0.77 13.09
C VAL D 24 -28.69 -0.07 14.43
N GLY D 25 -28.01 1.08 14.46
CA GLY D 25 -27.81 1.78 15.71
C GLY D 25 -27.09 0.91 16.72
N SER D 26 -27.62 0.88 17.95
CA SER D 26 -27.10 0.04 19.01
C SER D 26 -28.25 -0.74 19.64
N CYS D 27 -27.95 -1.96 20.07
CA CYS D 27 -28.94 -2.82 20.72
C CYS D 27 -28.19 -3.89 21.51
N HIS D 28 -28.93 -4.81 22.11
CA HIS D 28 -28.36 -5.92 22.87
C HIS D 28 -28.37 -7.15 21.98
N SER D 29 -27.19 -7.48 21.45
CA SER D 29 -27.04 -8.54 20.48
C SER D 29 -26.86 -9.89 21.17
N PRO D 30 -27.14 -11.00 20.47
CA PRO D 30 -26.76 -12.31 21.03
C PRO D 30 -25.28 -12.61 21.02
N ILE D 31 -24.46 -11.75 20.42
CA ILE D 31 -23.02 -11.96 20.33
C ILE D 31 -22.28 -10.79 20.97
N ALA D 32 -22.81 -10.27 22.07
CA ALA D 32 -22.10 -9.25 22.84
C ALA D 32 -20.80 -9.81 23.40
N ILE D 33 -19.77 -8.95 23.46
CA ILE D 33 -18.38 -9.36 23.66
C ILE D 33 -17.72 -8.49 24.72
N GLU D 34 -16.79 -9.10 25.49
CA GLU D 34 -16.08 -8.35 26.54
C GLU D 34 -14.57 -8.54 26.56
N ALA D 35 -14.06 -9.70 26.17
CA ALA D 35 -12.63 -10.01 26.28
C ALA D 35 -12.04 -10.29 24.90
N VAL D 36 -10.95 -9.59 24.58
CA VAL D 36 -10.18 -9.84 23.36
C VAL D 36 -8.71 -9.64 23.70
N LYS D 37 -7.85 -10.59 23.30
CA LYS D 37 -6.42 -10.45 23.49
C LYS D 37 -5.69 -11.29 22.45
N SER D 38 -4.53 -10.79 22.02
CA SER D 38 -3.73 -11.48 21.02
C SER D 38 -2.26 -11.17 21.25
N ASP D 39 -1.50 -12.18 21.66
CA ASP D 39 -0.05 -12.10 21.71
C ASP D 39 0.64 -13.10 20.78
N GLY D 40 -0.11 -14.05 20.22
CA GLY D 40 0.45 -14.97 19.23
C GLY D 40 1.03 -14.22 18.05
N HIS D 41 2.28 -14.53 17.72
CA HIS D 41 2.98 -13.75 16.70
C HIS D 41 2.35 -13.91 15.32
N ASP D 42 1.94 -15.13 14.98
CA ASP D 42 1.35 -15.39 13.67
C ASP D 42 -0.04 -14.78 13.51
N GLY D 43 -0.64 -14.27 14.58
CA GLY D 43 -1.93 -13.61 14.50
C GLY D 43 -3.05 -14.41 15.13
N TYR D 44 -2.71 -15.28 16.08
CA TYR D 44 -3.72 -16.05 16.80
C TYR D 44 -4.37 -15.18 17.88
N VAL D 45 -5.70 -15.05 17.79
CA VAL D 45 -6.46 -14.14 18.62
C VAL D 45 -7.54 -14.93 19.36
N ARG D 46 -7.64 -14.70 20.67
CA ARG D 46 -8.63 -15.35 21.52
C ARG D 46 -9.62 -14.30 22.03
N LEU D 47 -10.91 -14.60 21.89
CA LEU D 47 -11.99 -13.66 22.19
C LEU D 47 -12.97 -14.31 23.15
N GLN D 48 -13.82 -13.49 23.78
CA GLN D 48 -14.88 -14.00 24.63
C GLN D 48 -16.17 -13.20 24.45
N THR D 49 -17.23 -13.92 24.11
CA THR D 49 -18.57 -13.36 23.91
C THR D 49 -19.52 -13.92 24.96
N SER D 50 -20.81 -13.62 24.81
CA SER D 50 -21.79 -14.02 25.80
C SER D 50 -22.35 -15.42 25.54
N SER D 51 -22.20 -15.94 24.32
CA SER D 51 -22.71 -17.27 23.98
C SER D 51 -21.70 -18.34 24.41
N GLN D 52 -22.01 -19.60 24.12
CA GLN D 52 -21.19 -20.74 24.50
C GLN D 52 -20.83 -21.56 23.26
N TYR D 53 -19.76 -22.33 23.38
CA TYR D 53 -19.30 -23.21 22.31
C TYR D 53 -18.98 -24.59 22.87
N GLY D 54 -18.97 -25.58 21.98
CA GLY D 54 -18.66 -26.94 22.34
C GLY D 54 -19.81 -27.75 22.87
N LEU D 55 -21.00 -27.17 22.99
CA LEU D 55 -22.14 -27.86 23.57
C LEU D 55 -23.03 -28.45 22.48
N LYS D 62 -22.34 -31.59 22.18
CA LYS D 62 -22.10 -31.81 20.76
C LYS D 62 -20.74 -31.25 20.37
N GLY D 63 -20.17 -31.77 19.29
CA GLY D 63 -18.80 -31.46 18.93
C GLY D 63 -18.56 -30.02 18.52
N ARG D 64 -19.08 -29.61 17.37
CA ARG D 64 -18.85 -28.28 16.81
C ARG D 64 -20.19 -27.60 16.55
N THR D 65 -20.73 -26.96 17.58
CA THR D 65 -21.93 -26.12 17.48
C THR D 65 -21.79 -25.03 18.53
N MET D 66 -22.82 -24.21 18.70
CA MET D 66 -22.75 -23.14 19.69
C MET D 66 -24.16 -22.76 20.12
N ARG D 67 -24.30 -22.49 21.41
CA ARG D 67 -25.59 -22.29 22.08
C ARG D 67 -25.71 -20.83 22.50
N TYR D 68 -26.87 -20.22 22.22
CA TYR D 68 -27.08 -18.82 22.55
C TYR D 68 -28.57 -18.57 22.80
N ASP D 69 -28.84 -17.48 23.50
CA ASP D 69 -30.15 -17.19 24.10
C ASP D 69 -30.85 -16.04 23.37
N MET D 70 -32.18 -16.15 23.28
CA MET D 70 -33.00 -15.04 22.80
C MET D 70 -34.29 -15.06 23.63
N HIS D 71 -34.54 -14.00 24.39
CA HIS D 71 -35.79 -13.85 25.14
C HIS D 71 -35.98 -14.98 26.16
N GLY D 72 -34.87 -15.53 26.65
CA GLY D 72 -34.91 -16.64 27.59
C GLY D 72 -34.94 -18.01 26.92
N THR D 73 -35.28 -18.06 25.63
CA THR D 73 -35.28 -19.32 24.90
C THR D 73 -33.91 -19.55 24.28
N ILE D 74 -33.29 -20.67 24.61
CA ILE D 74 -31.95 -20.99 24.13
C ILE D 74 -32.05 -21.88 22.90
N LYS D 75 -31.18 -21.62 21.93
CA LYS D 75 -31.09 -22.42 20.71
C LYS D 75 -29.62 -22.69 20.41
N GLU D 76 -29.40 -23.61 19.46
CA GLU D 76 -28.06 -24.02 19.07
C GLU D 76 -27.95 -23.95 17.56
N ILE D 77 -26.77 -23.56 17.06
CA ILE D 77 -26.54 -23.50 15.61
C ILE D 77 -25.14 -24.01 15.28
N PRO D 78 -24.87 -24.44 14.05
CA PRO D 78 -23.51 -24.81 13.68
C PRO D 78 -22.56 -23.62 13.69
N LEU D 79 -21.27 -23.92 13.89
CA LEU D 79 -20.26 -22.88 13.91
C LEU D 79 -20.08 -22.26 12.52
N HIS D 80 -20.21 -23.06 11.47
CA HIS D 80 -19.89 -22.60 10.12
C HIS D 80 -20.82 -21.52 9.60
N GLN D 81 -21.95 -21.26 10.27
CA GLN D 81 -22.87 -20.23 9.85
C GLN D 81 -22.47 -18.83 10.30
N VAL D 82 -21.35 -18.70 11.02
CA VAL D 82 -20.87 -17.41 11.52
C VAL D 82 -19.59 -17.05 10.79
N SER D 83 -19.42 -15.75 10.54
CA SER D 83 -18.22 -15.22 9.88
C SER D 83 -17.77 -13.96 10.60
N LEU D 84 -16.54 -13.53 10.32
CA LEU D 84 -15.96 -12.41 11.05
C LEU D 84 -14.83 -11.82 10.21
N TYR D 85 -14.42 -10.61 10.60
CA TYR D 85 -13.34 -9.92 9.91
C TYR D 85 -12.86 -8.75 10.75
N THR D 86 -11.54 -8.60 10.87
CA THR D 86 -10.99 -7.39 11.46
C THR D 86 -11.10 -6.23 10.47
N SER D 87 -10.40 -6.36 9.36
CA SER D 87 -10.66 -5.58 8.15
C SER D 87 -10.81 -6.53 6.96
N ARG D 88 -10.21 -7.72 7.06
CA ARG D 88 -10.28 -8.77 6.06
C ARG D 88 -10.94 -10.01 6.66
N PRO D 89 -11.50 -10.90 5.83
CA PRO D 89 -12.13 -12.11 6.39
C PRO D 89 -11.16 -12.95 7.19
N CYS D 90 -11.67 -13.58 8.26
CA CYS D 90 -10.86 -14.41 9.14
C CYS D 90 -11.12 -15.89 8.86
N HIS D 91 -10.38 -16.74 9.58
CA HIS D 91 -10.57 -18.18 9.57
C HIS D 91 -10.69 -18.66 11.00
N ILE D 92 -11.72 -19.46 11.28
CA ILE D 92 -11.93 -19.98 12.63
C ILE D 92 -10.94 -21.09 12.92
N VAL D 93 -10.38 -21.09 14.13
CA VAL D 93 -9.57 -22.20 14.62
C VAL D 93 -10.47 -23.12 15.43
N ASP D 94 -11.05 -22.61 16.52
CA ASP D 94 -12.00 -23.40 17.30
C ASP D 94 -12.68 -22.57 18.39
N GLY D 95 -13.57 -23.20 19.15
CA GLY D 95 -14.24 -22.52 20.25
C GLY D 95 -14.61 -23.52 21.33
N HIS D 96 -14.47 -23.06 22.58
CA HIS D 96 -14.80 -23.88 23.74
C HIS D 96 -15.43 -22.99 24.80
N GLY D 97 -16.62 -23.37 25.25
CA GLY D 97 -17.31 -22.60 26.26
C GLY D 97 -17.53 -21.18 25.81
N TYR D 98 -17.20 -20.22 26.68
CA TYR D 98 -17.31 -18.82 26.33
C TYR D 98 -16.18 -18.34 25.44
N PHE D 99 -15.07 -19.06 25.37
CA PHE D 99 -13.89 -18.56 24.66
C PHE D 99 -13.84 -19.09 23.24
N LEU D 100 -13.25 -18.27 22.36
CA LEU D 100 -13.06 -18.63 20.94
C LEU D 100 -11.63 -18.31 20.57
N LEU D 101 -11.05 -19.09 19.66
CA LEU D 101 -9.72 -18.84 19.13
C LEU D 101 -9.79 -18.87 17.60
N ALA D 102 -9.12 -17.90 16.97
CA ALA D 102 -9.12 -17.77 15.52
C ALA D 102 -7.80 -17.14 15.11
N ARG D 103 -7.66 -16.85 13.82
CA ARG D 103 -6.41 -16.30 13.27
C ARG D 103 -6.76 -15.44 12.06
N CYS D 104 -6.40 -14.15 12.13
CA CYS D 104 -6.58 -13.24 11.00
C CYS D 104 -5.88 -11.91 11.28
N PRO D 105 -5.57 -11.10 10.25
CA PRO D 105 -4.59 -10.03 10.42
C PRO D 105 -5.11 -8.79 11.14
N ALA D 106 -4.29 -7.75 11.19
CA ALA D 106 -4.56 -6.55 11.97
C ALA D 106 -5.84 -5.85 11.48
N GLY D 107 -6.25 -4.85 12.25
CA GLY D 107 -7.46 -4.09 11.98
C GLY D 107 -7.81 -3.17 13.14
N ASP D 108 -8.32 -1.98 12.83
CA ASP D 108 -8.65 -1.03 13.89
C ASP D 108 -9.80 -1.52 14.76
N SER D 109 -10.73 -2.28 14.16
CA SER D 109 -11.87 -2.83 14.87
C SER D 109 -12.07 -4.27 14.39
N ILE D 110 -13.05 -4.98 14.97
CA ILE D 110 -13.38 -6.32 14.51
C ILE D 110 -14.89 -6.41 14.45
N THR D 111 -15.41 -7.07 13.41
CA THR D 111 -16.84 -7.26 13.23
C THR D 111 -17.16 -8.74 13.01
N MET D 112 -18.10 -9.25 13.79
CA MET D 112 -18.68 -10.58 13.70
C MET D 112 -20.13 -10.51 13.23
N GLU D 113 -20.52 -11.49 12.44
CA GLU D 113 -21.82 -11.48 11.80
C GLU D 113 -22.28 -12.91 11.54
N PHE D 114 -23.60 -13.12 11.59
CA PHE D 114 -24.20 -14.39 11.20
C PHE D 114 -25.67 -14.14 10.90
N LYS D 115 -26.34 -15.19 10.41
CA LYS D 115 -27.74 -15.08 10.01
C LYS D 115 -28.39 -16.44 10.24
N LYS D 116 -29.09 -16.58 11.37
CA LYS D 116 -29.78 -17.84 11.68
C LYS D 116 -31.10 -17.92 10.92
N ASP D 117 -32.03 -17.02 11.22
CA ASP D 117 -33.23 -16.82 10.42
C ASP D 117 -32.88 -15.83 9.32
N SER D 118 -33.88 -15.27 8.64
CA SER D 118 -33.63 -14.22 7.64
C SER D 118 -33.46 -12.87 8.32
N VAL D 119 -32.48 -12.82 9.23
CA VAL D 119 -32.16 -11.61 9.99
C VAL D 119 -30.67 -11.65 10.31
N ARG D 120 -30.00 -10.53 10.07
CA ARG D 120 -28.55 -10.44 10.23
C ARG D 120 -28.23 -9.98 11.65
N HIS D 121 -27.59 -10.84 12.43
CA HIS D 121 -27.14 -10.51 13.79
C HIS D 121 -25.63 -10.31 13.77
N SER D 122 -25.19 -9.15 14.24
CA SER D 122 -23.79 -8.77 14.11
C SER D 122 -23.40 -7.84 15.25
N CYS D 123 -22.09 -7.69 15.43
CA CYS D 123 -21.50 -6.66 16.28
C CYS D 123 -20.10 -6.29 15.80
N SER D 124 -19.80 -4.99 15.93
CA SER D 124 -18.48 -4.45 15.68
C SER D 124 -17.97 -3.81 16.96
N VAL D 125 -16.69 -4.05 17.27
CA VAL D 125 -16.08 -3.53 18.49
C VAL D 125 -14.73 -2.90 18.13
N PRO D 126 -14.37 -1.70 18.66
CA PRO D 126 -13.06 -1.11 18.33
C PRO D 126 -11.92 -1.52 19.27
N TYR D 127 -11.40 -2.73 19.05
CA TYR D 127 -10.21 -3.22 19.72
C TYR D 127 -9.07 -3.32 18.72
N GLU D 128 -7.94 -2.72 19.06
CA GLU D 128 -6.79 -2.71 18.16
C GLU D 128 -6.27 -4.12 17.98
N VAL D 129 -6.08 -4.51 16.71
CA VAL D 129 -5.51 -5.81 16.35
C VAL D 129 -4.13 -5.54 15.77
N LYS D 130 -3.11 -6.15 16.36
CA LYS D 130 -1.72 -5.94 15.97
C LYS D 130 -1.13 -7.27 15.54
N PHE D 131 -0.84 -7.38 14.24
CA PHE D 131 -0.03 -8.50 13.75
C PHE D 131 1.41 -8.27 14.15
N ASN D 132 1.95 -9.14 15.01
CA ASN D 132 3.27 -8.95 15.58
C ASN D 132 4.24 -9.92 14.92
N PRO D 133 5.13 -9.48 14.03
CA PRO D 133 6.08 -10.41 13.42
C PRO D 133 7.16 -10.85 14.40
N VAL D 134 7.90 -11.88 14.00
CA VAL D 134 8.89 -12.51 14.84
C VAL D 134 10.27 -12.02 14.43
N GLY D 135 11.15 -11.87 15.42
CA GLY D 135 12.55 -11.69 15.14
C GLY D 135 12.87 -10.35 14.50
N ARG D 136 13.85 -10.37 13.61
CA ARG D 136 14.45 -9.16 13.07
C ARG D 136 14.03 -8.89 11.62
N GLU D 137 13.04 -9.61 11.11
CA GLU D 137 12.49 -9.36 9.78
C GLU D 137 10.98 -9.20 9.91
N LEU D 138 10.50 -7.97 9.79
CA LEU D 138 9.10 -7.63 10.04
C LEU D 138 8.32 -7.77 8.74
N TYR D 139 7.34 -8.67 8.73
CA TYR D 139 6.50 -8.94 7.57
C TYR D 139 5.03 -8.72 7.94
N THR D 140 4.14 -9.01 6.98
CA THR D 140 2.71 -8.83 7.16
C THR D 140 1.92 -10.13 7.24
N HIS D 141 2.48 -11.23 6.75
CA HIS D 141 1.80 -12.53 6.77
C HIS D 141 2.86 -13.61 6.88
N PRO D 142 2.51 -14.79 7.40
CA PRO D 142 3.50 -15.85 7.58
C PRO D 142 4.09 -16.28 6.26
N PRO D 143 5.39 -16.61 6.20
CA PRO D 143 5.98 -17.11 4.96
C PRO D 143 5.84 -18.62 4.84
N GLU D 144 6.36 -19.15 3.72
CA GLU D 144 6.34 -20.57 3.45
C GLU D 144 7.61 -21.28 3.89
N HIS D 145 8.73 -20.57 3.99
CA HIS D 145 10.02 -21.17 4.35
C HIS D 145 10.68 -20.29 5.41
N GLY D 146 11.82 -20.74 5.88
CA GLY D 146 12.57 -20.03 6.90
C GLY D 146 13.33 -21.00 7.79
N VAL D 147 13.58 -20.57 9.02
CA VAL D 147 14.19 -21.42 10.05
C VAL D 147 13.38 -21.29 11.33
N GLU D 148 13.47 -22.30 12.18
CA GLU D 148 12.61 -22.41 13.35
C GLU D 148 13.23 -21.65 14.52
N GLN D 149 12.47 -20.68 15.05
CA GLN D 149 12.85 -19.94 16.25
C GLN D 149 11.77 -20.07 17.30
N ALA D 150 12.17 -19.90 18.57
CA ALA D 150 11.21 -19.95 19.66
C ALA D 150 10.18 -18.83 19.51
N CYS D 151 8.91 -19.18 19.66
CA CYS D 151 7.82 -18.21 19.56
C CYS D 151 6.80 -18.52 20.64
N GLN D 152 5.94 -17.53 20.92
CA GLN D 152 4.92 -17.63 21.94
C GLN D 152 3.55 -17.50 21.30
N VAL D 153 2.73 -18.55 21.42
CA VAL D 153 1.43 -18.59 20.75
C VAL D 153 0.44 -19.27 21.67
N TYR D 154 -0.85 -19.00 21.45
CA TYR D 154 -1.89 -19.69 22.19
C TYR D 154 -1.96 -21.14 21.76
N ALA D 155 -2.24 -22.02 22.73
CA ALA D 155 -2.29 -23.45 22.50
C ALA D 155 -3.70 -23.83 22.04
N HIS D 156 -3.80 -24.47 20.88
CA HIS D 156 -5.11 -24.81 20.33
C HIS D 156 -5.87 -25.78 21.22
N ASP D 157 -5.16 -26.58 22.01
CA ASP D 157 -5.83 -27.52 22.90
C ASP D 157 -6.48 -26.79 24.06
N ALA D 158 -7.33 -27.51 24.79
CA ALA D 158 -8.00 -27.01 25.99
C ALA D 158 -7.47 -27.79 27.18
N GLN D 159 -6.67 -27.13 28.01
CA GLN D 159 -6.01 -27.75 29.14
C GLN D 159 -6.22 -26.89 30.39
N ASN D 160 -6.09 -27.54 31.55
CA ASN D 160 -6.29 -26.85 32.83
C ASN D 160 -4.96 -26.30 33.33
N ARG D 161 -4.90 -24.98 33.52
CA ARG D 161 -3.68 -24.29 33.94
C ARG D 161 -3.97 -23.46 35.18
N GLY D 162 -3.01 -22.65 35.62
CA GLY D 162 -3.09 -21.94 36.88
C GLY D 162 -3.85 -20.63 36.87
N ALA D 163 -4.58 -20.32 35.80
CA ALA D 163 -5.39 -19.10 35.71
C ALA D 163 -6.86 -19.48 35.76
N TYR D 164 -7.62 -18.81 36.62
CA TYR D 164 -9.03 -19.12 36.87
C TYR D 164 -9.89 -17.90 36.60
N VAL D 165 -11.19 -18.16 36.47
CA VAL D 165 -12.22 -17.14 36.22
C VAL D 165 -13.37 -17.37 37.19
N GLU D 166 -14.24 -16.36 37.30
CA GLU D 166 -15.29 -16.34 38.31
C GLU D 166 -16.65 -16.16 37.66
N MET D 167 -17.68 -16.78 38.25
CA MET D 167 -19.07 -16.59 37.87
C MET D 167 -19.93 -16.57 39.13
N HIS D 168 -21.19 -16.13 38.97
CA HIS D 168 -22.12 -15.99 40.07
C HIS D 168 -23.49 -16.47 39.62
N LEU D 169 -24.38 -16.66 40.60
CA LEU D 169 -25.76 -17.01 40.27
C LEU D 169 -26.44 -15.83 39.59
N PRO D 170 -27.32 -16.06 38.61
CA PRO D 170 -27.96 -14.93 37.94
C PRO D 170 -28.92 -14.19 38.86
N GLY D 171 -29.22 -12.95 38.47
CA GLY D 171 -30.09 -12.10 39.26
C GLY D 171 -31.55 -12.21 38.88
N SER D 172 -32.14 -11.09 38.47
CA SER D 172 -33.57 -10.98 38.23
C SER D 172 -33.79 -10.17 36.97
N GLU D 173 -34.32 -10.81 35.93
CA GLU D 173 -34.32 -10.27 34.57
C GLU D 173 -35.72 -9.80 34.18
N VAL D 174 -35.84 -8.50 33.87
CA VAL D 174 -37.12 -7.94 33.50
C VAL D 174 -37.56 -8.44 32.13
N ASP D 175 -38.87 -8.45 31.89
CA ASP D 175 -39.44 -8.83 30.61
C ASP D 175 -40.78 -8.13 30.44
N SER D 176 -40.89 -7.29 29.41
CA SER D 176 -42.09 -6.51 29.19
C SER D 176 -43.21 -7.32 28.55
N SER D 177 -42.93 -8.52 28.05
CA SER D 177 -43.93 -9.35 27.38
C SER D 177 -44.59 -10.36 28.31
N LEU D 178 -43.95 -10.73 29.41
CA LEU D 178 -44.53 -11.73 30.31
C LEU D 178 -45.82 -11.22 30.93
N VAL D 179 -45.83 -9.96 31.38
CA VAL D 179 -47.05 -9.38 31.92
C VAL D 179 -48.07 -9.23 30.80
N SER D 180 -49.28 -9.71 31.05
CA SER D 180 -50.34 -9.78 30.06
C SER D 180 -51.62 -9.16 30.61
N LEU D 181 -52.60 -9.01 29.73
CA LEU D 181 -53.89 -8.42 30.07
C LEU D 181 -55.00 -9.41 29.76
N SER D 182 -55.82 -9.69 30.76
CA SER D 182 -57.08 -10.38 30.58
C SER D 182 -58.14 -9.35 30.19
N GLY D 183 -59.41 -9.72 30.28
CA GLY D 183 -60.51 -8.80 30.06
C GLY D 183 -60.30 -7.45 30.75
N SER D 184 -60.14 -7.48 32.07
CA SER D 184 -59.75 -6.28 32.81
C SER D 184 -58.97 -6.73 34.05
N SER D 185 -57.65 -6.81 33.91
CA SER D 185 -56.76 -7.20 35.01
C SER D 185 -55.34 -7.17 34.48
N VAL D 186 -54.39 -7.24 35.41
CA VAL D 186 -52.97 -7.41 35.09
C VAL D 186 -52.58 -8.81 35.51
N THR D 187 -52.18 -9.63 34.56
CA THR D 187 -51.88 -11.05 34.81
C THR D 187 -50.40 -11.32 34.58
N VAL D 188 -49.87 -12.24 35.37
CA VAL D 188 -48.49 -12.68 35.27
C VAL D 188 -48.51 -14.16 34.92
N THR D 189 -47.89 -14.51 33.79
CA THR D 189 -47.90 -15.86 33.24
C THR D 189 -46.45 -16.25 32.96
N PRO D 190 -45.73 -16.76 33.95
CA PRO D 190 -44.29 -17.00 33.77
C PRO D 190 -44.04 -18.12 32.78
N PRO D 191 -42.79 -18.31 32.34
CA PRO D 191 -42.50 -19.41 31.43
C PRO D 191 -42.72 -20.77 32.10
N ASP D 192 -42.73 -21.81 31.27
CA ASP D 192 -43.02 -23.15 31.77
C ASP D 192 -41.95 -23.61 32.75
N GLY D 193 -42.40 -24.09 33.91
CA GLY D 193 -41.52 -24.63 34.91
C GLY D 193 -40.46 -23.66 35.39
N THR D 194 -40.89 -22.48 35.86
CA THR D 194 -39.96 -21.45 36.31
C THR D 194 -40.65 -20.63 37.40
N SER D 195 -39.84 -19.93 38.19
CA SER D 195 -40.32 -19.06 39.26
C SER D 195 -40.10 -17.62 38.84
N ALA D 196 -41.12 -16.79 38.98
CA ALA D 196 -41.05 -15.38 38.60
C ALA D 196 -41.64 -14.53 39.71
N LEU D 197 -41.01 -13.40 39.97
CA LEU D 197 -41.49 -12.45 40.99
C LEU D 197 -41.87 -11.14 40.31
N VAL D 198 -42.70 -10.37 41.00
CA VAL D 198 -43.34 -9.20 40.42
C VAL D 198 -43.32 -8.06 41.43
N GLU D 199 -43.14 -6.85 40.90
CA GLU D 199 -43.10 -5.64 41.71
C GLU D 199 -43.96 -4.58 41.03
N CYS D 200 -45.00 -4.10 41.72
CA CYS D 200 -45.93 -3.13 41.16
C CYS D 200 -46.11 -1.98 42.15
N GLU D 201 -46.27 -0.77 41.60
CA GLU D 201 -46.33 0.46 42.40
C GLU D 201 -47.45 1.37 41.89
N CYS D 202 -48.65 0.80 41.70
CA CYS D 202 -49.79 1.61 41.28
C CYS D 202 -50.39 2.37 42.45
N GLY D 203 -50.64 1.68 43.55
CA GLY D 203 -51.13 2.25 44.79
C GLY D 203 -49.99 2.41 45.76
N GLY D 204 -49.85 1.48 46.70
CA GLY D 204 -48.69 1.42 47.55
C GLY D 204 -47.57 0.72 46.81
N THR D 205 -47.01 -0.34 47.39
CA THR D 205 -45.99 -1.15 46.73
C THR D 205 -46.25 -2.61 47.02
N LYS D 206 -46.57 -3.37 45.97
CA LYS D 206 -46.87 -4.80 46.08
C LYS D 206 -45.74 -5.57 45.41
N ILE D 207 -44.97 -6.30 46.21
CA ILE D 207 -43.91 -7.18 45.71
C ILE D 207 -44.25 -8.61 46.13
N SER D 208 -44.31 -9.51 45.15
CA SER D 208 -44.78 -10.86 45.42
C SER D 208 -44.04 -11.83 44.49
N GLU D 209 -44.32 -13.13 44.67
CA GLU D 209 -43.69 -14.19 43.89
C GLU D 209 -44.74 -15.18 43.44
N THR D 210 -44.46 -15.87 42.34
CA THR D 210 -45.35 -16.91 41.81
C THR D 210 -44.52 -17.93 41.06
N ILE D 211 -44.79 -19.21 41.32
CA ILE D 211 -44.07 -20.32 40.72
C ILE D 211 -45.09 -21.22 40.04
N ASN D 212 -44.93 -21.40 38.72
CA ASN D 212 -45.81 -22.19 37.86
C ASN D 212 -47.29 -21.97 38.18
N LYS D 213 -47.66 -20.73 38.51
CA LYS D 213 -49.02 -20.39 38.91
C LYS D 213 -49.31 -18.99 38.37
N THR D 214 -50.06 -18.94 37.27
CA THR D 214 -50.43 -17.66 36.68
C THR D 214 -51.27 -16.86 37.67
N LYS D 215 -50.81 -15.64 37.99
CA LYS D 215 -51.38 -14.85 39.06
C LYS D 215 -52.02 -13.59 38.50
N GLN D 216 -53.24 -13.30 38.93
CA GLN D 216 -54.02 -12.17 38.46
C GLN D 216 -54.08 -11.09 39.54
N PHE D 217 -54.13 -9.83 39.10
CA PHE D 217 -54.29 -8.69 39.98
C PHE D 217 -55.34 -7.77 39.38
N SER D 218 -56.38 -7.48 40.16
CA SER D 218 -57.49 -6.65 39.68
C SER D 218 -57.12 -5.17 39.71
N GLN D 219 -56.57 -4.70 40.83
CA GLN D 219 -56.14 -3.32 40.95
C GLN D 219 -54.97 -3.06 40.01
N CYS D 220 -54.55 -1.80 39.89
CA CYS D 220 -53.44 -1.42 39.02
C CYS D 220 -53.75 -1.79 37.57
N THR D 221 -54.79 -1.16 37.02
CA THR D 221 -55.30 -1.48 35.68
C THR D 221 -54.49 -0.75 34.61
N LYS D 222 -53.19 -1.02 34.61
CA LYS D 222 -52.27 -0.42 33.64
C LYS D 222 -51.07 -1.36 33.50
N LYS D 223 -50.16 -1.01 32.59
CA LYS D 223 -49.01 -1.85 32.26
C LYS D 223 -47.70 -1.35 32.85
N GLU D 224 -47.53 -0.03 32.97
CA GLU D 224 -46.21 0.51 33.31
C GLU D 224 -45.79 0.11 34.73
N GLN D 225 -46.75 -0.04 35.64
CA GLN D 225 -46.40 -0.14 37.05
C GLN D 225 -45.67 -1.45 37.36
N CYS D 226 -46.03 -2.55 36.70
CA CYS D 226 -45.61 -3.88 37.11
C CYS D 226 -44.36 -4.31 36.34
N ARG D 227 -43.33 -4.71 37.08
CA ARG D 227 -42.12 -5.28 36.54
C ARG D 227 -42.06 -6.75 36.97
N ALA D 228 -41.91 -7.65 36.00
CA ALA D 228 -41.89 -9.09 36.23
C ALA D 228 -40.48 -9.59 35.95
N TYR D 229 -39.77 -9.98 37.02
CA TYR D 229 -38.46 -10.56 36.90
C TYR D 229 -38.56 -12.06 37.16
N ARG D 230 -37.43 -12.78 36.97
CA ARG D 230 -37.41 -14.23 37.07
C ARG D 230 -36.37 -14.65 38.11
N LEU D 231 -36.39 -15.95 38.45
CA LEU D 231 -35.39 -16.57 39.30
C LEU D 231 -34.78 -17.76 38.57
N GLN D 232 -33.50 -18.02 38.84
CA GLN D 232 -32.82 -19.19 38.36
C GLN D 232 -31.80 -19.63 39.40
N ASN D 233 -31.63 -20.95 39.55
CA ASN D 233 -30.82 -21.51 40.62
C ASN D 233 -29.84 -22.59 40.17
N ASP D 234 -29.97 -23.12 38.95
CA ASP D 234 -29.08 -24.17 38.45
C ASP D 234 -28.24 -23.70 37.26
N LYS D 235 -27.98 -22.39 37.17
CA LYS D 235 -27.19 -21.83 36.08
C LYS D 235 -26.43 -20.62 36.61
N TRP D 236 -25.47 -20.15 35.83
CA TRP D 236 -24.47 -19.19 36.27
C TRP D 236 -24.23 -18.14 35.19
N VAL D 237 -23.56 -17.05 35.57
CA VAL D 237 -23.23 -15.96 34.65
C VAL D 237 -21.93 -15.31 35.10
N TYR D 238 -21.12 -14.88 34.12
CA TYR D 238 -19.83 -14.27 34.43
C TYR D 238 -20.04 -12.86 35.00
N ASN D 239 -19.12 -12.46 35.89
CA ASN D 239 -19.17 -11.15 36.54
C ASN D 239 -18.73 -10.08 35.54
N SER D 240 -19.69 -9.66 34.72
CA SER D 240 -19.47 -8.62 33.72
C SER D 240 -20.12 -7.33 34.17
N ASP D 241 -19.58 -6.21 33.70
CA ASP D 241 -20.11 -4.89 34.03
C ASP D 241 -21.49 -4.65 33.41
N LYS D 242 -21.94 -5.50 32.49
CA LYS D 242 -23.18 -5.29 31.76
C LYS D 242 -24.37 -6.01 32.36
N LEU D 243 -24.24 -6.58 33.56
CA LEU D 243 -25.25 -7.50 34.07
C LEU D 243 -25.75 -7.10 35.46
N PRO D 244 -27.01 -7.45 35.81
CA PRO D 244 -27.53 -7.21 37.17
C PRO D 244 -27.15 -8.31 38.15
N LYS D 245 -25.97 -8.17 38.76
CA LYS D 245 -25.50 -9.18 39.70
C LYS D 245 -26.49 -9.34 40.85
N ALA D 246 -26.69 -10.60 41.26
CA ALA D 246 -27.77 -10.98 42.16
C ALA D 246 -27.46 -10.54 43.59
N ALA D 247 -28.41 -10.80 44.50
CA ALA D 247 -28.20 -10.51 45.90
C ALA D 247 -27.07 -11.38 46.45
N GLY D 248 -26.23 -10.78 47.30
CA GLY D 248 -25.09 -11.48 47.85
C GLY D 248 -23.90 -11.46 46.91
N ALA D 249 -22.70 -11.28 47.47
CA ALA D 249 -21.47 -11.23 46.69
C ALA D 249 -20.82 -12.59 46.52
N THR D 250 -21.60 -13.67 46.61
CA THR D 250 -21.03 -15.01 46.53
C THR D 250 -20.65 -15.36 45.10
N LEU D 251 -19.50 -16.03 44.96
CA LEU D 251 -19.02 -16.52 43.66
C LEU D 251 -19.23 -18.02 43.51
N LYS D 252 -18.98 -18.79 44.55
CA LYS D 252 -19.33 -20.21 44.68
C LYS D 252 -18.70 -21.12 43.64
N GLY D 253 -17.80 -20.62 42.79
CA GLY D 253 -17.17 -21.49 41.80
C GLY D 253 -16.19 -20.73 40.95
N LYS D 254 -15.23 -21.48 40.39
CA LYS D 254 -14.27 -20.94 39.46
C LYS D 254 -13.73 -22.08 38.62
N LEU D 255 -13.22 -21.74 37.43
CA LEU D 255 -12.86 -22.73 36.43
C LEU D 255 -11.59 -22.27 35.72
N HIS D 256 -10.87 -23.22 35.12
CA HIS D 256 -9.65 -22.89 34.40
C HIS D 256 -9.99 -22.12 33.12
N VAL D 257 -8.94 -21.80 32.36
CA VAL D 257 -9.08 -21.05 31.12
C VAL D 257 -8.35 -21.80 30.00
N PRO D 258 -8.95 -21.98 28.80
CA PRO D 258 -8.21 -22.63 27.71
C PRO D 258 -7.44 -21.62 26.88
N PHE D 259 -6.74 -22.11 25.85
CA PHE D 259 -6.06 -21.26 24.87
C PHE D 259 -5.04 -20.32 25.52
N LEU D 260 -4.37 -20.79 26.57
CA LEU D 260 -3.32 -19.99 27.17
C LEU D 260 -2.08 -19.97 26.28
N LEU D 261 -1.24 -18.96 26.51
CA LEU D 261 -0.04 -18.75 25.71
C LEU D 261 1.07 -19.67 26.18
N ALA D 262 1.50 -20.58 25.30
CA ALA D 262 2.64 -21.46 25.53
C ALA D 262 3.72 -21.14 24.49
N ASP D 263 4.80 -21.92 24.53
CA ASP D 263 5.95 -21.72 23.66
C ASP D 263 6.02 -22.83 22.63
N GLY D 264 6.22 -22.44 21.37
CA GLY D 264 6.41 -23.37 20.27
C GLY D 264 7.53 -22.92 19.37
N LYS D 265 7.66 -23.56 18.20
CA LYS D 265 8.68 -23.23 17.22
C LYS D 265 8.00 -22.70 15.97
N CYS D 266 8.39 -21.50 15.53
CA CYS D 266 7.79 -20.82 14.39
C CYS D 266 8.84 -20.60 13.32
N THR D 267 8.45 -20.81 12.07
CA THR D 267 9.35 -20.56 10.95
C THR D 267 9.43 -19.06 10.67
N VAL D 268 10.66 -18.57 10.51
CA VAL D 268 10.92 -17.14 10.30
C VAL D 268 11.73 -16.98 9.02
N PRO D 269 11.43 -16.02 8.16
CA PRO D 269 12.10 -15.96 6.85
C PRO D 269 13.53 -15.48 6.97
N LEU D 270 14.32 -15.80 5.94
CA LEU D 270 15.72 -15.43 5.87
C LEU D 270 15.92 -14.39 4.79
N ALA D 271 16.60 -13.30 5.13
CA ALA D 271 16.76 -12.20 4.18
C ALA D 271 17.80 -12.53 3.12
N PRO D 272 17.77 -11.85 1.98
CA PRO D 272 18.84 -12.03 0.99
C PRO D 272 20.19 -11.59 1.54
N GLU D 273 21.25 -12.22 1.05
CA GLU D 273 22.59 -11.93 1.52
C GLU D 273 23.11 -10.66 0.85
N PRO D 274 23.47 -9.61 1.60
CA PRO D 274 24.06 -8.44 0.96
C PRO D 274 25.44 -8.73 0.37
N MET D 275 25.80 -7.97 -0.65
CA MET D 275 27.10 -8.11 -1.30
C MET D 275 28.10 -7.16 -0.66
N ILE D 276 29.36 -7.59 -0.62
CA ILE D 276 30.41 -6.94 0.15
C ILE D 276 31.59 -6.62 -0.78
N THR D 277 32.16 -5.43 -0.60
CA THR D 277 33.40 -5.03 -1.26
C THR D 277 34.36 -4.50 -0.20
N PHE D 278 35.63 -4.83 -0.33
CA PHE D 278 36.63 -4.56 0.69
C PHE D 278 37.47 -3.35 0.33
N GLY D 279 38.17 -2.83 1.33
CA GLY D 279 39.14 -1.76 1.13
C GLY D 279 39.84 -1.49 2.45
N PHE D 280 40.93 -0.72 2.35
CA PHE D 280 41.76 -0.44 3.51
C PHE D 280 40.96 0.21 4.62
N ARG D 281 40.73 -0.52 5.71
CA ARG D 281 39.94 -0.04 6.84
C ARG D 281 38.56 0.43 6.40
N SER D 282 37.99 -0.22 5.38
CA SER D 282 36.69 0.17 4.87
C SER D 282 36.02 -1.01 4.21
N VAL D 283 34.69 -1.04 4.29
CA VAL D 283 33.89 -2.09 3.65
C VAL D 283 32.61 -1.44 3.13
N SER D 284 32.35 -1.63 1.83
CA SER D 284 31.13 -1.18 1.20
C SER D 284 30.15 -2.33 1.06
N LEU D 285 28.89 -2.06 1.36
CA LEU D 285 27.82 -3.05 1.32
C LEU D 285 26.75 -2.59 0.34
N LYS D 286 26.42 -3.50 -0.59
CA LYS D 286 25.28 -3.39 -1.49
C LYS D 286 24.17 -4.27 -0.92
N LEU D 287 22.95 -3.74 -0.91
CA LEU D 287 21.83 -4.39 -0.24
C LEU D 287 20.56 -4.23 -1.07
N HIS D 288 19.67 -5.22 -0.96
CA HIS D 288 18.44 -5.26 -1.75
C HIS D 288 17.35 -6.02 -1.00
N PRO D 289 16.53 -5.35 -0.17
CA PRO D 289 15.54 -6.07 0.65
C PRO D 289 14.19 -6.22 -0.03
N LYS D 290 13.64 -7.44 -0.05
CA LYS D 290 12.24 -7.59 -0.43
C LYS D 290 11.33 -6.96 0.61
N ASN D 291 11.66 -7.13 1.89
CA ASN D 291 10.83 -6.74 3.01
C ASN D 291 11.64 -5.85 3.96
N PRO D 292 11.00 -4.86 4.62
CA PRO D 292 11.70 -4.15 5.70
C PRO D 292 12.39 -5.08 6.68
N THR D 293 13.70 -4.92 6.83
CA THR D 293 14.50 -5.80 7.66
C THR D 293 15.54 -4.96 8.41
N TYR D 294 16.01 -5.50 9.53
CA TYR D 294 16.87 -4.78 10.46
C TYR D 294 18.34 -5.03 10.20
N LEU D 295 19.15 -4.02 10.52
CA LEU D 295 20.60 -4.13 10.58
C LEU D 295 21.05 -3.79 12.00
N ILE D 296 21.99 -4.61 12.52
CA ILE D 296 22.62 -4.36 13.81
C ILE D 296 24.12 -4.55 13.65
N THR D 297 24.92 -3.55 14.02
CA THR D 297 26.37 -3.67 13.91
C THR D 297 27.06 -2.99 15.09
N ARG D 298 28.26 -3.47 15.40
CA ARG D 298 29.06 -2.88 16.47
C ARG D 298 30.53 -3.28 16.32
N GLN D 299 31.38 -2.54 17.03
CA GLN D 299 32.77 -2.90 17.17
C GLN D 299 32.92 -3.93 18.29
N LEU D 300 33.97 -4.77 18.18
CA LEU D 300 34.33 -5.72 19.23
C LEU D 300 35.28 -5.11 20.25
N ALA D 301 35.31 -3.79 20.37
CA ALA D 301 36.27 -3.06 21.18
C ALA D 301 35.61 -2.57 22.47
N ASP D 302 36.35 -1.77 23.23
CA ASP D 302 35.86 -1.29 24.52
C ASP D 302 34.60 -0.44 24.38
N GLU D 303 34.39 0.18 23.21
CA GLU D 303 33.21 1.01 22.95
C GLU D 303 32.65 0.62 21.59
N PRO D 304 31.35 0.29 21.48
CA PRO D 304 30.85 -0.32 20.25
C PRO D 304 30.57 0.63 19.09
N HIS D 305 30.11 1.85 19.39
CA HIS D 305 29.44 2.68 18.39
C HIS D 305 28.33 1.89 17.70
N TYR D 306 27.48 1.25 18.51
CA TYR D 306 26.46 0.36 17.97
C TYR D 306 25.51 1.13 17.05
N THR D 307 25.22 0.53 15.90
CA THR D 307 24.24 1.07 14.96
C THR D 307 23.15 0.03 14.76
N HIS D 308 21.92 0.52 14.60
CA HIS D 308 20.72 -0.26 14.84
C HIS D 308 19.54 0.39 14.14
N GLU D 309 19.05 -0.22 13.04
CA GLU D 309 17.95 0.44 12.35
C GLU D 309 17.25 -0.51 11.38
N LEU D 310 16.21 0.03 10.73
CA LEU D 310 15.30 -0.69 9.82
C LEU D 310 15.44 -0.12 8.41
N ILE D 311 15.90 -0.97 7.47
CA ILE D 311 16.00 -0.58 6.06
C ILE D 311 14.92 -1.30 5.27
N SER D 312 14.35 -0.60 4.29
CA SER D 312 13.24 -1.09 3.49
C SER D 312 13.47 -1.04 1.99
N GLU D 313 14.53 -0.42 1.52
CA GLU D 313 14.82 -0.25 0.10
C GLU D 313 16.28 -0.57 -0.17
N PRO D 314 16.64 -0.97 -1.41
CA PRO D 314 18.04 -1.28 -1.71
C PRO D 314 18.96 -0.09 -1.47
N ALA D 315 19.84 -0.21 -0.47
CA ALA D 315 20.71 0.87 -0.06
C ALA D 315 22.17 0.42 -0.11
N VAL D 316 23.06 1.39 -0.29
CA VAL D 316 24.49 1.16 -0.33
C VAL D 316 25.12 1.96 0.80
N ARG D 317 26.08 1.36 1.50
CA ARG D 317 26.72 2.05 2.62
C ARG D 317 28.16 1.58 2.82
N ASN D 318 29.03 2.53 3.15
CA ASN D 318 30.43 2.26 3.43
C ASN D 318 30.68 2.46 4.93
N PHE D 319 31.22 1.45 5.59
CA PHE D 319 31.58 1.50 6.99
C PHE D 319 33.09 1.38 7.16
N THR D 320 33.56 1.86 8.31
CA THR D 320 34.97 1.90 8.64
C THR D 320 35.26 0.82 9.69
N VAL D 321 36.36 0.09 9.50
CA VAL D 321 36.71 -1.05 10.34
C VAL D 321 38.18 -0.97 10.71
N THR D 322 38.53 -1.52 11.88
CA THR D 322 39.89 -1.49 12.39
C THR D 322 40.42 -2.88 12.67
N GLU D 323 41.63 -2.96 13.25
CA GLU D 323 42.23 -4.25 13.56
C GLU D 323 41.43 -4.99 14.64
N LYS D 324 40.84 -4.25 15.57
CA LYS D 324 40.06 -4.86 16.65
C LYS D 324 38.90 -5.66 16.07
N GLY D 325 38.38 -5.23 14.93
CA GLY D 325 37.44 -6.01 14.16
C GLY D 325 36.14 -5.28 13.87
N TRP D 326 35.09 -6.06 13.63
CA TRP D 326 33.77 -5.56 13.29
C TRP D 326 32.80 -6.72 13.41
N GLU D 327 31.57 -6.42 13.85
CA GLU D 327 30.56 -7.45 14.02
C GLU D 327 29.24 -6.91 13.51
N PHE D 328 28.48 -7.77 12.83
CA PHE D 328 27.22 -7.33 12.24
C PHE D 328 26.27 -8.50 12.06
N VAL D 329 24.98 -8.22 12.25
CA VAL D 329 23.89 -9.17 12.10
C VAL D 329 22.85 -8.56 11.17
N TRP D 330 22.46 -9.31 10.15
CA TRP D 330 21.48 -8.92 9.14
C TRP D 330 20.22 -9.75 9.33
N GLY D 331 19.19 -9.12 9.91
CA GLY D 331 17.92 -9.79 10.10
C GLY D 331 18.04 -11.07 10.89
N ASN D 332 17.61 -12.19 10.30
CA ASN D 332 17.62 -13.49 10.96
C ASN D 332 18.87 -14.28 10.65
N HIS D 333 19.82 -13.71 9.85
CA HIS D 333 21.06 -14.44 9.59
C HIS D 333 21.94 -14.45 10.83
N PRO D 334 22.87 -15.41 10.97
CA PRO D 334 23.72 -15.44 12.16
C PRO D 334 24.68 -14.26 12.18
N PRO D 335 25.29 -13.97 13.33
CA PRO D 335 26.27 -12.89 13.38
C PRO D 335 27.51 -13.23 12.57
N LYS D 336 28.15 -12.18 12.04
CA LYS D 336 29.39 -12.36 11.29
C LYS D 336 30.40 -11.32 11.75
N ARG D 337 31.67 -11.75 11.85
CA ARG D 337 32.75 -10.95 12.39
C ARG D 337 33.90 -10.85 11.40
N PHE D 338 34.58 -9.70 11.42
CA PHE D 338 35.80 -9.49 10.64
C PHE D 338 36.90 -8.85 11.49
N TRP D 339 38.11 -8.95 10.96
CA TRP D 339 39.32 -8.34 11.50
C TRP D 339 40.08 -7.71 10.34
N ALA D 340 40.47 -6.44 10.48
CA ALA D 340 41.26 -5.76 9.47
C ALA D 340 42.75 -5.97 9.74
N GLN D 341 43.56 -5.73 8.71
CA GLN D 341 45.01 -5.87 8.80
C GLN D 341 45.68 -4.85 7.89
N GLU D 342 46.95 -4.60 8.15
CA GLU D 342 47.70 -3.61 7.38
C GLU D 342 47.80 -4.04 5.92
N THR D 343 47.49 -3.11 5.02
CA THR D 343 47.57 -3.36 3.58
C THR D 343 47.79 -2.06 2.82
N TYR E 1 57.44 -29.70 40.38
CA TYR E 1 58.15 -28.38 40.32
C TYR E 1 57.16 -27.23 40.27
N GLU E 2 57.40 -26.20 41.07
CA GLU E 2 56.56 -25.02 41.07
C GLU E 2 56.81 -24.20 39.80
N HIS E 3 55.73 -23.67 39.24
CA HIS E 3 55.84 -22.84 38.04
C HIS E 3 54.71 -21.81 38.07
N ALA E 4 55.02 -20.58 37.67
CA ALA E 4 54.04 -19.51 37.63
C ALA E 4 54.09 -18.83 36.26
N THR E 5 52.92 -18.60 35.67
CA THR E 5 52.84 -17.98 34.35
C THR E 5 51.57 -17.15 34.28
N THR E 6 51.30 -16.60 33.09
CA THR E 6 50.09 -15.83 32.85
C THR E 6 49.58 -16.13 31.44
N MET E 7 48.27 -16.36 31.33
CA MET E 7 47.56 -16.67 30.11
C MET E 7 46.88 -15.42 29.55
N PRO E 8 47.06 -15.04 28.29
CA PRO E 8 46.20 -13.99 27.72
C PRO E 8 44.77 -14.51 27.57
N SER E 9 43.83 -13.84 28.23
CA SER E 9 42.48 -14.36 28.40
C SER E 9 41.70 -14.20 27.10
N GLN E 10 41.75 -15.24 26.25
CA GLN E 10 40.85 -15.35 25.11
C GLN E 10 40.61 -16.83 24.86
N ALA E 11 39.34 -17.19 24.64
CA ALA E 11 39.00 -18.58 24.40
C ALA E 11 39.35 -18.98 22.98
N GLY E 12 39.76 -20.23 22.82
CA GLY E 12 40.08 -20.79 21.50
C GLY E 12 41.55 -20.71 21.11
N ILE E 13 42.15 -19.54 21.24
CA ILE E 13 43.55 -19.37 20.86
C ILE E 13 44.43 -20.15 21.83
N SER E 14 45.25 -21.05 21.29
CA SER E 14 46.10 -21.89 22.11
C SER E 14 47.30 -21.11 22.61
N TYR E 15 47.99 -21.68 23.60
CA TYR E 15 49.17 -21.05 24.18
C TYR E 15 50.11 -22.16 24.63
N ASN E 16 51.40 -21.84 24.68
CA ASN E 16 52.42 -22.84 25.01
C ASN E 16 53.51 -22.21 25.85
N THR E 17 53.98 -22.97 26.84
CA THR E 17 55.23 -22.64 27.52
C THR E 17 56.00 -23.94 27.72
N ILE E 18 57.21 -23.83 28.27
CA ILE E 18 58.07 -24.97 28.53
C ILE E 18 58.63 -24.87 29.93
N VAL E 19 58.45 -25.94 30.71
CA VAL E 19 59.15 -26.06 31.98
C VAL E 19 60.59 -26.42 31.69
N ASN E 20 61.53 -25.62 32.21
CA ASN E 20 62.96 -25.72 31.93
C ASN E 20 63.71 -25.92 33.24
N ARG E 21 63.94 -27.17 33.62
CA ARG E 21 64.82 -27.49 34.73
C ARG E 21 66.21 -27.81 34.19
N ALA E 22 67.21 -27.64 35.06
CA ALA E 22 68.61 -27.74 34.63
C ALA E 22 68.93 -29.12 34.07
N GLY E 23 68.85 -30.15 34.91
CA GLY E 23 69.27 -31.48 34.52
C GLY E 23 68.20 -32.35 33.89
N TYR E 24 66.93 -31.94 33.99
CA TYR E 24 65.83 -32.68 33.37
C TYR E 24 65.49 -32.06 32.03
N ALA E 25 65.07 -32.92 31.09
CA ALA E 25 64.68 -32.45 29.78
C ALA E 25 63.48 -31.52 29.90
N PRO E 26 63.42 -30.42 29.14
CA PRO E 26 62.26 -29.52 29.26
C PRO E 26 60.96 -30.22 28.87
N LEU E 27 59.86 -29.79 29.50
CA LEU E 27 58.54 -30.35 29.22
C LEU E 27 57.62 -29.27 28.67
N PRO E 28 57.06 -29.40 27.47
CA PRO E 28 56.07 -28.41 27.02
C PRO E 28 54.73 -28.58 27.71
N ILE E 29 54.10 -27.45 28.00
CA ILE E 29 52.71 -27.37 28.44
C ILE E 29 51.96 -26.57 27.39
N SER E 30 50.94 -27.19 26.79
CA SER E 30 50.13 -26.54 25.77
C SER E 30 48.68 -26.48 26.25
N ILE E 31 48.13 -25.27 26.30
CA ILE E 31 46.84 -25.01 26.94
C ILE E 31 45.93 -24.35 25.92
N THR E 32 44.73 -24.89 25.76
CA THR E 32 43.71 -24.32 24.88
C THR E 32 42.48 -23.95 25.72
N PRO E 33 42.18 -22.66 25.94
CA PRO E 33 40.92 -22.33 26.63
C PRO E 33 39.71 -22.55 25.76
N THR E 34 38.94 -23.62 26.04
CA THR E 34 37.82 -23.97 25.19
C THR E 34 36.65 -23.01 25.40
N LYS E 35 36.46 -22.54 26.63
CA LYS E 35 35.30 -21.74 26.98
C LYS E 35 35.63 -20.88 28.19
N ILE E 36 35.19 -19.62 28.14
CA ILE E 36 35.34 -18.66 29.24
C ILE E 36 33.94 -18.19 29.62
N LYS E 37 33.71 -18.08 30.93
CA LYS E 37 32.39 -17.78 31.47
C LYS E 37 32.52 -16.75 32.59
N LEU E 38 31.36 -16.20 32.99
CA LEU E 38 31.31 -15.23 34.08
C LEU E 38 29.89 -15.21 34.62
N ILE E 39 29.73 -15.59 35.89
CA ILE E 39 28.41 -15.75 36.50
C ILE E 39 28.33 -14.92 37.77
N PRO E 40 28.02 -13.62 37.69
CA PRO E 40 27.76 -12.86 38.91
C PRO E 40 26.51 -13.33 39.62
N THR E 41 26.47 -13.08 40.93
CA THR E 41 25.34 -13.54 41.73
C THR E 41 24.07 -12.81 41.29
N VAL E 42 22.97 -13.56 41.22
CA VAL E 42 21.67 -13.04 40.80
C VAL E 42 20.64 -13.47 41.82
N ASN E 43 19.57 -12.68 41.93
CA ASN E 43 18.56 -12.89 42.96
C ASN E 43 17.28 -12.18 42.54
N LEU E 44 16.15 -12.80 42.84
CA LEU E 44 14.86 -12.21 42.52
C LEU E 44 14.50 -11.13 43.54
N GLU E 45 14.00 -10.00 43.04
CA GLU E 45 13.33 -9.01 43.88
C GLU E 45 11.83 -8.97 43.58
N TYR E 46 11.44 -8.83 42.33
CA TYR E 46 10.03 -8.92 41.97
C TYR E 46 9.91 -9.10 40.46
N VAL E 47 8.72 -9.57 40.06
CA VAL E 47 8.38 -9.84 38.68
C VAL E 47 7.18 -8.97 38.32
N THR E 48 6.92 -8.88 37.01
CA THR E 48 5.80 -8.08 36.51
C THR E 48 5.39 -8.62 35.14
N CYS E 49 4.20 -8.22 34.72
CA CYS E 49 3.67 -8.60 33.41
C CYS E 49 2.60 -7.57 33.04
N HIS E 50 1.85 -7.85 31.99
CA HIS E 50 0.73 -6.99 31.64
C HIS E 50 -0.31 -7.00 32.77
N TYR E 51 -1.03 -5.89 32.88
CA TYR E 51 -2.12 -5.78 33.84
C TYR E 51 -3.42 -6.22 33.18
N LYS E 52 -4.47 -6.36 33.99
CA LYS E 52 -5.82 -6.49 33.45
C LYS E 52 -6.78 -5.86 34.45
N THR E 53 -7.57 -4.90 33.99
CA THR E 53 -8.52 -4.22 34.88
C THR E 53 -9.68 -5.18 35.15
N GLY E 54 -9.88 -5.51 36.42
CA GLY E 54 -10.98 -6.35 36.84
C GLY E 54 -12.15 -5.53 37.32
N MET E 55 -13.29 -5.69 36.65
CA MET E 55 -14.48 -4.90 36.92
C MET E 55 -15.49 -5.71 37.72
N ASP E 56 -15.98 -5.13 38.80
CA ASP E 56 -17.07 -5.72 39.57
C ASP E 56 -18.39 -5.38 38.90
N SER E 57 -19.31 -6.33 38.90
CA SER E 57 -20.61 -6.09 38.30
C SER E 57 -21.36 -5.01 39.09
N PRO E 58 -22.21 -4.21 38.43
CA PRO E 58 -22.84 -3.09 39.14
C PRO E 58 -23.94 -3.58 40.09
N ALA E 59 -23.96 -2.98 41.28
CA ALA E 59 -25.03 -3.18 42.25
C ALA E 59 -26.02 -2.04 42.13
N ILE E 60 -27.29 -2.37 41.92
CA ILE E 60 -28.32 -1.39 41.59
C ILE E 60 -29.45 -1.50 42.60
N LYS E 61 -29.97 -0.35 43.05
CA LYS E 61 -31.12 -0.30 43.95
C LYS E 61 -32.05 0.82 43.49
N CYS E 62 -33.35 0.60 43.69
CA CYS E 62 -34.39 1.56 43.32
C CYS E 62 -34.98 2.22 44.56
N CYS E 63 -35.02 3.54 44.54
CA CYS E 63 -35.47 4.37 45.67
C CYS E 63 -34.80 3.95 46.96
N GLY E 64 -33.49 4.13 46.98
CA GLY E 64 -32.70 3.87 48.15
C GLY E 64 -31.33 4.49 48.00
N SER E 65 -30.36 3.90 48.70
CA SER E 65 -28.98 4.35 48.59
C SER E 65 -28.06 3.20 48.95
N GLN E 66 -26.80 3.33 48.56
CA GLN E 66 -25.80 2.31 48.80
C GLN E 66 -24.54 2.95 49.38
N GLU E 67 -23.72 2.14 50.03
CA GLU E 67 -22.56 2.59 50.77
C GLU E 67 -21.30 1.91 50.25
N CYS E 68 -20.17 2.57 50.44
CA CYS E 68 -18.89 2.03 50.01
C CYS E 68 -18.48 0.86 50.89
N THR E 69 -17.87 -0.15 50.28
CA THR E 69 -17.40 -1.34 50.99
C THR E 69 -16.02 -1.71 50.45
N PRO E 70 -14.94 -1.31 51.12
CA PRO E 70 -13.60 -1.61 50.60
C PRO E 70 -13.21 -3.06 50.84
N THR E 71 -12.67 -3.70 49.81
CA THR E 71 -12.14 -5.05 49.90
C THR E 71 -10.62 -5.09 49.89
N TYR E 72 -9.97 -3.93 49.88
CA TYR E 72 -8.51 -3.79 49.95
C TYR E 72 -7.78 -4.46 48.80
N ARG E 73 -8.44 -4.68 47.66
CA ARG E 73 -7.74 -5.13 46.48
C ARG E 73 -6.79 -4.04 46.01
N PRO E 74 -5.64 -4.37 45.42
CA PRO E 74 -4.66 -3.33 45.08
C PRO E 74 -5.21 -2.32 44.09
N ASP E 75 -5.03 -1.04 44.40
CA ASP E 75 -5.43 0.06 43.52
C ASP E 75 -6.90 -0.03 43.15
N GLU E 76 -7.73 -0.43 44.11
CA GLU E 76 -9.17 -0.51 43.91
C GLU E 76 -9.80 0.87 43.98
N GLN E 77 -11.04 0.95 43.49
CA GLN E 77 -11.78 2.21 43.52
C GLN E 77 -13.27 1.91 43.51
N CYS E 78 -14.00 2.54 44.43
CA CYS E 78 -15.44 2.41 44.56
C CYS E 78 -16.10 3.77 44.47
N LYS E 79 -17.25 3.83 43.81
CA LYS E 79 -17.98 5.09 43.67
C LYS E 79 -19.47 4.77 43.58
N VAL E 80 -20.28 5.81 43.82
CA VAL E 80 -21.73 5.69 43.87
C VAL E 80 -22.32 6.76 42.95
N PHE E 81 -23.26 6.36 42.09
CA PHE E 81 -23.97 7.26 41.20
C PHE E 81 -25.46 7.19 41.51
N THR E 82 -26.07 8.33 41.75
CA THR E 82 -27.49 8.43 42.06
C THR E 82 -28.22 9.21 40.97
N GLY E 83 -29.50 8.92 40.83
CA GLY E 83 -30.32 9.56 39.83
C GLY E 83 -30.31 8.91 38.46
N VAL E 84 -29.66 7.75 38.33
CA VAL E 84 -29.61 7.04 37.05
C VAL E 84 -30.94 6.33 36.83
N TYR E 85 -31.18 5.88 35.60
CA TYR E 85 -32.42 5.18 35.26
C TYR E 85 -32.13 4.24 34.09
N PRO E 86 -31.47 3.11 34.35
CA PRO E 86 -31.09 2.21 33.27
C PRO E 86 -32.28 1.40 32.75
N PHE E 87 -32.05 0.72 31.64
CA PHE E 87 -33.04 -0.16 31.02
C PHE E 87 -32.34 -1.43 30.57
N MET E 88 -32.97 -2.57 30.86
CA MET E 88 -32.51 -3.85 30.35
C MET E 88 -33.11 -4.08 28.97
N TRP E 89 -32.65 -5.15 28.31
CA TRP E 89 -33.15 -5.45 26.98
C TRP E 89 -34.63 -5.76 27.00
N GLY E 90 -35.13 -6.33 28.10
CA GLY E 90 -36.55 -6.65 28.22
C GLY E 90 -37.45 -5.47 28.52
N GLY E 91 -36.89 -4.34 28.96
CA GLY E 91 -37.68 -3.16 29.23
C GLY E 91 -37.13 -2.31 30.36
N ALA E 92 -37.99 -1.97 31.32
CA ALA E 92 -37.65 -1.05 32.41
C ALA E 92 -37.20 -1.85 33.62
N TYR E 93 -35.96 -1.63 34.05
CA TYR E 93 -35.44 -2.30 35.23
C TYR E 93 -35.99 -1.71 36.53
N CYS E 94 -36.42 -0.45 36.51
CA CYS E 94 -36.81 0.27 37.71
C CYS E 94 -38.19 0.90 37.52
N PHE E 95 -38.70 1.49 38.61
CA PHE E 95 -39.97 2.20 38.59
C PHE E 95 -39.87 3.63 39.12
N CYS E 96 -38.87 3.96 39.93
CA CYS E 96 -38.66 5.31 40.41
C CYS E 96 -38.04 6.13 39.27
N ASP E 97 -37.73 7.40 39.53
CA ASP E 97 -37.14 8.32 38.56
C ASP E 97 -35.79 8.87 38.99
N THR E 98 -35.66 9.27 40.25
CA THR E 98 -34.36 9.56 40.86
C THR E 98 -34.18 8.60 42.02
N GLU E 99 -33.18 8.85 42.87
CA GLU E 99 -32.82 8.01 44.03
C GLU E 99 -32.72 6.53 43.66
N ASN E 100 -32.33 6.23 42.43
CA ASN E 100 -31.90 4.90 42.02
C ASN E 100 -30.38 4.87 42.04
N THR E 101 -29.81 4.15 43.01
CA THR E 101 -28.41 4.23 43.33
C THR E 101 -27.67 3.04 42.75
N GLN E 102 -26.58 3.29 42.05
CA GLN E 102 -25.77 2.26 41.42
C GLN E 102 -24.32 2.41 41.87
N VAL E 103 -23.73 1.31 42.32
CA VAL E 103 -22.36 1.30 42.83
C VAL E 103 -21.44 0.73 41.75
N SER E 104 -20.35 1.45 41.47
CA SER E 104 -19.35 1.03 40.50
C SER E 104 -18.04 0.76 41.23
N LYS E 105 -17.50 -0.45 41.06
CA LYS E 105 -16.29 -0.88 41.74
C LYS E 105 -15.32 -1.43 40.70
N ALA E 106 -14.04 -1.12 40.86
CA ALA E 106 -13.01 -1.54 39.90
C ALA E 106 -11.73 -1.85 40.66
N TYR E 107 -10.90 -2.69 40.03
CA TYR E 107 -9.65 -3.16 40.63
C TYR E 107 -8.74 -3.59 39.47
N VAL E 108 -7.56 -4.08 39.82
CA VAL E 108 -6.57 -4.52 38.84
C VAL E 108 -6.02 -5.89 39.26
N MET E 109 -5.74 -6.74 38.28
CA MET E 109 -5.24 -8.09 38.51
C MET E 109 -4.13 -8.41 37.53
N LYS E 110 -3.44 -9.51 37.79
CA LYS E 110 -2.39 -9.99 36.92
C LYS E 110 -2.94 -10.41 35.56
N SER E 111 -2.09 -10.26 34.54
CA SER E 111 -2.41 -10.86 33.24
C SER E 111 -2.39 -12.37 33.36
N ASP E 112 -3.36 -13.02 32.72
CA ASP E 112 -3.50 -14.47 32.85
C ASP E 112 -2.32 -15.23 32.24
N ASP E 113 -1.50 -14.59 31.41
CA ASP E 113 -0.29 -15.20 30.88
C ASP E 113 0.94 -14.90 31.73
N CYS E 114 0.75 -14.64 33.03
CA CYS E 114 1.86 -14.28 33.89
C CYS E 114 2.88 -15.41 33.99
N LEU E 115 2.40 -16.65 34.14
CA LEU E 115 3.31 -17.79 34.25
C LEU E 115 4.11 -17.98 32.96
N ALA E 116 3.58 -17.55 31.83
CA ALA E 116 4.26 -17.70 30.54
C ALA E 116 5.07 -16.45 30.19
N ASP E 117 4.40 -15.30 30.11
CA ASP E 117 5.02 -14.04 29.71
C ASP E 117 5.10 -13.12 30.92
N HIS E 118 6.33 -12.82 31.35
CA HIS E 118 6.53 -11.91 32.48
C HIS E 118 8.00 -11.50 32.60
N ALA E 119 8.25 -10.20 32.72
CA ALA E 119 9.59 -9.71 33.02
C ALA E 119 9.91 -9.87 34.49
N GLU E 120 11.20 -9.89 34.80
CA GLU E 120 11.68 -10.07 36.17
C GLU E 120 12.88 -9.17 36.42
N ALA E 121 13.04 -8.74 37.68
CA ALA E 121 14.13 -7.86 38.09
C ALA E 121 15.15 -8.65 38.90
N TYR E 122 16.44 -8.34 38.69
CA TYR E 122 17.52 -8.99 39.43
C TYR E 122 18.61 -7.98 39.77
N LYS E 123 19.34 -8.31 40.83
CA LYS E 123 20.43 -7.51 41.38
C LYS E 123 21.73 -8.29 41.19
N ALA E 124 22.76 -7.60 40.68
CA ALA E 124 24.00 -8.24 40.27
C ALA E 124 25.17 -7.65 41.06
N HIS E 125 26.05 -8.54 41.54
CA HIS E 125 27.30 -8.15 42.18
C HIS E 125 28.10 -9.41 42.47
N THR E 126 29.36 -9.22 42.85
CA THR E 126 30.28 -10.30 43.22
C THR E 126 30.46 -11.28 42.05
N ALA E 127 31.07 -10.75 40.99
CA ALA E 127 31.34 -11.55 39.80
C ALA E 127 32.37 -12.63 40.07
N SER E 128 32.23 -13.76 39.38
CA SER E 128 33.15 -14.88 39.49
C SER E 128 33.27 -15.57 38.14
N VAL E 129 34.48 -16.06 37.85
CA VAL E 129 34.80 -16.67 36.56
C VAL E 129 34.93 -18.18 36.76
N GLN E 130 34.48 -18.93 35.77
CA GLN E 130 34.83 -20.34 35.63
C GLN E 130 35.22 -20.58 34.18
N ALA E 131 36.13 -21.54 33.96
CA ALA E 131 36.70 -21.78 32.65
C ALA E 131 36.76 -23.27 32.36
N PHE E 132 36.57 -23.60 31.08
CA PHE E 132 36.84 -24.93 30.56
C PHE E 132 38.14 -24.90 29.78
N LEU E 133 39.08 -25.75 30.18
CA LEU E 133 40.42 -25.78 29.60
C LEU E 133 40.64 -27.14 28.96
N ASN E 134 41.54 -27.18 27.98
CA ASN E 134 42.08 -28.44 27.46
C ASN E 134 43.59 -28.34 27.56
N ILE E 135 44.18 -29.12 28.45
CA ILE E 135 45.59 -29.00 28.79
C ILE E 135 46.31 -30.26 28.35
N THR E 136 47.47 -30.08 27.70
CA THR E 136 48.39 -31.16 27.37
C THR E 136 49.68 -30.92 28.11
N VAL E 137 49.95 -31.76 29.11
CA VAL E 137 51.17 -31.72 29.90
C VAL E 137 52.07 -32.85 29.41
N GLY E 138 52.91 -32.57 28.41
CA GLY E 138 53.73 -33.62 27.84
C GLY E 138 52.90 -34.76 27.31
N GLU E 139 52.16 -34.50 26.23
CA GLU E 139 51.23 -35.46 25.59
C GLU E 139 50.34 -36.15 26.63
N HIS E 140 49.63 -35.32 27.41
CA HIS E 140 48.59 -35.79 28.31
C HIS E 140 47.41 -34.82 28.19
N SER E 141 46.51 -35.10 27.24
CA SER E 141 45.42 -34.20 26.90
C SER E 141 44.22 -34.49 27.79
N ILE E 142 43.81 -33.50 28.60
CA ILE E 142 42.64 -33.63 29.47
C ILE E 142 41.81 -32.35 29.37
N VAL E 143 40.49 -32.52 29.36
CA VAL E 143 39.54 -31.42 29.46
C VAL E 143 39.19 -31.24 30.93
N THR E 144 39.24 -29.99 31.40
CA THR E 144 39.05 -29.69 32.82
C THR E 144 38.12 -28.50 32.98
N THR E 145 37.44 -28.46 34.12
CA THR E 145 36.61 -27.34 34.54
C THR E 145 37.22 -26.75 35.80
N VAL E 146 37.45 -25.43 35.80
CA VAL E 146 38.22 -24.78 36.86
C VAL E 146 37.56 -23.46 37.25
N TYR E 147 37.73 -23.10 38.52
CA TYR E 147 37.39 -21.80 39.05
C TYR E 147 38.68 -20.99 39.18
N VAL E 148 38.65 -19.72 38.75
CA VAL E 148 39.87 -18.93 38.68
C VAL E 148 40.38 -18.50 40.04
N ASN E 149 39.63 -18.72 41.11
CA ASN E 149 40.05 -18.30 42.43
C ASN E 149 41.38 -18.96 42.81
N GLY E 150 42.12 -18.30 43.69
CA GLY E 150 43.44 -18.76 44.07
C GLY E 150 43.45 -20.07 44.84
N GLU E 151 42.27 -20.56 45.20
CA GLU E 151 42.12 -21.88 45.81
C GLU E 151 41.23 -22.74 44.93
N THR E 152 40.83 -23.92 45.40
CA THR E 152 40.13 -24.91 44.59
C THR E 152 40.98 -25.29 43.39
N PRO E 153 42.11 -25.96 43.61
CA PRO E 153 42.92 -26.41 42.47
C PRO E 153 42.43 -27.72 41.90
N VAL E 154 42.63 -27.88 40.59
CA VAL E 154 42.28 -29.14 39.94
C VAL E 154 43.51 -30.04 39.92
N ASN E 155 43.30 -31.31 40.28
CA ASN E 155 44.38 -32.25 40.50
C ASN E 155 44.17 -33.50 39.64
N PHE E 156 45.25 -33.99 39.06
CA PHE E 156 45.17 -35.19 38.23
C PHE E 156 46.56 -35.78 38.02
N ASN E 157 46.69 -37.08 38.29
CA ASN E 157 47.95 -37.81 38.09
C ASN E 157 49.10 -37.17 38.86
N GLY E 158 48.79 -36.63 40.05
CA GLY E 158 49.78 -35.97 40.86
C GLY E 158 50.02 -34.52 40.51
N VAL E 159 49.58 -34.07 39.34
CA VAL E 159 49.71 -32.67 38.93
C VAL E 159 48.67 -31.86 39.68
N LYS E 160 49.08 -30.70 40.19
CA LYS E 160 48.18 -29.77 40.86
C LYS E 160 48.17 -28.45 40.10
N ILE E 161 46.98 -27.89 39.87
CA ILE E 161 46.81 -26.70 39.06
C ILE E 161 45.99 -25.69 39.86
N THR E 162 46.55 -24.51 40.09
CA THR E 162 45.89 -23.44 40.84
C THR E 162 45.75 -22.23 39.94
N ALA E 163 44.51 -21.88 39.60
CA ALA E 163 44.26 -20.71 38.76
C ALA E 163 44.28 -19.45 39.60
N GLY E 164 45.02 -18.45 39.15
CA GLY E 164 45.07 -17.17 39.84
C GLY E 164 43.90 -16.28 39.46
N PRO E 165 43.57 -15.30 40.30
CA PRO E 165 42.44 -14.42 39.99
C PRO E 165 42.74 -13.55 38.77
N LEU E 166 41.67 -13.12 38.11
CA LEU E 166 41.79 -12.36 36.87
C LEU E 166 42.55 -11.04 37.12
N SER E 167 43.26 -10.61 36.08
CA SER E 167 43.97 -9.33 36.13
C SER E 167 43.00 -8.15 36.14
N THR E 168 41.81 -8.33 35.59
CA THR E 168 40.82 -7.26 35.45
C THR E 168 39.52 -7.67 36.10
N ALA E 169 38.96 -6.78 36.93
CA ALA E 169 37.72 -7.02 37.65
C ALA E 169 36.51 -6.42 36.95
N TRP E 170 36.66 -5.97 35.71
CA TRP E 170 35.54 -5.39 34.98
C TRP E 170 34.43 -6.41 34.79
N THR E 171 33.18 -5.93 34.88
CA THR E 171 32.00 -6.77 34.75
C THR E 171 31.03 -6.10 33.79
N PRO E 172 30.56 -6.79 32.73
CA PRO E 172 29.56 -6.15 31.87
C PRO E 172 28.25 -5.86 32.60
N PHE E 173 27.88 -6.70 33.56
CA PHE E 173 26.64 -6.49 34.30
C PHE E 173 26.81 -5.34 35.29
N ASP E 174 25.85 -4.42 35.29
CA ASP E 174 25.89 -3.23 36.12
C ASP E 174 25.19 -3.51 37.44
N ARG E 175 24.91 -2.45 38.21
CA ARG E 175 24.34 -2.60 39.54
C ARG E 175 22.99 -3.32 39.52
N LYS E 176 22.29 -3.30 38.39
CA LYS E 176 20.89 -3.69 38.34
C LYS E 176 20.55 -4.19 36.94
N ILE E 177 19.74 -5.25 36.85
CA ILE E 177 19.49 -5.92 35.58
C ILE E 177 18.06 -6.43 35.52
N VAL E 178 17.55 -6.61 34.30
CA VAL E 178 16.20 -7.10 34.03
C VAL E 178 16.29 -8.24 33.04
N GLN E 179 15.44 -9.26 33.20
CA GLN E 179 15.30 -10.34 32.24
C GLN E 179 13.86 -10.38 31.72
N TYR E 180 13.71 -10.71 30.45
CA TYR E 180 12.38 -10.80 29.85
C TYR E 180 12.47 -11.46 28.49
N ALA E 181 11.51 -12.33 28.19
CA ALA E 181 11.32 -12.89 26.86
C ALA E 181 12.56 -13.60 26.35
N GLY E 182 13.36 -14.14 27.27
CA GLY E 182 14.56 -14.86 26.88
C GLY E 182 15.77 -14.00 26.59
N GLU E 183 15.75 -12.72 26.98
CA GLU E 183 16.96 -11.89 26.89
C GLU E 183 17.07 -10.96 28.09
N ILE E 184 18.13 -10.13 28.10
CA ILE E 184 18.52 -9.37 29.28
C ILE E 184 18.70 -7.91 28.88
N TYR E 185 18.44 -7.02 29.84
CA TYR E 185 18.60 -5.60 29.64
C TYR E 185 19.14 -4.96 30.92
N ASN E 186 19.78 -3.81 30.75
CA ASN E 186 20.26 -3.00 31.87
C ASN E 186 19.32 -1.80 32.02
N TYR E 187 18.24 -2.02 32.76
CA TYR E 187 17.21 -1.01 32.94
C TYR E 187 17.17 -0.53 34.40
N ASP E 188 16.89 0.76 34.56
CA ASP E 188 16.75 1.40 35.86
C ASP E 188 15.26 1.45 36.19
N PHE E 189 14.82 0.54 37.07
CA PHE E 189 13.41 0.40 37.43
C PHE E 189 13.20 0.83 38.88
N PRO E 190 11.96 1.16 39.26
CA PRO E 190 11.68 1.51 40.65
C PRO E 190 11.69 0.28 41.54
N GLU E 191 11.78 0.53 42.84
CA GLU E 191 11.80 -0.52 43.85
C GLU E 191 10.39 -1.05 44.07
N TYR E 192 10.27 -2.03 44.97
CA TYR E 192 8.97 -2.65 45.27
C TYR E 192 8.15 -1.69 46.11
N GLY E 193 7.45 -0.79 45.43
CA GLY E 193 6.63 0.22 46.08
C GLY E 193 6.70 1.57 45.41
N ALA E 194 7.74 1.79 44.60
CA ALA E 194 7.92 3.04 43.86
C ALA E 194 7.41 2.95 42.43
N GLY E 195 6.52 2.00 42.15
CA GLY E 195 5.96 1.89 40.82
C GLY E 195 5.13 3.11 40.46
N GLN E 196 5.09 3.41 39.16
CA GLN E 196 4.41 4.58 38.64
C GLN E 196 3.50 4.20 37.49
N PRO E 197 2.46 4.99 37.21
CA PRO E 197 1.58 4.67 36.08
C PRO E 197 2.22 5.09 34.76
N GLY E 198 2.04 4.25 33.75
CA GLY E 198 2.54 4.55 32.42
C GLY E 198 4.00 4.24 32.20
N ALA E 199 4.71 3.75 33.21
CA ALA E 199 6.12 3.42 33.13
C ALA E 199 6.35 2.04 33.73
N PHE E 200 7.57 1.52 33.52
CA PHE E 200 7.91 0.19 34.00
C PHE E 200 7.81 0.12 35.52
N GLY E 201 7.40 -1.05 36.00
CA GLY E 201 7.18 -1.24 37.42
C GLY E 201 5.81 -0.89 37.91
N ASP E 202 4.84 -0.72 37.00
CA ASP E 202 3.48 -0.38 37.42
C ASP E 202 2.88 -1.47 38.29
N ILE E 203 3.09 -2.74 37.93
CA ILE E 203 2.62 -3.89 38.70
C ILE E 203 3.84 -4.60 39.26
N GLN E 204 3.82 -4.86 40.58
CA GLN E 204 4.96 -5.42 41.28
C GLN E 204 4.50 -6.64 42.07
N SER E 205 5.04 -7.81 41.73
CA SER E 205 4.70 -9.07 42.37
C SER E 205 5.96 -9.69 42.96
N ARG E 206 5.91 -10.05 44.24
CA ARG E 206 7.09 -10.57 44.91
C ARG E 206 7.59 -11.87 44.31
N THR E 207 6.76 -12.59 43.55
CA THR E 207 7.20 -13.72 42.74
C THR E 207 6.07 -14.07 41.79
N VAL E 208 6.36 -15.00 40.88
CA VAL E 208 5.37 -15.38 39.86
C VAL E 208 4.15 -16.01 40.53
N SER E 209 4.36 -16.80 41.58
CA SER E 209 3.29 -17.47 42.30
C SER E 209 2.82 -16.69 43.52
N SER E 210 3.13 -15.40 43.61
CA SER E 210 2.74 -14.61 44.76
C SER E 210 1.22 -14.41 44.77
N SER E 211 0.75 -13.71 45.81
CA SER E 211 -0.67 -13.40 45.97
C SER E 211 -0.94 -11.91 46.19
N ASP E 212 0.00 -11.15 46.74
CA ASP E 212 -0.15 -9.71 46.96
C ASP E 212 0.64 -8.96 45.91
N LEU E 213 -0.07 -8.25 45.03
CA LEU E 213 0.52 -7.53 43.90
C LEU E 213 0.29 -6.04 44.10
N TYR E 214 1.38 -5.27 44.26
CA TYR E 214 1.25 -3.83 44.33
C TYR E 214 0.97 -3.27 42.93
N ALA E 215 0.12 -2.24 42.88
CA ALA E 215 -0.26 -1.65 41.59
C ALA E 215 -0.54 -0.17 41.79
N ASN E 216 0.03 0.65 40.89
CA ASN E 216 -0.27 2.09 40.82
C ASN E 216 -0.54 2.40 39.34
N THR E 217 -1.79 2.22 38.92
CA THR E 217 -2.17 2.30 37.52
C THR E 217 -2.88 3.60 37.16
N ASN E 218 -3.11 4.50 38.13
CA ASN E 218 -3.81 5.75 37.88
C ASN E 218 -5.20 5.50 37.31
N LEU E 219 -5.89 4.51 37.89
CA LEU E 219 -7.23 4.15 37.42
C LEU E 219 -8.23 5.22 37.86
N VAL E 220 -9.08 5.64 36.92
CA VAL E 220 -10.09 6.66 37.17
C VAL E 220 -11.40 6.20 36.57
N LEU E 221 -12.49 6.34 37.33
CA LEU E 221 -13.81 5.94 36.89
C LEU E 221 -14.55 7.11 36.28
N GLN E 222 -15.22 6.85 35.16
CA GLN E 222 -16.01 7.86 34.45
C GLN E 222 -17.49 7.60 34.69
N ARG E 223 -18.32 8.47 34.10
CA ARG E 223 -19.77 8.37 34.27
C ARG E 223 -20.36 7.49 33.17
N PRO E 224 -21.01 6.37 33.48
CA PRO E 224 -21.62 5.57 32.41
C PRO E 224 -22.71 6.33 31.67
N LYS E 225 -22.83 6.04 30.38
CA LYS E 225 -23.85 6.65 29.54
C LYS E 225 -25.24 6.21 30.01
N ALA E 226 -26.17 7.16 30.04
CA ALA E 226 -27.49 6.89 30.58
C ALA E 226 -28.25 5.88 29.74
N GLY E 227 -28.97 4.99 30.41
CA GLY E 227 -29.71 3.95 29.72
C GLY E 227 -28.90 2.73 29.37
N ALA E 228 -27.66 2.63 29.84
CA ALA E 228 -26.80 1.49 29.58
C ALA E 228 -26.19 1.00 30.89
N ILE E 229 -25.89 -0.29 30.94
CA ILE E 229 -25.27 -0.92 32.09
C ILE E 229 -23.85 -1.31 31.68
N HIS E 230 -22.86 -0.68 32.31
CA HIS E 230 -21.45 -0.91 32.02
C HIS E 230 -20.65 -0.06 32.99
N VAL E 231 -19.32 -0.21 32.93
CA VAL E 231 -18.40 0.60 33.71
C VAL E 231 -17.40 1.25 32.76
N PRO E 232 -17.42 2.57 32.59
CA PRO E 232 -16.33 3.22 31.85
C PRO E 232 -15.17 3.55 32.77
N TYR E 233 -13.96 3.46 32.23
CA TYR E 233 -12.75 3.66 33.01
C TYR E 233 -11.68 4.28 32.14
N THR E 234 -10.76 5.00 32.79
CA THR E 234 -9.64 5.64 32.12
C THR E 234 -8.42 5.54 33.02
N GLN E 235 -7.29 5.17 32.44
CA GLN E 235 -6.06 4.99 33.19
C GLN E 235 -4.88 5.19 32.24
N ALA E 236 -3.70 5.33 32.81
CA ALA E 236 -2.49 5.35 32.00
C ALA E 236 -2.27 3.97 31.38
N PRO E 237 -1.64 3.89 30.22
CA PRO E 237 -1.40 2.58 29.61
C PRO E 237 -0.40 1.78 30.42
N SER E 238 -0.42 0.47 30.19
CA SER E 238 0.54 -0.41 30.86
C SER E 238 1.96 0.02 30.52
N GLY E 239 2.82 0.06 31.54
CA GLY E 239 4.21 0.40 31.30
C GLY E 239 4.96 -0.70 30.58
N PHE E 240 4.47 -1.94 30.67
CA PHE E 240 5.15 -3.07 30.06
C PHE E 240 5.14 -2.97 28.54
N GLU E 241 3.98 -2.67 27.96
CA GLU E 241 3.88 -2.63 26.50
C GLU E 241 4.71 -1.50 25.93
N GLN E 242 4.62 -0.30 26.51
CA GLN E 242 5.42 0.82 26.02
C GLN E 242 6.90 0.58 26.25
N TRP E 243 7.24 -0.10 27.35
CA TRP E 243 8.64 -0.42 27.60
C TRP E 243 9.19 -1.36 26.53
N LYS E 244 8.42 -2.38 26.16
CA LYS E 244 8.88 -3.28 25.09
C LYS E 244 8.90 -2.57 23.74
N LYS E 245 8.08 -1.53 23.58
CA LYS E 245 8.23 -0.68 22.39
C LYS E 245 9.47 0.22 22.50
N ASP E 246 9.82 0.66 23.71
CA ASP E 246 10.92 1.58 23.94
C ASP E 246 12.19 0.88 24.41
N LYS E 247 12.45 -0.33 23.91
CA LYS E 247 13.63 -1.06 24.34
C LYS E 247 14.89 -0.49 23.71
N ALA E 248 16.01 -0.73 24.38
CA ALA E 248 17.34 -0.60 23.85
C ALA E 248 17.85 -1.98 23.46
N PRO E 249 18.91 -2.07 22.65
CA PRO E 249 19.42 -3.38 22.26
C PRO E 249 19.86 -4.18 23.47
N SER E 250 19.62 -5.49 23.43
CA SER E 250 20.02 -6.35 24.53
C SER E 250 21.54 -6.28 24.74
N LEU E 251 21.98 -6.70 25.93
CA LEU E 251 23.40 -6.64 26.24
C LEU E 251 24.22 -7.48 25.28
N LYS E 252 23.60 -8.47 24.64
CA LYS E 252 24.28 -9.21 23.59
C LYS E 252 24.64 -8.33 22.41
N PHE E 253 24.00 -7.16 22.27
CA PHE E 253 24.29 -6.22 21.21
C PHE E 253 24.72 -4.84 21.71
N THR E 254 25.08 -4.71 22.99
CA THR E 254 25.65 -3.48 23.53
C THR E 254 26.90 -3.71 24.39
N ALA E 255 27.12 -4.91 24.89
CA ALA E 255 28.24 -5.14 25.79
C ALA E 255 29.56 -4.99 25.01
N PRO E 256 30.60 -4.38 25.62
CA PRO E 256 31.87 -4.27 24.90
C PRO E 256 32.73 -5.52 25.06
N PHE E 257 33.90 -5.53 24.45
CA PHE E 257 34.84 -6.66 24.50
C PHE E 257 34.25 -7.93 23.90
N GLY E 258 33.18 -7.81 23.11
CA GLY E 258 32.59 -8.97 22.46
C GLY E 258 32.07 -10.01 23.42
N CYS E 259 31.45 -9.60 24.52
CA CYS E 259 30.85 -10.55 25.44
C CYS E 259 29.63 -11.21 24.80
N GLU E 260 29.36 -12.45 25.20
CA GLU E 260 28.18 -13.19 24.75
C GLU E 260 27.35 -13.57 25.97
N ILE E 261 26.21 -12.93 26.16
CA ILE E 261 25.38 -13.15 27.33
C ILE E 261 24.41 -14.29 27.05
N TYR E 262 24.23 -15.16 28.06
CA TYR E 262 23.34 -16.31 27.97
C TYR E 262 22.48 -16.38 29.22
N THR E 263 21.33 -17.04 29.07
CA THR E 263 20.15 -16.78 29.90
C THR E 263 20.02 -17.70 31.12
N ASN E 264 19.91 -19.02 30.88
CA ASN E 264 19.36 -19.97 31.85
C ASN E 264 20.08 -19.86 33.20
N PRO E 265 21.39 -20.12 33.30
CA PRO E 265 22.17 -19.36 34.28
C PRO E 265 22.62 -18.04 33.67
N ILE E 266 22.28 -16.93 34.31
CA ILE E 266 22.65 -15.62 33.80
C ILE E 266 24.17 -15.57 33.76
N ARG E 267 24.75 -15.51 32.55
CA ARG E 267 26.19 -15.62 32.42
C ARG E 267 26.67 -14.79 31.24
N ALA E 268 27.93 -14.37 31.32
CA ALA E 268 28.65 -13.77 30.21
C ALA E 268 29.74 -14.74 29.76
N GLU E 269 29.93 -14.85 28.45
CA GLU E 269 30.65 -15.96 27.85
C GLU E 269 31.61 -15.46 26.79
N ASN E 270 32.80 -16.06 26.76
CA ASN E 270 33.79 -15.87 25.70
C ASN E 270 34.05 -14.39 25.44
N CYS E 271 34.34 -13.66 26.51
CA CYS E 271 34.53 -12.21 26.44
C CYS E 271 35.98 -11.94 26.79
N ALA E 272 36.76 -11.54 25.79
CA ALA E 272 38.22 -11.47 25.91
C ALA E 272 38.65 -10.15 26.52
N VAL E 273 39.36 -10.21 27.64
CA VAL E 273 39.94 -9.03 28.27
C VAL E 273 40.95 -9.47 29.33
N GLY E 274 42.04 -8.72 29.47
CA GLY E 274 42.99 -8.96 30.53
C GLY E 274 43.74 -10.28 30.37
N SER E 275 44.14 -10.85 31.50
CA SER E 275 44.91 -12.08 31.53
C SER E 275 44.60 -12.84 32.81
N ILE E 276 45.12 -14.06 32.89
CA ILE E 276 44.85 -14.97 34.01
C ILE E 276 46.17 -15.52 34.52
N PRO E 277 46.66 -15.13 35.72
CA PRO E 277 47.82 -15.83 36.28
C PRO E 277 47.48 -17.27 36.63
N LEU E 278 48.49 -18.13 36.50
CA LEU E 278 48.35 -19.56 36.72
C LEU E 278 49.55 -20.08 37.50
N ALA E 279 49.31 -21.11 38.32
CA ALA E 279 50.35 -21.77 39.10
C ALA E 279 50.23 -23.27 38.92
N PHE E 280 51.39 -23.93 38.83
CA PHE E 280 51.48 -25.33 38.45
C PHE E 280 52.44 -26.03 39.41
N ASP E 281 52.07 -27.25 39.82
CA ASP E 281 52.94 -28.11 40.61
C ASP E 281 52.94 -29.47 39.93
N ILE E 282 54.06 -29.80 39.28
CA ILE E 282 54.20 -31.01 38.48
C ILE E 282 55.04 -32.00 39.27
N PRO E 283 54.62 -33.26 39.42
CA PRO E 283 55.53 -34.26 39.98
C PRO E 283 56.66 -34.57 39.02
N ASP E 284 57.80 -34.97 39.57
CA ASP E 284 58.99 -35.22 38.77
C ASP E 284 58.92 -36.52 37.97
N ALA E 285 57.91 -37.36 38.22
CA ALA E 285 57.82 -38.64 37.53
C ALA E 285 57.64 -38.47 36.02
N LEU E 286 57.07 -37.35 35.58
CA LEU E 286 56.81 -37.13 34.16
C LEU E 286 58.03 -36.66 33.38
N PHE E 287 59.09 -36.22 34.06
CA PHE E 287 60.29 -35.72 33.40
C PHE E 287 61.26 -36.87 33.13
N THR E 288 62.25 -36.58 32.28
CA THR E 288 63.29 -37.55 31.94
C THR E 288 64.62 -36.81 31.82
N ARG E 289 65.70 -37.54 32.08
CA ARG E 289 67.02 -36.93 32.09
C ARG E 289 67.45 -36.52 30.68
N VAL E 290 68.38 -35.57 30.63
CA VAL E 290 68.83 -35.02 29.36
C VAL E 290 69.60 -36.05 28.54
N SER E 291 70.21 -37.03 29.21
CA SER E 291 71.05 -38.00 28.50
C SER E 291 70.24 -38.86 27.53
N GLU E 292 68.96 -39.09 27.83
CA GLU E 292 68.12 -39.96 27.02
C GLU E 292 67.37 -39.23 25.90
N THR E 293 67.49 -37.90 25.82
CA THR E 293 66.83 -37.11 24.78
C THR E 293 67.87 -36.50 23.85
N PRO E 294 67.51 -36.21 22.56
CA PRO E 294 68.51 -35.66 21.63
C PRO E 294 69.19 -34.38 22.09
N THR E 295 70.50 -34.45 22.27
CA THR E 295 71.35 -33.28 22.47
C THR E 295 72.02 -32.94 21.14
N LEU E 296 71.98 -31.67 20.76
CA LEU E 296 72.30 -31.24 19.42
C LEU E 296 73.47 -30.28 19.38
N SER E 297 74.11 -30.23 18.22
CA SER E 297 75.20 -29.30 17.94
C SER E 297 75.11 -28.90 16.47
N ALA E 298 75.77 -27.80 16.13
CA ALA E 298 75.76 -27.25 14.77
C ALA E 298 74.33 -26.90 14.34
N ALA E 299 73.72 -26.00 15.11
CA ALA E 299 72.34 -25.58 14.91
C ALA E 299 72.32 -24.11 14.51
N GLU E 300 71.68 -23.81 13.39
CA GLU E 300 71.50 -22.44 12.93
C GLU E 300 70.17 -22.32 12.20
N CYS E 301 69.61 -21.12 12.23
CA CYS E 301 68.30 -20.84 11.65
C CYS E 301 68.46 -20.04 10.36
N THR E 302 67.70 -20.42 9.34
CA THR E 302 67.67 -19.70 8.07
C THR E 302 66.22 -19.35 7.76
N LEU E 303 65.95 -18.05 7.62
CA LEU E 303 64.60 -17.61 7.28
C LEU E 303 64.25 -18.02 5.86
N ASN E 304 63.00 -18.45 5.67
CA ASN E 304 62.46 -18.84 4.38
C ASN E 304 61.36 -17.92 3.89
N GLU E 305 60.32 -17.74 4.70
CA GLU E 305 59.21 -16.84 4.38
C GLU E 305 58.90 -16.03 5.63
N CYS E 306 58.48 -14.78 5.41
CA CYS E 306 58.38 -13.81 6.49
C CYS E 306 57.33 -12.80 6.07
N VAL E 307 56.13 -12.92 6.65
CA VAL E 307 55.05 -11.97 6.42
C VAL E 307 54.29 -11.78 7.73
N TYR E 308 54.56 -10.68 8.42
CA TYR E 308 53.82 -10.35 9.63
C TYR E 308 52.33 -10.21 9.31
N SER E 309 51.50 -10.98 10.01
CA SER E 309 50.07 -11.00 9.76
C SER E 309 49.36 -11.57 10.98
N SER E 310 48.03 -11.55 10.95
CA SER E 310 47.25 -12.08 12.06
C SER E 310 47.54 -13.56 12.29
N ASP E 311 47.63 -14.33 11.20
CA ASP E 311 47.88 -15.76 11.29
C ASP E 311 49.38 -16.02 11.23
N PHE E 312 49.77 -17.29 11.12
CA PHE E 312 51.17 -17.69 11.03
C PHE E 312 51.67 -17.45 9.60
N GLY E 313 52.24 -16.27 9.39
CA GLY E 313 52.73 -15.88 8.09
C GLY E 313 54.24 -16.00 7.93
N GLY E 314 54.89 -16.75 8.81
CA GLY E 314 56.33 -16.93 8.74
C GLY E 314 56.68 -18.40 8.77
N ILE E 315 57.71 -18.76 7.99
CA ILE E 315 58.22 -20.11 7.92
C ILE E 315 59.74 -20.03 7.92
N ALA E 316 60.37 -20.85 8.76
CA ALA E 316 61.83 -20.92 8.85
C ALA E 316 62.27 -22.38 8.81
N THR E 317 63.56 -22.57 8.58
CA THR E 317 64.18 -23.89 8.57
C THR E 317 65.44 -23.86 9.41
N VAL E 318 65.64 -24.91 10.21
CA VAL E 318 66.79 -25.05 11.09
C VAL E 318 67.55 -26.32 10.70
N LYS E 319 68.85 -26.20 10.51
CA LYS E 319 69.71 -27.30 10.14
C LYS E 319 70.49 -27.77 11.36
N TYR E 320 70.46 -29.07 11.61
CA TYR E 320 70.89 -29.64 12.87
C TYR E 320 71.78 -30.86 12.65
N SER E 321 72.63 -31.12 13.65
CA SER E 321 73.43 -32.34 13.76
C SER E 321 73.21 -32.87 15.17
N ALA E 322 72.19 -33.69 15.34
CA ALA E 322 71.81 -34.16 16.67
C ALA E 322 72.68 -35.34 17.10
N SER E 323 72.57 -35.69 18.38
CA SER E 323 73.24 -36.85 18.94
C SER E 323 72.40 -38.12 18.86
N LYS E 324 71.08 -38.01 19.04
CA LYS E 324 70.17 -39.13 18.85
C LYS E 324 68.86 -38.56 18.30
N SER E 325 67.83 -39.41 18.22
CA SER E 325 66.56 -39.05 17.60
C SER E 325 65.44 -39.14 18.62
N GLY E 326 64.45 -38.28 18.47
CA GLY E 326 63.30 -38.28 19.37
C GLY E 326 62.63 -36.92 19.39
N LYS E 327 61.62 -36.82 20.25
CA LYS E 327 60.90 -35.58 20.42
C LYS E 327 61.64 -34.67 21.41
N CYS E 328 61.52 -33.36 21.18
CA CYS E 328 62.07 -32.40 22.12
C CYS E 328 61.22 -31.13 22.10
N ALA E 329 61.45 -30.29 23.10
CA ALA E 329 60.74 -29.02 23.23
C ALA E 329 61.48 -27.91 22.51
N VAL E 330 60.71 -27.01 21.88
CA VAL E 330 61.25 -25.84 21.21
C VAL E 330 60.34 -24.66 21.51
N HIS E 331 60.96 -23.51 21.80
CA HIS E 331 60.22 -22.32 22.22
C HIS E 331 61.04 -21.08 21.89
N VAL E 332 60.34 -19.96 21.78
CA VAL E 332 60.96 -18.64 21.64
C VAL E 332 60.83 -17.94 22.99
N PRO E 333 61.89 -17.83 23.79
CA PRO E 333 61.78 -17.06 25.05
C PRO E 333 61.37 -15.61 24.83
N SER E 334 61.74 -15.01 23.71
CA SER E 334 61.30 -13.67 23.38
C SER E 334 59.86 -13.70 22.88
N GLY E 335 59.22 -12.53 22.90
CA GLY E 335 57.86 -12.36 22.44
C GLY E 335 57.70 -11.98 20.99
N THR E 336 58.78 -12.03 20.21
CA THR E 336 58.70 -11.63 18.80
C THR E 336 57.76 -12.53 18.01
N ALA E 337 57.84 -13.85 18.24
CA ALA E 337 57.11 -14.82 17.43
C ALA E 337 56.39 -15.81 18.33
N THR E 338 55.25 -16.29 17.84
CA THR E 338 54.46 -17.34 18.47
C THR E 338 54.49 -18.56 17.56
N LEU E 339 54.80 -19.72 18.14
CA LEU E 339 55.02 -20.94 17.39
C LEU E 339 53.82 -21.87 17.52
N LYS E 340 53.57 -22.65 16.46
CA LYS E 340 52.51 -23.66 16.47
C LYS E 340 53.01 -25.08 16.67
N GLU E 341 54.26 -25.37 16.32
CA GLU E 341 54.79 -26.73 16.49
C GLU E 341 54.77 -27.14 17.96
N ALA E 342 55.55 -26.46 18.80
CA ALA E 342 55.58 -26.64 20.25
C ALA E 342 56.24 -27.94 20.69
N ALA E 343 56.62 -28.79 19.73
CA ALA E 343 57.31 -30.05 20.02
C ALA E 343 57.79 -30.63 18.70
N VAL E 344 59.09 -30.88 18.57
CA VAL E 344 59.68 -31.23 17.28
C VAL E 344 60.33 -32.60 17.38
N GLU E 345 60.03 -33.46 16.41
CA GLU E 345 60.79 -34.68 16.20
C GLU E 345 62.13 -34.33 15.56
N LEU E 346 63.15 -35.09 15.94
CA LEU E 346 64.52 -34.79 15.54
C LEU E 346 65.24 -36.09 15.20
N THR E 347 66.12 -36.02 14.21
CA THR E 347 67.00 -37.12 13.83
C THR E 347 68.46 -36.67 13.98
N GLU E 348 69.38 -37.57 13.62
CA GLU E 348 70.80 -37.33 13.88
C GLU E 348 71.31 -36.11 13.14
N GLN E 349 70.92 -35.94 11.88
CA GLN E 349 71.42 -34.84 11.06
C GLN E 349 70.37 -34.52 10.01
N GLY E 350 70.22 -33.24 9.69
CA GLY E 350 69.34 -32.85 8.60
C GLY E 350 68.77 -31.46 8.83
N SER E 351 67.53 -31.27 8.40
CA SER E 351 66.85 -29.98 8.47
C SER E 351 65.41 -30.19 8.91
N ALA E 352 64.87 -29.17 9.58
CA ALA E 352 63.49 -29.20 10.05
C ALA E 352 62.85 -27.84 9.83
N THR E 353 61.62 -27.85 9.34
CA THR E 353 60.89 -26.63 8.98
C THR E 353 59.85 -26.33 10.07
N ILE E 354 59.77 -25.07 10.46
CA ILE E 354 58.84 -24.61 11.49
C ILE E 354 58.09 -23.39 10.97
N HIS E 355 56.93 -23.13 11.58
CA HIS E 355 56.01 -22.09 11.14
C HIS E 355 55.55 -21.28 12.34
N PHE E 356 55.54 -19.95 12.17
CA PHE E 356 55.35 -19.04 13.29
C PHE E 356 54.61 -17.78 12.83
N SER E 357 54.07 -17.06 13.80
CA SER E 357 53.37 -15.79 13.59
C SER E 357 54.15 -14.69 14.29
N THR E 358 54.38 -13.58 13.60
CA THR E 358 55.17 -12.47 14.14
C THR E 358 54.52 -11.14 13.78
N ALA E 359 54.94 -10.10 14.51
CA ALA E 359 54.42 -8.74 14.34
C ALA E 359 55.52 -7.75 13.92
N ASN E 360 56.71 -8.25 13.59
CA ASN E 360 57.87 -7.40 13.35
C ASN E 360 58.16 -7.36 11.86
N ILE E 361 58.44 -6.15 11.36
CA ILE E 361 58.86 -6.00 9.96
C ILE E 361 60.30 -6.45 9.78
N HIS E 362 61.11 -6.34 10.84
CA HIS E 362 62.51 -6.76 10.84
C HIS E 362 62.75 -7.70 12.03
N PRO E 363 62.18 -8.91 12.01
CA PRO E 363 62.30 -9.79 13.16
C PRO E 363 63.73 -10.28 13.35
N GLU E 364 64.26 -10.04 14.55
CA GLU E 364 65.59 -10.52 14.96
C GLU E 364 65.40 -11.12 16.36
N PHE E 365 65.06 -12.41 16.39
CA PHE E 365 64.57 -13.02 17.63
C PHE E 365 65.44 -14.17 18.10
N ARG E 366 65.07 -14.73 19.25
CA ARG E 366 65.91 -15.60 20.06
C ARG E 366 65.17 -16.91 20.30
N LEU E 367 65.68 -18.00 19.74
CA LEU E 367 65.00 -19.29 19.73
C LEU E 367 65.71 -20.27 20.65
N GLN E 368 64.91 -21.07 21.36
CA GLN E 368 65.39 -22.14 22.23
C GLN E 368 65.00 -23.48 21.63
N ILE E 369 66.00 -24.35 21.43
CA ILE E 369 65.84 -25.65 20.81
C ILE E 369 66.30 -26.70 21.82
N CYS E 370 66.09 -27.98 21.48
CA CYS E 370 66.00 -29.12 22.41
C CYS E 370 66.87 -28.98 23.65
N THR E 371 68.14 -28.58 23.47
CA THR E 371 69.03 -28.33 24.58
C THR E 371 69.95 -27.13 24.35
N SER E 372 69.74 -26.36 23.28
CA SER E 372 70.66 -25.28 22.91
C SER E 372 69.86 -24.04 22.54
N TYR E 373 70.58 -22.99 22.13
CA TYR E 373 70.02 -21.68 21.89
C TYR E 373 70.57 -21.14 20.58
N VAL E 374 69.73 -20.41 19.83
CA VAL E 374 70.14 -19.79 18.58
C VAL E 374 69.46 -18.43 18.47
N THR E 375 69.97 -17.61 17.54
CA THR E 375 69.40 -16.31 17.21
C THR E 375 69.16 -16.28 15.71
N CYS E 376 67.96 -15.86 15.31
CA CYS E 376 67.54 -15.90 13.91
C CYS E 376 67.00 -14.54 13.51
N LYS E 377 67.46 -14.03 12.37
CA LYS E 377 67.13 -12.68 11.91
C LYS E 377 66.62 -12.72 10.48
N GLY E 378 65.73 -11.78 10.18
CA GLY E 378 65.19 -11.65 8.83
C GLY E 378 64.33 -10.42 8.72
N ASP E 379 63.70 -10.27 7.55
CA ASP E 379 62.82 -9.14 7.26
C ASP E 379 61.55 -9.68 6.63
N CYS E 380 60.40 -9.38 7.25
CA CYS E 380 59.13 -9.78 6.67
C CYS E 380 58.64 -8.72 5.67
N HIS E 381 57.52 -9.03 5.03
CA HIS E 381 56.89 -8.21 4.01
C HIS E 381 55.42 -8.02 4.38
N PRO E 382 54.76 -6.97 3.89
CA PRO E 382 53.36 -6.72 4.28
C PRO E 382 52.45 -7.82 3.78
N PRO E 383 51.33 -8.11 4.48
CA PRO E 383 50.35 -9.04 3.92
C PRO E 383 49.48 -8.37 2.87
N LYS E 384 48.84 -9.16 2.01
CA LYS E 384 48.07 -8.65 0.88
C LYS E 384 46.58 -8.56 1.16
N ASP E 385 45.98 -9.55 1.78
CA ASP E 385 44.55 -9.51 2.07
C ASP E 385 44.23 -8.41 3.07
N HIS E 386 43.11 -7.72 2.84
CA HIS E 386 42.77 -6.57 3.68
C HIS E 386 42.06 -6.99 4.96
N ILE E 387 41.12 -7.92 4.87
CA ILE E 387 40.21 -8.25 5.97
C ILE E 387 40.21 -9.76 6.17
N VAL E 388 40.26 -10.19 7.44
CA VAL E 388 40.22 -11.60 7.80
C VAL E 388 39.16 -11.80 8.87
N THR E 389 38.68 -13.04 8.98
CA THR E 389 37.63 -13.41 9.92
C THR E 389 38.17 -13.99 11.23
N HIS E 390 39.49 -14.16 11.34
CA HIS E 390 40.11 -14.79 12.51
C HIS E 390 40.91 -13.77 13.32
N PRO E 391 41.11 -14.02 14.61
CA PRO E 391 41.78 -13.02 15.46
C PRO E 391 43.29 -13.05 15.28
N GLN E 392 43.94 -12.05 15.90
CA GLN E 392 45.40 -12.00 15.93
C GLN E 392 45.94 -13.12 16.81
N TYR E 393 47.00 -13.77 16.33
CA TYR E 393 47.61 -14.91 17.01
C TYR E 393 48.94 -14.58 17.67
N HIS E 394 49.38 -13.32 17.62
CA HIS E 394 50.68 -12.92 18.15
C HIS E 394 50.49 -11.65 18.99
N ALA E 395 51.61 -11.10 19.47
CA ALA E 395 51.62 -9.93 20.33
C ALA E 395 52.47 -8.83 19.71
N GLN E 396 52.01 -7.60 19.83
CA GLN E 396 52.72 -6.45 19.31
C GLN E 396 53.78 -5.97 20.30
N THR E 397 54.84 -5.37 19.75
CA THR E 397 55.90 -4.78 20.55
C THR E 397 56.26 -3.43 19.95
N PHE E 398 56.59 -2.47 20.83
CA PHE E 398 56.95 -1.13 20.39
C PHE E 398 58.21 -1.16 19.53
N SER F 1 -3.87 -29.31 -38.00
CA SER F 1 -2.51 -28.74 -37.75
C SER F 1 -2.18 -28.71 -36.26
N THR F 2 -3.22 -28.77 -35.42
CA THR F 2 -2.99 -28.85 -33.98
C THR F 2 -2.58 -30.26 -33.56
N GLU F 3 -3.14 -31.29 -34.22
CA GLU F 3 -2.86 -32.66 -33.81
C GLU F 3 -1.43 -33.08 -34.13
N GLU F 4 -0.84 -32.55 -35.20
CA GLU F 4 0.56 -32.89 -35.49
C GLU F 4 1.50 -32.29 -34.46
N LEU F 5 1.16 -31.09 -33.95
CA LEU F 5 1.91 -30.54 -32.82
C LEU F 5 1.67 -31.36 -31.56
N PHE F 6 0.45 -31.85 -31.38
CA PHE F 6 0.08 -32.51 -30.13
C PHE F 6 0.66 -33.92 -30.04
N ASN F 7 0.82 -34.59 -31.17
CA ASN F 7 1.10 -36.03 -31.16
C ASN F 7 2.44 -36.34 -30.50
N GLU F 8 3.46 -35.51 -30.74
CA GLU F 8 4.82 -35.84 -30.32
C GLU F 8 4.96 -36.01 -28.81
N TYR F 9 4.02 -35.49 -28.01
CA TYR F 9 4.06 -35.67 -26.56
C TYR F 9 3.40 -36.97 -26.10
N LYS F 10 2.94 -37.82 -27.01
CA LYS F 10 2.39 -39.12 -26.64
C LYS F 10 3.47 -40.15 -26.34
N LEU F 11 4.75 -39.76 -26.38
CA LEU F 11 5.85 -40.67 -26.11
C LEU F 11 6.44 -40.49 -24.72
N THR F 12 5.73 -39.83 -23.80
CA THR F 12 6.19 -39.62 -22.43
C THR F 12 5.04 -39.93 -21.47
N ARG F 13 5.36 -39.90 -20.18
CA ARG F 13 4.41 -40.21 -19.12
C ARG F 13 4.58 -39.22 -17.99
N PRO F 14 3.55 -39.00 -17.16
CA PRO F 14 3.73 -38.19 -15.96
C PRO F 14 4.47 -38.97 -14.87
N TYR F 15 4.91 -38.24 -13.85
CA TYR F 15 5.76 -38.83 -12.82
C TYR F 15 5.70 -37.97 -11.57
N MET F 16 6.19 -38.55 -10.46
CA MET F 16 6.27 -37.83 -9.20
C MET F 16 7.64 -37.19 -9.05
N ALA F 17 7.72 -36.22 -8.14
CA ALA F 17 9.00 -35.64 -7.75
C ALA F 17 8.80 -34.92 -6.42
N ARG F 18 9.91 -34.67 -5.71
CA ARG F 18 9.85 -34.20 -4.34
C ARG F 18 9.55 -32.70 -4.32
N CYS F 19 8.48 -32.32 -3.61
CA CYS F 19 8.21 -30.93 -3.29
C CYS F 19 8.41 -30.74 -1.79
N ILE F 20 9.21 -29.73 -1.44
CA ILE F 20 9.62 -29.55 -0.04
C ILE F 20 8.43 -29.16 0.83
N ARG F 21 7.46 -28.44 0.26
CA ARG F 21 6.29 -27.98 0.98
C ARG F 21 5.07 -28.75 0.50
N CYS F 22 4.41 -29.43 1.43
CA CYS F 22 3.18 -30.16 1.18
C CYS F 22 2.02 -29.35 1.76
N ALA F 23 0.85 -29.97 1.87
CA ALA F 23 -0.14 -29.48 2.82
C ALA F 23 0.33 -29.63 4.26
N VAL F 24 1.34 -30.47 4.52
CA VAL F 24 1.86 -30.71 5.87
C VAL F 24 3.38 -30.54 5.94
N GLY F 25 4.13 -31.33 5.17
CA GLY F 25 5.58 -31.23 5.12
C GLY F 25 6.17 -31.36 3.73
N SER F 26 7.12 -32.27 3.56
CA SER F 26 7.82 -32.50 2.30
C SER F 26 7.41 -33.87 1.76
N CYS F 27 6.96 -33.90 0.50
CA CYS F 27 6.36 -35.10 -0.09
C CYS F 27 7.08 -35.41 -1.39
N HIS F 28 6.73 -36.54 -1.97
CA HIS F 28 6.99 -36.82 -3.39
C HIS F 28 5.64 -36.65 -4.08
N SER F 29 5.38 -35.42 -4.51
CA SER F 29 4.09 -35.06 -5.05
C SER F 29 4.01 -35.43 -6.53
N PRO F 30 2.80 -35.64 -7.06
CA PRO F 30 2.68 -35.91 -8.50
C PRO F 30 2.70 -34.66 -9.37
N ILE F 31 2.70 -33.47 -8.78
CA ILE F 31 2.62 -32.21 -9.52
C ILE F 31 3.86 -31.38 -9.26
N ALA F 32 5.00 -32.05 -9.09
CA ALA F 32 6.24 -31.36 -8.72
C ALA F 32 6.60 -30.29 -9.76
N ILE F 33 7.40 -29.33 -9.33
CA ILE F 33 7.75 -28.17 -10.14
C ILE F 33 9.18 -28.37 -10.63
N GLU F 34 9.35 -28.51 -11.95
CA GLU F 34 10.70 -28.62 -12.49
C GLU F 34 11.41 -27.27 -12.49
N ALA F 35 10.71 -26.21 -12.89
CA ALA F 35 11.26 -24.86 -12.93
C ALA F 35 10.13 -23.92 -13.32
N VAL F 36 10.37 -22.62 -13.12
CA VAL F 36 9.44 -21.57 -13.50
C VAL F 36 10.21 -20.50 -14.27
N LYS F 37 9.66 -20.09 -15.41
CA LYS F 37 10.24 -19.05 -16.25
C LYS F 37 9.25 -17.91 -16.39
N SER F 38 9.71 -16.69 -16.15
CA SER F 38 8.87 -15.49 -16.27
C SER F 38 9.73 -14.37 -16.83
N ASP F 39 9.62 -14.12 -18.14
CA ASP F 39 10.36 -13.07 -18.80
C ASP F 39 9.50 -12.14 -19.66
N GLY F 40 8.18 -12.33 -19.69
CA GLY F 40 7.31 -11.47 -20.45
C GLY F 40 7.14 -10.10 -19.82
N HIS F 41 6.04 -9.43 -20.12
CA HIS F 41 5.77 -8.09 -19.62
C HIS F 41 4.49 -8.00 -18.79
N ASP F 42 3.40 -8.62 -19.25
CA ASP F 42 2.11 -8.54 -18.58
C ASP F 42 1.95 -9.56 -17.46
N GLY F 43 3.04 -10.17 -17.00
CA GLY F 43 2.97 -11.12 -15.91
C GLY F 43 2.60 -12.53 -16.32
N TYR F 44 2.40 -12.78 -17.61
CA TYR F 44 2.11 -14.14 -18.07
C TYR F 44 3.31 -15.03 -17.80
N VAL F 45 3.09 -16.13 -17.10
CA VAL F 45 4.16 -17.01 -16.62
C VAL F 45 3.99 -18.39 -17.23
N ARG F 46 5.09 -18.94 -17.73
CA ARG F 46 5.18 -20.33 -18.15
C ARG F 46 5.78 -21.14 -17.01
N LEU F 47 5.18 -22.29 -16.73
CA LEU F 47 5.58 -23.14 -15.61
C LEU F 47 5.82 -24.55 -16.11
N GLN F 48 6.87 -25.18 -15.60
CA GLN F 48 7.26 -26.54 -15.97
C GLN F 48 6.88 -27.48 -14.83
N THR F 49 6.07 -28.49 -15.15
CA THR F 49 5.49 -29.37 -14.14
C THR F 49 5.83 -30.81 -14.48
N SER F 50 5.49 -31.71 -13.55
CA SER F 50 5.75 -33.13 -13.68
C SER F 50 4.58 -33.92 -14.25
N SER F 51 3.48 -33.26 -14.60
CA SER F 51 2.29 -33.90 -15.14
C SER F 51 2.08 -33.43 -16.58
N GLN F 52 1.12 -34.06 -17.26
CA GLN F 52 0.81 -33.75 -18.65
C GLN F 52 -0.58 -33.11 -18.74
N TYR F 53 -0.75 -32.29 -19.77
CA TYR F 53 -1.97 -31.53 -19.99
C TYR F 53 -2.49 -31.79 -21.39
N GLY F 54 -3.81 -31.98 -21.51
CA GLY F 54 -4.44 -32.25 -22.79
C GLY F 54 -4.61 -33.71 -23.11
N LEU F 55 -4.02 -34.61 -22.31
CA LEU F 55 -4.15 -36.05 -22.53
C LEU F 55 -4.82 -36.72 -21.33
N LEU F 61 -6.13 -36.82 -27.38
CA LEU F 61 -6.66 -35.55 -27.87
C LEU F 61 -7.82 -35.08 -26.99
N LYS F 62 -7.50 -34.71 -25.75
CA LYS F 62 -8.46 -34.21 -24.78
C LYS F 62 -8.29 -32.71 -24.63
N GLY F 63 -9.40 -31.99 -24.53
CA GLY F 63 -9.36 -30.55 -24.53
C GLY F 63 -8.76 -29.93 -23.30
N ARG F 64 -9.46 -30.02 -22.17
CA ARG F 64 -9.07 -29.37 -20.92
C ARG F 64 -9.01 -30.42 -19.82
N THR F 65 -7.83 -31.02 -19.63
CA THR F 65 -7.66 -32.00 -18.57
C THR F 65 -6.18 -32.29 -18.39
N MET F 66 -5.77 -32.45 -17.13
CA MET F 66 -4.43 -32.87 -16.79
C MET F 66 -4.40 -34.39 -16.66
N ARG F 67 -3.30 -34.99 -17.14
CA ARG F 67 -3.01 -36.41 -16.95
C ARG F 67 -1.77 -36.48 -16.07
N TYR F 68 -1.90 -37.15 -14.92
CA TYR F 68 -0.81 -37.25 -13.97
C TYR F 68 -0.66 -38.70 -13.49
N ASP F 69 0.46 -38.95 -12.81
CA ASP F 69 0.77 -40.26 -12.25
C ASP F 69 0.60 -40.21 -10.74
N MET F 70 0.33 -41.38 -10.15
CA MET F 70 0.18 -41.48 -8.70
C MET F 70 0.45 -42.93 -8.31
N HIS F 71 1.61 -43.18 -7.70
CA HIS F 71 2.02 -44.51 -7.26
C HIS F 71 1.92 -45.52 -8.41
N GLY F 72 2.35 -45.07 -9.59
CA GLY F 72 2.35 -45.90 -10.77
C GLY F 72 1.02 -46.04 -11.47
N THR F 73 -0.03 -45.36 -11.01
CA THR F 73 -1.35 -45.42 -11.62
C THR F 73 -1.60 -44.08 -12.31
N ILE F 74 -1.97 -44.13 -13.58
CA ILE F 74 -2.26 -42.92 -14.34
C ILE F 74 -3.69 -42.50 -14.08
N LYS F 75 -3.89 -41.21 -13.85
CA LYS F 75 -5.22 -40.65 -13.63
C LYS F 75 -5.32 -39.33 -14.38
N GLU F 76 -6.54 -38.88 -14.59
CA GLU F 76 -6.79 -37.63 -15.29
C GLU F 76 -7.91 -36.86 -14.60
N ILE F 77 -7.81 -35.53 -14.63
CA ILE F 77 -8.82 -34.67 -14.03
C ILE F 77 -9.06 -33.45 -14.91
N PRO F 78 -10.27 -32.87 -14.94
CA PRO F 78 -10.47 -31.63 -15.69
C PRO F 78 -9.62 -30.50 -15.13
N LEU F 79 -9.24 -29.57 -16.02
CA LEU F 79 -8.33 -28.50 -15.65
C LEU F 79 -8.98 -27.46 -14.73
N HIS F 80 -10.30 -27.43 -14.63
CA HIS F 80 -10.98 -26.46 -13.77
C HIS F 80 -10.94 -26.86 -12.29
N GLN F 81 -10.39 -28.03 -11.97
CA GLN F 81 -10.30 -28.51 -10.59
C GLN F 81 -9.02 -28.03 -9.89
N VAL F 82 -8.20 -27.23 -10.56
CA VAL F 82 -6.87 -26.86 -10.07
C VAL F 82 -6.88 -25.37 -9.76
N SER F 83 -6.06 -24.97 -8.79
CA SER F 83 -5.88 -23.55 -8.46
C SER F 83 -4.41 -23.31 -8.14
N LEU F 84 -4.00 -22.05 -8.17
CA LEU F 84 -2.62 -21.67 -7.89
C LEU F 84 -2.59 -20.17 -7.60
N TYR F 85 -1.52 -19.73 -6.92
CA TYR F 85 -1.36 -18.33 -6.55
C TYR F 85 0.04 -18.06 -6.00
N THR F 86 0.55 -16.85 -6.18
CA THR F 86 1.73 -16.43 -5.43
C THR F 86 1.32 -15.92 -4.06
N SER F 87 0.56 -14.82 -4.04
CA SER F 87 -0.16 -14.36 -2.87
C SER F 87 -1.64 -14.18 -3.17
N ARG F 88 -1.97 -13.54 -4.30
CA ARG F 88 -3.31 -13.29 -4.83
C ARG F 88 -3.64 -14.35 -5.89
N PRO F 89 -4.92 -14.75 -6.05
CA PRO F 89 -5.21 -15.84 -6.98
C PRO F 89 -4.79 -15.56 -8.42
N CYS F 90 -4.36 -16.62 -9.10
CA CYS F 90 -3.89 -16.56 -10.47
C CYS F 90 -5.05 -16.84 -11.43
N HIS F 91 -4.76 -16.90 -12.73
CA HIS F 91 -5.74 -17.31 -13.74
C HIS F 91 -5.03 -18.14 -14.79
N ILE F 92 -5.51 -19.36 -15.01
CA ILE F 92 -4.95 -20.23 -16.05
C ILE F 92 -5.28 -19.66 -17.43
N VAL F 93 -4.41 -19.96 -18.40
CA VAL F 93 -4.62 -19.58 -19.80
C VAL F 93 -4.63 -20.81 -20.71
N ASP F 94 -3.50 -21.49 -20.82
CA ASP F 94 -3.33 -22.62 -21.75
C ASP F 94 -2.28 -23.56 -21.20
N GLY F 95 -2.28 -24.79 -21.70
CA GLY F 95 -1.30 -25.77 -21.31
C GLY F 95 -0.99 -26.74 -22.43
N HIS F 96 0.21 -27.30 -22.39
CA HIS F 96 0.63 -28.29 -23.37
C HIS F 96 1.81 -29.06 -22.82
N GLY F 97 1.78 -30.38 -22.98
CA GLY F 97 2.87 -31.21 -22.51
C GLY F 97 3.09 -31.05 -21.02
N TYR F 98 4.35 -30.85 -20.64
CA TYR F 98 4.73 -30.61 -19.25
C TYR F 98 4.77 -29.12 -18.90
N PHE F 99 4.11 -28.28 -19.70
CA PHE F 99 4.21 -26.83 -19.55
C PHE F 99 2.83 -26.21 -19.48
N LEU F 100 2.74 -25.11 -18.72
CA LEU F 100 1.48 -24.43 -18.45
C LEU F 100 1.70 -22.93 -18.45
N LEU F 101 1.07 -22.23 -19.39
CA LEU F 101 1.10 -20.78 -19.43
C LEU F 101 -0.17 -20.23 -18.76
N ALA F 102 0.02 -19.28 -17.85
CA ALA F 102 -1.08 -18.75 -17.06
C ALA F 102 -0.80 -17.27 -16.78
N ARG F 103 -1.80 -16.61 -16.19
CA ARG F 103 -1.69 -15.22 -15.77
C ARG F 103 -1.62 -15.17 -14.26
N CYS F 104 -0.57 -14.58 -13.73
CA CYS F 104 -0.30 -14.59 -12.29
C CYS F 104 0.16 -13.21 -11.83
N PRO F 105 -0.02 -12.90 -10.54
CA PRO F 105 0.51 -11.63 -10.00
C PRO F 105 1.94 -11.79 -9.47
N ALA F 106 2.48 -10.73 -8.89
CA ALA F 106 3.85 -10.77 -8.36
C ALA F 106 3.91 -11.55 -7.06
N GLY F 107 5.12 -11.91 -6.66
CA GLY F 107 5.35 -12.64 -5.44
C GLY F 107 6.63 -13.43 -5.52
N ASP F 108 7.23 -13.65 -4.34
CA ASP F 108 8.49 -14.37 -4.25
C ASP F 108 8.33 -15.89 -4.23
N SER F 109 7.11 -16.39 -4.07
CA SER F 109 6.83 -17.82 -4.07
C SER F 109 5.59 -18.09 -4.90
N ILE F 110 5.49 -19.32 -5.39
CA ILE F 110 4.34 -19.79 -6.16
C ILE F 110 3.84 -21.08 -5.54
N THR F 111 2.54 -21.14 -5.28
CA THR F 111 1.87 -22.33 -4.75
C THR F 111 0.85 -22.80 -5.77
N MET F 112 0.69 -24.12 -5.89
CA MET F 112 -0.36 -24.69 -6.71
C MET F 112 -0.90 -25.95 -6.04
N GLU F 113 -2.18 -26.21 -6.30
CA GLU F 113 -2.93 -27.15 -5.46
C GLU F 113 -4.22 -27.60 -6.12
N PHE F 114 -4.58 -28.85 -5.88
CA PHE F 114 -5.85 -29.42 -6.30
C PHE F 114 -6.39 -30.32 -5.19
N LYS F 115 -7.65 -30.71 -5.33
CA LYS F 115 -8.35 -31.50 -4.33
C LYS F 115 -8.81 -32.80 -4.96
N LYS F 116 -8.35 -33.93 -4.40
CA LYS F 116 -8.78 -35.26 -4.80
C LYS F 116 -10.17 -35.48 -4.18
N ASP F 117 -10.69 -36.71 -4.27
CA ASP F 117 -11.97 -37.01 -3.63
C ASP F 117 -12.00 -36.60 -2.17
N SER F 118 -10.92 -36.84 -1.43
CA SER F 118 -10.84 -36.40 -0.03
C SER F 118 -9.44 -35.91 0.37
N VAL F 119 -8.51 -35.77 -0.57
CA VAL F 119 -7.13 -35.41 -0.26
C VAL F 119 -6.78 -34.15 -1.05
N ARG F 120 -6.19 -33.17 -0.36
CA ARG F 120 -5.75 -31.92 -0.97
C ARG F 120 -4.25 -32.00 -1.20
N HIS F 121 -3.84 -32.06 -2.46
CA HIS F 121 -2.44 -31.97 -2.83
C HIS F 121 -2.09 -30.52 -3.09
N SER F 122 -0.98 -30.07 -2.52
CA SER F 122 -0.58 -28.67 -2.60
C SER F 122 0.93 -28.58 -2.43
N CYS F 123 1.62 -27.96 -3.38
CA CYS F 123 3.05 -27.72 -3.25
C CYS F 123 3.37 -26.27 -3.60
N SER F 124 4.36 -25.73 -2.89
CA SER F 124 4.80 -24.35 -3.07
C SER F 124 6.31 -24.33 -3.17
N VAL F 125 6.83 -23.36 -3.93
CA VAL F 125 8.28 -23.18 -4.07
C VAL F 125 8.60 -21.69 -4.01
N PRO F 126 9.74 -21.29 -3.39
CA PRO F 126 10.09 -19.85 -3.35
C PRO F 126 10.92 -19.41 -4.56
N TYR F 127 10.25 -19.32 -5.71
CA TYR F 127 10.84 -18.79 -6.93
C TYR F 127 10.21 -17.43 -7.23
N GLU F 128 11.06 -16.43 -7.48
CA GLU F 128 10.58 -15.07 -7.65
C GLU F 128 9.67 -14.96 -8.86
N VAL F 129 8.54 -14.28 -8.68
CA VAL F 129 7.62 -13.94 -9.76
C VAL F 129 7.54 -12.42 -9.81
N LYS F 130 8.24 -11.82 -10.77
CA LYS F 130 8.41 -10.37 -10.84
C LYS F 130 7.68 -9.82 -12.06
N PHE F 131 6.82 -8.84 -11.85
CA PHE F 131 6.16 -8.17 -12.95
C PHE F 131 7.13 -7.20 -13.64
N ASN F 132 6.99 -7.09 -14.95
CA ASN F 132 7.88 -6.28 -15.79
C ASN F 132 7.06 -5.25 -16.55
N PRO F 133 6.88 -4.05 -16.01
CA PRO F 133 6.14 -3.01 -16.75
C PRO F 133 6.87 -2.59 -18.01
N VAL F 134 6.09 -2.03 -18.95
CA VAL F 134 6.60 -1.56 -20.23
C VAL F 134 6.53 -0.05 -20.26
N GLY F 135 7.45 0.55 -20.99
CA GLY F 135 7.46 1.99 -21.15
C GLY F 135 8.12 2.69 -19.96
N ARG F 136 7.82 3.98 -19.86
CA ARG F 136 8.40 4.86 -18.86
C ARG F 136 7.49 5.06 -17.65
N GLU F 137 6.34 4.40 -17.60
CA GLU F 137 5.42 4.48 -16.47
C GLU F 137 5.43 3.14 -15.74
N LEU F 138 5.73 3.17 -14.45
CA LEU F 138 5.85 1.95 -13.64
C LEU F 138 4.52 1.60 -12.97
N TYR F 139 3.55 1.26 -13.82
CA TYR F 139 2.26 0.79 -13.35
C TYR F 139 2.38 -0.63 -12.78
N THR F 140 1.30 -1.07 -12.14
CA THR F 140 1.24 -2.35 -11.44
C THR F 140 0.39 -3.40 -12.15
N HIS F 141 -0.85 -3.06 -12.50
CA HIS F 141 -1.79 -3.99 -13.13
C HIS F 141 -2.25 -3.43 -14.48
N PRO F 142 -2.54 -4.29 -15.45
CA PRO F 142 -2.73 -3.82 -16.84
C PRO F 142 -3.83 -2.79 -16.94
N PRO F 143 -3.60 -1.64 -17.62
CA PRO F 143 -4.66 -0.63 -17.73
C PRO F 143 -5.65 -0.93 -18.83
N GLU F 144 -6.62 -0.04 -19.02
CA GLU F 144 -7.71 -0.30 -19.96
C GLU F 144 -7.42 0.26 -21.35
N HIS F 145 -6.70 1.38 -21.44
CA HIS F 145 -6.60 2.16 -22.67
C HIS F 145 -5.15 2.57 -22.87
N GLY F 146 -4.93 3.41 -23.88
CA GLY F 146 -3.65 4.05 -24.11
C GLY F 146 -3.13 3.82 -25.51
N VAL F 147 -1.94 4.38 -25.76
CA VAL F 147 -1.30 4.26 -27.07
C VAL F 147 -0.70 2.86 -27.21
N GLU F 148 -0.56 2.41 -28.46
CA GLU F 148 -0.16 1.05 -28.78
C GLU F 148 1.33 1.00 -29.13
N GLN F 149 2.04 0.03 -28.57
CA GLN F 149 3.46 -0.16 -28.84
C GLN F 149 3.77 -1.64 -29.01
N ALA F 150 4.91 -1.93 -29.62
CA ALA F 150 5.41 -3.29 -29.67
C ALA F 150 5.81 -3.76 -28.28
N CYS F 151 5.71 -5.07 -28.05
CA CYS F 151 6.04 -5.66 -26.76
C CYS F 151 6.45 -7.10 -26.99
N GLN F 152 7.09 -7.69 -25.98
CA GLN F 152 7.51 -9.08 -26.00
C GLN F 152 6.71 -9.85 -24.95
N VAL F 153 6.04 -10.92 -25.39
CA VAL F 153 5.17 -11.69 -24.50
C VAL F 153 5.25 -13.15 -24.92
N TYR F 154 4.87 -14.05 -24.01
CA TYR F 154 4.85 -15.47 -24.32
C TYR F 154 3.84 -15.76 -25.42
N ALA F 155 3.92 -16.96 -26.00
CA ALA F 155 3.03 -17.37 -27.07
C ALA F 155 1.88 -18.18 -26.49
N HIS F 156 0.65 -17.78 -26.82
CA HIS F 156 -0.51 -18.54 -26.36
C HIS F 156 -0.67 -19.86 -27.12
N ASP F 157 -0.25 -19.89 -28.39
CA ASP F 157 -0.28 -21.13 -29.15
C ASP F 157 0.97 -21.96 -28.83
N ALA F 158 0.93 -23.22 -29.28
CA ALA F 158 1.98 -24.19 -29.00
C ALA F 158 2.78 -24.55 -30.25
N GLN F 159 3.08 -23.56 -31.09
CA GLN F 159 3.75 -23.83 -32.35
C GLN F 159 5.19 -24.29 -32.12
N ASN F 160 5.66 -25.19 -32.98
CA ASN F 160 7.02 -25.68 -32.93
C ASN F 160 7.96 -24.64 -33.53
N ARG F 161 8.97 -24.24 -32.75
CA ARG F 161 9.97 -23.28 -33.19
C ARG F 161 11.37 -23.80 -32.88
N GLY F 162 12.39 -22.97 -33.07
CA GLY F 162 13.77 -23.38 -32.87
C GLY F 162 14.18 -23.49 -31.42
N ALA F 163 13.61 -24.46 -30.70
CA ALA F 163 13.98 -24.69 -29.31
C ALA F 163 13.60 -26.13 -28.96
N TYR F 164 14.60 -26.97 -28.72
CA TYR F 164 14.39 -28.40 -28.48
C TYR F 164 15.00 -28.80 -27.15
N VAL F 165 14.29 -29.67 -26.42
CA VAL F 165 14.71 -30.18 -25.13
C VAL F 165 14.74 -31.70 -25.20
N GLU F 166 15.70 -32.30 -24.49
CA GLU F 166 16.01 -33.72 -24.61
C GLU F 166 15.17 -34.54 -23.65
N MET F 167 14.95 -35.81 -23.99
CA MET F 167 14.31 -36.79 -23.11
C MET F 167 15.12 -38.09 -23.12
N HIS F 168 14.82 -38.96 -22.14
CA HIS F 168 15.60 -40.16 -21.89
C HIS F 168 14.63 -41.30 -21.62
N LEU F 169 15.19 -42.47 -21.29
CA LEU F 169 14.36 -43.60 -20.88
C LEU F 169 13.84 -43.38 -19.45
N PRO F 170 12.67 -43.92 -19.12
CA PRO F 170 12.26 -43.92 -17.71
C PRO F 170 13.16 -44.82 -16.87
N GLY F 171 13.30 -44.43 -15.60
CA GLY F 171 14.17 -45.14 -14.69
C GLY F 171 13.49 -46.33 -14.02
N SER F 172 14.26 -47.01 -13.18
CA SER F 172 13.81 -48.18 -12.43
C SER F 172 13.74 -47.81 -10.96
N GLU F 173 12.55 -47.41 -10.51
CA GLU F 173 12.32 -47.01 -9.13
C GLU F 173 11.67 -48.16 -8.37
N VAL F 174 12.09 -48.32 -7.11
CA VAL F 174 11.63 -49.42 -6.28
C VAL F 174 10.16 -49.24 -5.94
N ASP F 175 9.43 -50.36 -5.88
CA ASP F 175 8.03 -50.39 -5.46
C ASP F 175 7.95 -51.26 -4.21
N SER F 176 7.79 -50.63 -3.05
CA SER F 176 7.70 -51.37 -1.80
C SER F 176 6.46 -52.25 -1.75
N SER F 177 5.37 -51.79 -2.38
CA SER F 177 4.12 -52.54 -2.32
C SER F 177 4.24 -53.89 -3.02
N LEU F 178 4.97 -53.94 -4.14
CA LEU F 178 5.09 -55.19 -4.89
C LEU F 178 5.77 -56.27 -4.05
N VAL F 179 6.81 -55.91 -3.32
CA VAL F 179 7.46 -56.84 -2.41
C VAL F 179 6.56 -56.99 -1.18
N SER F 180 6.15 -58.23 -0.89
CA SER F 180 5.22 -58.50 0.20
C SER F 180 5.61 -59.81 0.86
N LEU F 181 4.72 -60.35 1.68
CA LEU F 181 4.98 -61.51 2.51
C LEU F 181 4.09 -62.67 2.10
N SER F 182 4.70 -63.84 1.91
CA SER F 182 3.96 -65.09 1.74
C SER F 182 3.78 -65.75 3.11
N GLY F 183 3.34 -67.01 3.10
CA GLY F 183 3.25 -67.75 4.34
C GLY F 183 4.61 -68.00 4.96
N SER F 184 5.61 -68.32 4.13
CA SER F 184 6.96 -68.61 4.60
C SER F 184 8.07 -67.99 3.76
N SER F 185 7.78 -67.42 2.60
CA SER F 185 8.77 -66.87 1.69
C SER F 185 8.51 -65.38 1.48
N VAL F 186 9.39 -64.73 0.71
CA VAL F 186 9.23 -63.32 0.35
C VAL F 186 8.56 -63.26 -1.01
N THR F 187 7.44 -62.54 -1.10
CA THR F 187 6.60 -62.55 -2.28
C THR F 187 6.93 -61.40 -3.21
N VAL F 188 7.01 -61.70 -4.50
CA VAL F 188 7.05 -60.69 -5.55
C VAL F 188 5.94 -61.02 -6.54
N THR F 189 4.96 -60.14 -6.65
CA THR F 189 3.80 -60.31 -7.53
C THR F 189 3.71 -59.08 -8.43
N PRO F 190 4.46 -59.06 -9.53
CA PRO F 190 4.41 -57.90 -10.41
C PRO F 190 3.03 -57.74 -10.99
N PRO F 191 2.62 -56.50 -11.31
CA PRO F 191 1.33 -56.32 -11.99
C PRO F 191 1.32 -57.06 -13.32
N ASP F 192 0.35 -57.97 -13.47
CA ASP F 192 0.31 -58.85 -14.63
C ASP F 192 0.28 -58.04 -15.93
N GLY F 193 1.29 -58.27 -16.77
CA GLY F 193 1.40 -57.60 -18.05
C GLY F 193 2.66 -56.76 -18.24
N THR F 194 3.63 -56.84 -17.33
CA THR F 194 4.87 -56.08 -17.47
C THR F 194 6.00 -56.85 -16.81
N SER F 195 7.21 -56.62 -17.32
CA SER F 195 8.40 -57.25 -16.74
C SER F 195 8.86 -56.47 -15.52
N ALA F 196 9.58 -57.16 -14.64
CA ALA F 196 10.10 -56.56 -13.42
C ALA F 196 11.36 -57.27 -12.98
N LEU F 197 12.14 -56.61 -12.13
CA LEU F 197 13.37 -57.16 -11.60
C LEU F 197 13.42 -56.97 -10.09
N VAL F 198 14.19 -57.83 -9.43
CA VAL F 198 14.34 -57.83 -7.99
C VAL F 198 15.80 -58.09 -7.65
N GLU F 199 16.28 -57.41 -6.61
CA GLU F 199 17.64 -57.56 -6.11
C GLU F 199 17.57 -57.86 -4.62
N CYS F 200 18.28 -58.89 -4.19
CA CYS F 200 18.30 -59.32 -2.79
C CYS F 200 19.69 -59.78 -2.41
N GLU F 201 20.09 -59.43 -1.17
CA GLU F 201 21.32 -59.92 -0.56
C GLU F 201 21.01 -60.76 0.67
N CYS F 202 19.79 -61.27 0.79
CA CYS F 202 19.41 -62.04 1.99
C CYS F 202 20.25 -63.30 2.12
N GLY F 203 20.52 -63.97 1.01
CA GLY F 203 21.37 -65.14 0.99
C GLY F 203 22.78 -64.78 0.59
N GLY F 204 23.12 -65.05 -0.66
CA GLY F 204 24.39 -64.59 -1.22
C GLY F 204 24.21 -63.22 -1.83
N THR F 205 24.43 -63.11 -3.14
CA THR F 205 24.17 -61.88 -3.90
C THR F 205 23.32 -62.27 -5.10
N LYS F 206 22.01 -62.08 -4.98
CA LYS F 206 21.05 -62.58 -5.96
C LYS F 206 20.33 -61.43 -6.65
N ILE F 207 20.22 -61.52 -7.96
CA ILE F 207 19.39 -60.61 -8.75
C ILE F 207 18.65 -61.45 -9.78
N SER F 208 17.35 -61.22 -9.91
CA SER F 208 16.54 -62.04 -10.80
C SER F 208 15.44 -61.19 -11.41
N GLU F 209 15.01 -61.58 -12.61
CA GLU F 209 14.00 -60.86 -13.37
C GLU F 209 12.81 -61.79 -13.62
N THR F 210 11.89 -61.81 -12.66
CA THR F 210 10.63 -62.53 -12.85
C THR F 210 9.77 -61.79 -13.89
N ILE F 211 9.19 -62.54 -14.82
CA ILE F 211 8.47 -61.98 -15.95
C ILE F 211 7.09 -62.63 -16.00
N ASN F 212 6.07 -61.87 -15.59
CA ASN F 212 4.68 -62.28 -15.72
C ASN F 212 4.37 -63.56 -14.94
N LYS F 213 5.18 -63.88 -13.93
CA LYS F 213 5.00 -65.09 -13.15
C LYS F 213 5.36 -64.74 -11.70
N THR F 214 4.34 -64.77 -10.82
CA THR F 214 4.56 -64.45 -9.41
C THR F 214 5.59 -65.39 -8.81
N LYS F 215 6.54 -64.80 -8.07
CA LYS F 215 7.71 -65.53 -7.58
C LYS F 215 7.80 -65.42 -6.06
N GLN F 216 7.80 -66.57 -5.39
CA GLN F 216 8.18 -66.64 -3.99
C GLN F 216 9.68 -66.87 -3.87
N PHE F 217 10.26 -66.32 -2.80
CA PHE F 217 11.70 -66.33 -2.61
C PHE F 217 12.05 -66.94 -1.27
N SER F 218 12.78 -68.05 -1.32
CA SER F 218 13.35 -68.66 -0.12
C SER F 218 14.69 -68.02 0.21
N GLN F 219 15.19 -68.34 1.41
CA GLN F 219 16.43 -67.80 1.96
C GLN F 219 16.30 -66.35 2.41
N CYS F 220 15.17 -65.71 2.12
CA CYS F 220 14.88 -64.34 2.55
C CYS F 220 13.74 -64.41 3.55
N THR F 221 13.99 -63.92 4.76
CA THR F 221 13.00 -63.99 5.84
C THR F 221 12.16 -62.71 5.92
N LYS F 222 12.83 -61.56 6.04
CA LYS F 222 12.17 -60.27 6.12
C LYS F 222 12.18 -59.61 4.75
N LYS F 223 11.12 -58.87 4.43
CA LYS F 223 11.02 -58.20 3.14
C LYS F 223 12.07 -57.10 2.98
N GLU F 224 12.68 -56.65 4.07
CA GLU F 224 13.68 -55.59 3.99
C GLU F 224 14.93 -56.04 3.22
N GLN F 225 15.14 -57.34 3.05
CA GLN F 225 16.32 -57.85 2.36
C GLN F 225 16.15 -57.89 0.85
N CYS F 226 14.99 -57.51 0.32
CA CYS F 226 14.72 -57.56 -1.11
C CYS F 226 14.16 -56.22 -1.57
N ARG F 227 14.47 -55.87 -2.82
CA ARG F 227 13.94 -54.66 -3.45
C ARG F 227 13.52 -54.98 -4.87
N ALA F 228 12.27 -54.66 -5.20
CA ALA F 228 11.70 -54.87 -6.52
C ALA F 228 11.54 -53.54 -7.23
N TYR F 229 12.04 -53.45 -8.45
CA TYR F 229 12.02 -52.23 -9.24
C TYR F 229 11.07 -52.39 -10.43
N ARG F 230 10.52 -51.25 -10.86
CA ARG F 230 9.51 -51.20 -11.92
C ARG F 230 10.19 -50.88 -13.24
N LEU F 231 9.83 -51.62 -14.28
CA LEU F 231 10.41 -51.47 -15.61
C LEU F 231 9.37 -50.96 -16.60
N GLN F 232 9.83 -50.20 -17.58
CA GLN F 232 8.96 -49.71 -18.65
C GLN F 232 9.85 -49.31 -19.82
N ASN F 233 9.69 -50.01 -20.95
CA ASN F 233 10.56 -49.76 -22.10
C ASN F 233 10.23 -48.43 -22.76
N ASP F 234 8.94 -48.13 -22.92
CA ASP F 234 8.49 -46.97 -23.67
C ASP F 234 8.30 -45.77 -22.74
N LYS F 235 7.65 -44.72 -23.26
CA LYS F 235 7.29 -43.53 -22.47
C LYS F 235 8.55 -42.85 -21.92
N TRP F 236 9.31 -42.29 -22.87
CA TRP F 236 10.54 -41.56 -22.56
C TRP F 236 10.27 -40.45 -21.55
N VAL F 237 11.34 -39.96 -20.92
CA VAL F 237 11.23 -39.04 -19.79
C VAL F 237 12.16 -37.85 -19.98
N TYR F 238 11.74 -36.69 -19.48
CA TYR F 238 12.51 -35.45 -19.57
C TYR F 238 13.76 -35.54 -18.71
N ASN F 239 14.76 -34.72 -19.06
CA ASN F 239 16.01 -34.63 -18.31
C ASN F 239 15.73 -33.93 -16.98
N SER F 240 15.27 -34.72 -16.02
CA SER F 240 14.99 -34.24 -14.68
C SER F 240 16.17 -34.55 -13.76
N ASP F 241 16.09 -34.11 -12.51
CA ASP F 241 17.07 -34.41 -11.48
C ASP F 241 16.52 -35.23 -10.33
N LYS F 242 15.20 -35.20 -10.10
CA LYS F 242 14.60 -35.99 -9.04
C LYS F 242 14.48 -37.47 -9.40
N LEU F 243 14.58 -37.81 -10.69
CA LEU F 243 14.36 -39.17 -11.16
C LEU F 243 15.69 -39.83 -11.49
N PRO F 244 15.94 -41.07 -11.06
CA PRO F 244 17.19 -41.73 -11.46
C PRO F 244 17.20 -42.01 -12.96
N LYS F 245 18.40 -41.96 -13.54
CA LYS F 245 18.55 -42.18 -14.97
C LYS F 245 18.54 -43.68 -15.29
N ALA F 246 18.41 -43.97 -16.58
CA ALA F 246 18.31 -45.33 -17.08
C ALA F 246 19.65 -45.79 -17.64
N ALA F 247 19.65 -46.96 -18.29
CA ALA F 247 20.86 -47.60 -18.80
C ALA F 247 20.86 -47.57 -20.32
N GLY F 248 21.95 -47.07 -20.89
CA GLY F 248 22.19 -47.11 -22.33
C GLY F 248 22.06 -45.75 -22.99
N ALA F 249 23.21 -45.08 -23.15
CA ALA F 249 23.35 -43.82 -23.88
C ALA F 249 22.67 -42.63 -23.23
N THR F 250 21.86 -42.85 -22.19
CA THR F 250 21.20 -41.78 -21.43
C THR F 250 20.43 -40.80 -22.33
N LEU F 251 20.10 -41.20 -23.56
CA LEU F 251 19.53 -40.27 -24.53
C LEU F 251 18.82 -41.03 -25.64
N LYS F 252 17.69 -40.49 -26.07
CA LYS F 252 16.94 -41.02 -27.20
C LYS F 252 16.43 -39.97 -28.17
N GLY F 253 16.40 -38.70 -27.82
CA GLY F 253 15.97 -37.68 -28.74
C GLY F 253 15.61 -36.39 -28.03
N LYS F 254 15.24 -35.41 -28.85
CA LYS F 254 14.84 -34.08 -28.39
C LYS F 254 13.56 -33.68 -29.12
N LEU F 255 12.81 -32.76 -28.50
CA LEU F 255 11.52 -32.35 -29.02
C LEU F 255 11.28 -30.88 -28.73
N HIS F 256 10.42 -30.29 -29.56
CA HIS F 256 10.10 -28.87 -29.49
C HIS F 256 9.51 -28.52 -28.12
N VAL F 257 9.38 -27.21 -27.89
CA VAL F 257 8.82 -26.67 -26.65
C VAL F 257 7.70 -25.71 -27.00
N PRO F 258 6.62 -25.62 -26.19
CA PRO F 258 5.55 -24.67 -26.51
C PRO F 258 5.72 -23.33 -25.81
N PHE F 259 4.88 -22.36 -26.15
CA PHE F 259 4.74 -21.12 -25.39
C PHE F 259 6.06 -20.37 -25.27
N LEU F 260 6.64 -20.05 -26.43
CA LEU F 260 7.89 -19.32 -26.48
C LEU F 260 7.62 -17.82 -26.48
N LEU F 261 8.69 -17.03 -26.33
CA LEU F 261 8.61 -15.58 -26.23
C LEU F 261 8.59 -14.99 -27.64
N ALA F 262 7.42 -14.52 -28.06
CA ALA F 262 7.24 -13.88 -29.34
C ALA F 262 6.94 -12.39 -29.13
N ASP F 263 6.69 -11.67 -30.22
CA ASP F 263 6.41 -10.25 -30.21
C ASP F 263 4.92 -10.01 -30.44
N GLY F 264 4.31 -9.23 -29.55
CA GLY F 264 2.92 -8.84 -29.69
C GLY F 264 2.75 -7.33 -29.59
N LYS F 265 1.50 -6.88 -29.54
CA LYS F 265 1.15 -5.46 -29.46
C LYS F 265 0.46 -5.20 -28.13
N CYS F 266 0.92 -4.19 -27.41
CA CYS F 266 0.43 -3.89 -26.07
C CYS F 266 0.11 -2.40 -25.93
N THR F 267 -0.97 -2.11 -25.22
CA THR F 267 -1.30 -0.74 -24.85
C THR F 267 -0.54 -0.37 -23.57
N VAL F 268 -0.24 0.92 -23.44
CA VAL F 268 0.52 1.43 -22.29
C VAL F 268 -0.20 2.65 -21.73
N PRO F 269 -0.08 2.87 -20.42
CA PRO F 269 -0.72 4.05 -19.82
C PRO F 269 -0.09 5.33 -20.33
N LEU F 270 -0.90 6.38 -20.42
CA LEU F 270 -0.47 7.70 -20.88
C LEU F 270 -0.71 8.71 -19.76
N ALA F 271 0.32 9.46 -19.40
CA ALA F 271 0.24 10.35 -18.26
C ALA F 271 -0.45 11.66 -18.64
N PRO F 272 -0.96 12.41 -17.65
CA PRO F 272 -1.56 13.72 -17.95
C PRO F 272 -0.52 14.71 -18.46
N GLU F 273 -1.02 15.80 -19.04
CA GLU F 273 -0.17 16.85 -19.56
C GLU F 273 0.34 17.73 -18.41
N PRO F 274 1.65 17.94 -18.27
CA PRO F 274 2.12 18.88 -17.23
C PRO F 274 1.64 20.29 -17.52
N MET F 275 1.79 21.17 -16.52
CA MET F 275 1.46 22.59 -16.67
C MET F 275 2.76 23.35 -16.89
N ILE F 276 2.84 24.06 -18.03
CA ILE F 276 4.06 24.77 -18.40
C ILE F 276 3.94 26.25 -18.00
N THR F 277 5.10 26.89 -17.83
CA THR F 277 5.14 28.33 -17.56
C THR F 277 6.45 28.87 -18.09
N PHE F 278 6.36 29.92 -18.91
CA PHE F 278 7.52 30.50 -19.57
C PHE F 278 8.15 31.60 -18.72
N GLY F 279 9.38 31.95 -19.06
CA GLY F 279 10.05 33.09 -18.46
C GLY F 279 11.39 33.28 -19.13
N PHE F 280 12.00 34.43 -18.84
CA PHE F 280 13.24 34.81 -19.51
C PHE F 280 14.35 33.81 -19.17
N ARG F 281 14.70 32.97 -20.15
CA ARG F 281 15.65 31.87 -19.94
C ARG F 281 15.24 31.02 -18.75
N SER F 282 13.95 30.78 -18.62
CA SER F 282 13.41 30.00 -17.51
C SER F 282 12.13 29.32 -17.94
N VAL F 283 11.94 28.10 -17.44
CA VAL F 283 10.73 27.31 -17.69
C VAL F 283 10.36 26.61 -16.38
N SER F 284 9.17 26.90 -15.87
CA SER F 284 8.65 26.23 -14.69
C SER F 284 7.58 25.23 -15.09
N LEU F 285 7.51 24.15 -14.32
CA LEU F 285 6.63 23.03 -14.62
C LEU F 285 5.95 22.60 -13.34
N LYS F 286 4.63 22.41 -13.42
CA LYS F 286 3.86 21.77 -12.36
C LYS F 286 3.44 20.38 -12.82
N LEU F 287 3.59 19.43 -11.90
CA LEU F 287 3.57 18.01 -12.17
C LEU F 287 2.57 17.35 -11.23
N HIS F 288 1.84 16.36 -11.74
CA HIS F 288 0.86 15.62 -10.94
C HIS F 288 0.76 14.19 -11.48
N PRO F 289 1.73 13.34 -11.14
CA PRO F 289 1.70 11.96 -11.65
C PRO F 289 0.64 11.13 -10.93
N LYS F 290 -0.11 10.35 -11.71
CA LYS F 290 -0.95 9.33 -11.10
C LYS F 290 -0.09 8.20 -10.53
N ASN F 291 0.92 7.78 -11.26
CA ASN F 291 1.77 6.66 -10.91
C ASN F 291 3.23 7.08 -11.12
N PRO F 292 4.18 6.30 -10.62
CA PRO F 292 5.59 6.58 -10.92
C PRO F 292 5.85 6.62 -12.42
N THR F 293 6.45 7.72 -12.88
CA THR F 293 6.76 7.88 -14.30
C THR F 293 8.12 8.57 -14.46
N TYR F 294 8.78 8.29 -15.58
CA TYR F 294 10.08 8.87 -15.86
C TYR F 294 9.96 10.19 -16.63
N LEU F 295 10.73 11.18 -16.18
CA LEU F 295 11.06 12.35 -16.97
C LEU F 295 12.53 12.28 -17.38
N ILE F 296 12.78 12.46 -18.68
CA ILE F 296 14.13 12.43 -19.23
C ILE F 296 14.36 13.74 -19.97
N THR F 297 15.27 14.57 -19.45
CA THR F 297 15.49 15.91 -19.98
C THR F 297 16.93 16.00 -20.48
N ARG F 298 17.13 16.81 -21.52
CA ARG F 298 18.48 16.93 -22.08
C ARG F 298 18.60 18.22 -22.88
N GLN F 299 19.77 18.85 -22.76
CA GLN F 299 20.12 19.98 -23.61
C GLN F 299 20.49 19.48 -25.00
N LEU F 300 20.21 20.29 -26.02
CA LEU F 300 20.46 19.93 -27.41
C LEU F 300 21.86 20.34 -27.87
N ALA F 301 22.82 20.43 -26.97
CA ALA F 301 24.18 20.87 -27.28
C ALA F 301 25.12 19.67 -27.30
N ASP F 302 26.42 19.94 -27.44
CA ASP F 302 27.41 18.87 -27.33
C ASP F 302 27.38 18.26 -25.92
N GLU F 303 27.23 19.08 -24.90
CA GLU F 303 27.28 18.60 -23.52
C GLU F 303 25.84 18.41 -23.00
N PRO F 304 25.42 17.19 -22.62
CA PRO F 304 23.99 16.97 -22.35
C PRO F 304 23.43 17.66 -21.12
N HIS F 305 24.15 17.60 -19.99
CA HIS F 305 23.52 17.61 -18.67
C HIS F 305 22.28 16.72 -18.65
N TYR F 306 22.40 15.47 -19.09
CA TYR F 306 21.20 14.62 -19.14
C TYR F 306 20.68 14.39 -17.72
N THR F 307 19.36 14.48 -17.57
CA THR F 307 18.73 14.29 -16.26
C THR F 307 17.60 13.27 -16.44
N HIS F 308 17.83 12.06 -15.95
CA HIS F 308 16.83 11.00 -15.91
C HIS F 308 16.32 10.89 -14.47
N GLU F 309 15.02 11.03 -14.28
CA GLU F 309 14.45 11.02 -12.95
C GLU F 309 13.09 10.32 -12.96
N LEU F 310 12.75 9.76 -11.80
CA LEU F 310 11.46 9.14 -11.57
C LEU F 310 10.64 10.00 -10.62
N ILE F 311 9.47 10.46 -11.07
CA ILE F 311 8.58 11.29 -10.28
C ILE F 311 7.38 10.41 -9.93
N SER F 312 7.02 10.42 -8.64
CA SER F 312 5.85 9.70 -8.15
C SER F 312 4.88 10.58 -7.37
N GLU F 313 5.23 11.82 -7.06
CA GLU F 313 4.39 12.75 -6.34
C GLU F 313 4.25 14.05 -7.12
N PRO F 314 3.15 14.79 -6.98
CA PRO F 314 3.04 16.09 -7.64
C PRO F 314 4.11 17.05 -7.11
N ALA F 315 4.60 17.93 -7.98
CA ALA F 315 5.72 18.78 -7.59
C ALA F 315 5.87 19.93 -8.58
N VAL F 316 6.74 20.87 -8.22
CA VAL F 316 7.07 22.01 -9.06
C VAL F 316 8.58 22.02 -9.31
N ARG F 317 8.97 22.33 -10.54
CA ARG F 317 10.39 22.30 -10.89
C ARG F 317 10.68 23.37 -11.94
N ASN F 318 11.78 24.09 -11.76
CA ASN F 318 12.18 25.17 -12.65
C ASN F 318 13.54 24.85 -13.27
N PHE F 319 13.61 24.94 -14.59
CA PHE F 319 14.83 24.75 -15.36
C PHE F 319 15.11 26.02 -16.18
N THR F 320 16.24 26.04 -16.86
CA THR F 320 16.63 27.11 -17.75
C THR F 320 16.81 26.58 -19.17
N VAL F 321 16.35 27.37 -20.14
CA VAL F 321 16.46 27.04 -21.56
C VAL F 321 17.09 28.23 -22.26
N THR F 322 18.14 27.97 -23.04
CA THR F 322 18.85 29.00 -23.77
C THR F 322 18.48 28.93 -25.26
N GLU F 323 19.08 29.81 -26.06
CA GLU F 323 18.83 29.83 -27.49
C GLU F 323 19.31 28.57 -28.19
N LYS F 324 20.15 27.77 -27.52
CA LYS F 324 20.71 26.56 -28.11
C LYS F 324 19.74 25.39 -28.09
N GLY F 325 18.60 25.50 -27.42
CA GLY F 325 17.55 24.51 -27.47
C GLY F 325 17.38 23.77 -26.15
N TRP F 326 16.37 22.90 -26.13
CA TRP F 326 16.08 22.11 -24.93
C TRP F 326 15.12 20.99 -25.31
N GLU F 327 15.21 19.87 -24.60
CA GLU F 327 14.43 18.68 -24.91
C GLU F 327 13.98 18.01 -23.62
N PHE F 328 12.76 17.49 -23.63
CA PHE F 328 12.35 16.62 -22.53
C PHE F 328 11.28 15.64 -23.00
N VAL F 329 11.25 14.48 -22.36
CA VAL F 329 10.27 13.43 -22.62
C VAL F 329 9.62 13.05 -21.31
N TRP F 330 8.30 13.08 -21.30
CA TRP F 330 7.44 12.86 -20.14
C TRP F 330 6.72 11.52 -20.27
N GLY F 331 7.12 10.56 -19.45
CA GLY F 331 6.45 9.27 -19.46
C GLY F 331 6.50 8.62 -20.82
N ASN F 332 5.33 8.21 -21.33
CA ASN F 332 5.21 7.59 -22.63
C ASN F 332 4.88 8.58 -23.74
N HIS F 333 4.80 9.88 -23.42
CA HIS F 333 4.47 10.88 -24.43
C HIS F 333 5.65 11.08 -25.38
N PRO F 334 5.40 11.62 -26.57
CA PRO F 334 6.50 11.84 -27.52
C PRO F 334 7.42 12.93 -27.04
N PRO F 335 8.59 13.10 -27.67
CA PRO F 335 9.54 14.12 -27.20
C PRO F 335 9.05 15.53 -27.46
N LYS F 336 9.52 16.45 -26.61
CA LYS F 336 9.17 17.87 -26.68
C LYS F 336 10.45 18.66 -26.85
N ARG F 337 10.53 19.47 -27.91
CA ARG F 337 11.66 20.35 -28.19
C ARG F 337 11.24 21.80 -28.04
N PHE F 338 12.15 22.65 -27.54
CA PHE F 338 11.88 24.06 -27.40
C PHE F 338 13.15 24.86 -27.64
N TRP F 339 12.97 26.15 -27.97
CA TRP F 339 14.05 27.05 -28.32
C TRP F 339 13.79 28.43 -27.74
N ALA F 340 14.79 29.04 -27.12
CA ALA F 340 14.63 30.36 -26.54
C ALA F 340 14.86 31.44 -27.59
N GLN F 341 14.51 32.67 -27.23
CA GLN F 341 14.72 33.82 -28.10
C GLN F 341 14.85 35.07 -27.23
N GLU F 342 14.81 36.24 -27.87
CA GLU F 342 15.13 37.51 -27.22
C GLU F 342 13.85 38.25 -26.86
N THR F 343 13.68 38.56 -25.58
CA THR F 343 12.59 39.42 -25.13
C THR F 343 13.02 40.20 -23.88
N ASP G 1 33.07 -33.60 19.98
CA ASP G 1 32.64 -34.64 19.05
C ASP G 1 31.13 -34.84 19.13
N VAL G 2 30.54 -35.39 18.08
CA VAL G 2 29.11 -35.66 18.08
C VAL G 2 28.79 -36.69 19.15
N GLN G 3 27.70 -36.45 19.89
CA GLN G 3 27.28 -37.31 20.98
C GLN G 3 25.81 -37.67 20.82
N LEU G 4 25.49 -38.94 21.04
CA LEU G 4 24.12 -39.44 21.00
C LEU G 4 23.81 -40.08 22.36
N GLN G 5 22.79 -39.56 23.03
CA GLN G 5 22.39 -40.03 24.35
C GLN G 5 20.95 -40.47 24.29
N ALA G 6 20.72 -41.77 24.55
CA ALA G 6 19.39 -42.35 24.54
C ALA G 6 18.77 -42.27 25.93
N SER G 7 17.45 -42.35 25.98
CA SER G 7 16.71 -42.28 27.22
C SER G 7 15.35 -42.94 27.04
N GLY G 8 14.70 -43.22 28.16
CA GLY G 8 13.38 -43.83 28.15
C GLY G 8 13.35 -45.32 28.43
N GLY G 9 14.53 -45.95 28.59
CA GLY G 9 14.57 -47.37 28.86
C GLY G 9 14.18 -47.70 30.29
N GLY G 10 13.94 -48.99 30.54
CA GLY G 10 13.56 -49.45 31.85
C GLY G 10 12.98 -50.85 31.76
N SER G 11 12.23 -51.22 32.80
CA SER G 11 11.62 -52.54 32.91
C SER G 11 10.10 -52.39 32.87
N VAL G 12 9.45 -53.26 32.08
CA VAL G 12 8.01 -53.27 31.93
C VAL G 12 7.55 -54.72 31.83
N GLN G 13 6.23 -54.92 31.93
CA GLN G 13 5.63 -56.23 31.82
C GLN G 13 5.34 -56.58 30.35
N ALA G 14 5.02 -57.84 30.12
CA ALA G 14 4.71 -58.29 28.77
C ALA G 14 3.42 -57.65 28.27
N GLY G 15 3.39 -57.34 26.98
CA GLY G 15 2.27 -56.66 26.38
C GLY G 15 2.23 -55.17 26.63
N GLY G 16 3.28 -54.59 27.20
CA GLY G 16 3.30 -53.19 27.54
C GLY G 16 3.83 -52.33 26.41
N SER G 17 4.15 -51.08 26.75
CA SER G 17 4.64 -50.10 25.80
C SER G 17 5.76 -49.29 26.44
N LEU G 18 6.63 -48.76 25.59
CA LEU G 18 7.74 -47.92 26.04
C LEU G 18 8.05 -46.89 24.98
N ARG G 19 8.66 -45.78 25.40
CA ARG G 19 9.04 -44.69 24.50
C ARG G 19 10.51 -44.38 24.73
N LEU G 20 11.31 -44.54 23.68
CA LEU G 20 12.73 -44.20 23.72
C LEU G 20 12.97 -42.89 22.97
N SER G 21 13.82 -42.04 23.54
CA SER G 21 14.20 -40.77 22.94
C SER G 21 15.71 -40.63 22.97
N CYS G 22 16.29 -40.27 21.83
CA CYS G 22 17.72 -40.05 21.71
C CYS G 22 17.96 -38.63 21.18
N VAL G 23 18.76 -37.87 21.91
CA VAL G 23 19.01 -36.46 21.61
C VAL G 23 20.47 -36.30 21.25
N ALA G 24 20.74 -35.34 20.36
CA ALA G 24 22.09 -35.03 19.89
C ALA G 24 22.50 -33.65 20.39
N SER G 25 23.81 -33.48 20.59
CA SER G 25 24.34 -32.24 21.12
C SER G 25 24.34 -31.10 20.10
N GLN G 26 24.14 -31.40 18.81
CA GLN G 26 24.18 -30.39 17.76
C GLN G 26 23.02 -30.65 16.80
N ASN G 27 22.91 -29.81 15.77
CA ASN G 27 21.95 -29.99 14.69
C ASN G 27 22.63 -30.81 13.61
N LEU G 28 22.29 -32.11 13.55
CA LEU G 28 22.96 -33.05 12.67
C LEU G 28 22.01 -33.99 11.95
N PHE G 29 20.70 -33.91 12.22
CA PHE G 29 19.77 -34.91 11.68
C PHE G 29 19.47 -34.66 10.21
N GLU G 30 19.71 -33.46 9.71
CA GLU G 30 19.30 -33.13 8.34
C GLU G 30 20.23 -33.77 7.32
N TYR G 31 21.53 -33.88 7.63
CA TYR G 31 22.52 -34.45 6.73
C TYR G 31 22.89 -35.90 7.07
N TYR G 32 22.21 -36.52 8.03
CA TYR G 32 22.58 -37.84 8.51
C TYR G 32 21.37 -38.75 8.58
N THR G 33 21.62 -40.05 8.46
CA THR G 33 20.59 -41.06 8.67
C THR G 33 20.61 -41.52 10.12
N MET G 34 19.42 -41.65 10.71
CA MET G 34 19.24 -42.01 12.11
C MET G 34 18.69 -43.43 12.16
N GLY G 35 19.31 -44.27 12.98
CA GLY G 35 18.92 -45.66 13.08
C GLY G 35 18.85 -46.13 14.51
N TRP G 36 17.85 -46.97 14.78
CA TRP G 36 17.69 -47.64 16.05
C TRP G 36 18.12 -49.09 15.91
N TYR G 37 19.01 -49.55 16.79
CA TYR G 37 19.55 -50.89 16.76
C TYR G 37 19.44 -51.50 18.15
N ARG G 38 19.31 -52.84 18.18
CA ARG G 38 19.21 -53.58 19.42
C ARG G 38 20.35 -54.58 19.53
N GLN G 39 20.92 -54.71 20.72
CA GLN G 39 21.98 -55.66 21.01
C GLN G 39 21.50 -56.61 22.09
N VAL G 40 21.09 -57.82 21.68
CA VAL G 40 20.70 -58.85 22.63
C VAL G 40 21.97 -59.24 23.39
N PRO G 41 21.90 -59.54 24.70
CA PRO G 41 23.12 -59.93 25.42
C PRO G 41 23.82 -61.14 24.81
N GLY G 42 25.04 -60.93 24.32
CA GLY G 42 25.80 -61.99 23.69
C GLY G 42 25.63 -62.09 22.18
N SER G 43 25.01 -61.11 21.55
CA SER G 43 24.76 -61.12 20.12
C SER G 43 25.14 -59.78 19.51
N GLN G 44 25.49 -59.81 18.22
CA GLN G 44 25.80 -58.60 17.49
C GLN G 44 24.55 -57.73 17.35
N ARG G 45 24.76 -56.43 17.21
CA ARG G 45 23.65 -55.50 17.03
C ARG G 45 22.89 -55.81 15.75
N GLU G 46 21.56 -55.66 15.81
CA GLU G 46 20.70 -55.76 14.64
C GLU G 46 19.84 -54.51 14.53
N ARG G 47 19.45 -54.20 13.30
CA ARG G 47 18.66 -53.01 13.02
C ARG G 47 17.23 -53.16 13.54
N VAL G 48 16.71 -52.09 14.12
CA VAL G 48 15.30 -52.01 14.49
C VAL G 48 14.51 -51.15 13.51
N ALA G 49 15.06 -50.01 13.13
CA ALA G 49 14.40 -49.11 12.18
C ALA G 49 15.39 -48.03 11.76
N LEU G 50 15.14 -47.47 10.58
CA LEU G 50 15.89 -46.33 10.07
C LEU G 50 14.92 -45.28 9.56
N ILE G 51 15.36 -44.03 9.54
CA ILE G 51 14.51 -42.91 9.15
C ILE G 51 15.35 -41.87 8.42
N ASN G 52 14.72 -41.18 7.48
CA ASN G 52 15.33 -40.08 6.75
C ASN G 52 14.22 -39.11 6.35
N ASN G 53 14.60 -38.05 5.65
CA ASN G 53 13.62 -37.10 5.15
C ASN G 53 12.65 -37.76 4.19
N GLY G 54 13.09 -38.80 3.47
CA GLY G 54 12.26 -39.46 2.49
C GLY G 54 11.33 -40.54 3.01
N GLY G 55 11.41 -40.89 4.29
CA GLY G 55 10.55 -41.88 4.88
C GLY G 55 11.28 -42.68 5.94
N SER G 56 10.75 -43.86 6.22
CA SER G 56 11.28 -44.72 7.28
C SER G 56 11.17 -46.18 6.85
N ASN G 57 11.92 -47.03 7.55
CA ASN G 57 11.79 -48.48 7.40
C ASN G 57 11.79 -49.11 8.80
N VAL G 58 11.11 -50.24 8.91
CA VAL G 58 10.99 -50.97 10.17
C VAL G 58 11.24 -52.44 9.88
N ALA G 59 12.10 -53.07 10.69
CA ALA G 59 12.49 -54.45 10.45
C ALA G 59 11.32 -55.40 10.65
N GLY G 60 11.32 -56.49 9.88
CA GLY G 60 10.25 -57.46 9.95
C GLY G 60 10.07 -58.09 11.32
N SER G 61 11.17 -58.31 12.05
CA SER G 61 11.06 -58.88 13.39
C SER G 61 10.26 -57.98 14.31
N VAL G 62 10.29 -56.66 14.07
CA VAL G 62 9.55 -55.69 14.88
C VAL G 62 8.45 -54.98 14.10
N GLU G 63 8.26 -55.32 12.82
CA GLU G 63 7.24 -54.63 12.02
C GLU G 63 5.85 -54.90 12.58
N GLY G 64 5.01 -53.87 12.58
CA GLY G 64 3.68 -53.94 13.13
C GLY G 64 3.60 -53.60 14.61
N ARG G 65 4.74 -53.46 15.29
CA ARG G 65 4.80 -53.09 16.70
C ARG G 65 5.60 -51.82 16.95
N PHE G 66 6.76 -51.68 16.30
CA PHE G 66 7.67 -50.57 16.55
C PHE G 66 7.55 -49.54 15.43
N THR G 67 7.72 -48.27 15.79
CA THR G 67 7.64 -47.17 14.85
C THR G 67 8.74 -46.17 15.17
N ILE G 68 9.36 -45.61 14.12
CA ILE G 68 10.47 -44.67 14.25
C ILE G 68 10.00 -43.31 13.72
N SER G 69 10.25 -42.27 14.52
CA SER G 69 9.82 -40.91 14.19
C SER G 69 10.90 -39.93 14.59
N ARG G 70 11.10 -38.93 13.73
CA ARG G 70 12.15 -37.92 13.90
C ARG G 70 11.53 -36.57 14.21
N ASP G 71 12.24 -35.77 15.02
CA ASP G 71 11.85 -34.40 15.34
C ASP G 71 13.10 -33.54 15.19
N ASN G 72 13.15 -32.79 14.08
CA ASN G 72 14.37 -32.06 13.74
C ASN G 72 14.55 -30.83 14.62
N ALA G 73 13.46 -30.11 14.90
CA ALA G 73 13.58 -28.85 15.64
C ALA G 73 14.15 -29.06 17.02
N LYS G 74 13.67 -30.09 17.73
CA LYS G 74 14.19 -30.44 19.05
C LYS G 74 15.44 -31.30 18.98
N ASN G 75 15.91 -31.66 17.79
CA ASN G 75 17.11 -32.48 17.61
C ASN G 75 16.98 -33.80 18.38
N SER G 76 15.90 -34.53 18.08
CA SER G 76 15.61 -35.77 18.78
C SER G 76 14.97 -36.77 17.82
N ILE G 77 15.16 -38.05 18.13
CA ILE G 77 14.49 -39.16 17.46
C ILE G 77 13.76 -39.97 18.50
N TYR G 78 12.56 -40.43 18.15
CA TYR G 78 11.67 -41.13 19.07
C TYR G 78 11.23 -42.45 18.47
N LEU G 79 11.30 -43.51 19.28
CA LEU G 79 10.85 -44.84 18.90
C LEU G 79 9.72 -45.25 19.83
N GLN G 80 8.57 -45.61 19.24
CA GLN G 80 7.39 -46.00 20.00
C GLN G 80 7.20 -47.51 19.87
N MET G 81 7.11 -48.19 21.02
CA MET G 81 6.95 -49.63 21.09
C MET G 81 5.63 -49.96 21.79
N ASN G 82 4.97 -51.01 21.33
CA ASN G 82 3.74 -51.49 21.95
C ASN G 82 3.72 -53.01 21.89
N ASN G 83 2.94 -53.60 22.81
CA ASN G 83 2.84 -55.05 22.91
C ASN G 83 4.22 -55.69 23.10
N LEU G 84 4.99 -55.11 24.02
CA LEU G 84 6.35 -55.59 24.27
C LEU G 84 6.33 -57.03 24.78
N LYS G 85 7.27 -57.83 24.29
CA LYS G 85 7.45 -59.22 24.70
C LYS G 85 8.76 -59.40 25.44
N PRO G 86 8.92 -60.47 26.23
CA PRO G 86 10.21 -60.70 26.90
C PRO G 86 11.38 -60.82 25.93
N GLU G 87 11.14 -61.28 24.70
CA GLU G 87 12.21 -61.41 23.73
C GLU G 87 12.76 -60.06 23.29
N ASP G 88 12.00 -58.97 23.49
CA ASP G 88 12.46 -57.64 23.08
C ASP G 88 13.54 -57.07 24.01
N SER G 89 13.81 -57.71 25.14
CA SER G 89 14.79 -57.18 26.08
C SER G 89 16.17 -57.15 25.45
N ALA G 90 16.78 -55.97 25.44
CA ALA G 90 18.11 -55.78 24.86
C ALA G 90 18.62 -54.36 25.15
N VAL G 91 19.84 -54.08 24.72
CA VAL G 91 20.42 -52.74 24.85
C VAL G 91 20.21 -52.04 23.51
N TYR G 92 19.44 -50.96 23.53
CA TYR G 92 19.05 -50.25 22.32
C TYR G 92 19.96 -49.05 22.11
N TYR G 93 20.52 -48.96 20.89
CA TYR G 93 21.47 -47.91 20.53
C TYR G 93 20.88 -47.05 19.42
N CYS G 94 21.01 -45.73 19.56
CA CYS G 94 20.63 -44.79 18.51
C CYS G 94 21.88 -44.42 17.72
N ARG G 95 21.86 -44.66 16.41
CA ARG G 95 23.03 -44.51 15.55
C ARG G 95 22.80 -43.36 14.59
N ALA G 96 23.75 -42.42 14.55
CA ALA G 96 23.79 -41.37 13.55
C ALA G 96 24.71 -41.81 12.42
N PHE G 97 24.20 -41.76 11.19
CA PHE G 97 24.86 -42.34 10.05
C PHE G 97 24.93 -41.31 8.92
N GLY G 98 26.01 -41.37 8.15
CA GLY G 98 26.24 -40.42 7.08
C GLY G 98 27.70 -40.40 6.65
N PRO G 99 28.27 -39.21 6.45
CA PRO G 99 29.72 -39.15 6.19
C PRO G 99 30.55 -39.81 7.29
N ALA G 100 30.13 -39.66 8.55
CA ALA G 100 30.76 -40.31 9.68
C ALA G 100 29.71 -41.11 10.44
N ASP G 101 30.18 -42.07 11.23
CA ASP G 101 29.32 -42.95 12.01
C ASP G 101 29.56 -42.69 13.49
N TYR G 102 28.48 -42.39 14.22
CA TYR G 102 28.53 -42.15 15.65
C TYR G 102 27.56 -43.09 16.34
N TRP G 103 28.00 -43.69 17.44
CA TRP G 103 27.25 -44.69 18.16
C TRP G 103 26.76 -44.14 19.49
N GLY G 104 25.48 -44.36 19.78
CA GLY G 104 24.96 -44.03 21.09
C GLY G 104 25.52 -44.95 22.16
N GLN G 105 25.48 -44.48 23.40
CA GLN G 105 26.02 -45.25 24.51
C GLN G 105 25.08 -46.37 24.97
N GLY G 106 23.84 -46.38 24.49
CA GLY G 106 22.94 -47.48 24.76
C GLY G 106 22.06 -47.24 25.98
N THR G 107 20.90 -47.90 25.98
CA THR G 107 19.96 -47.86 27.08
C THR G 107 19.42 -49.27 27.31
N GLN G 108 19.27 -49.64 28.58
CA GLN G 108 18.82 -50.98 28.92
C GLN G 108 17.31 -51.05 28.86
N VAL G 109 16.79 -52.02 28.10
CA VAL G 109 15.36 -52.28 28.00
C VAL G 109 15.12 -53.74 28.40
N THR G 110 14.22 -53.94 29.36
CA THR G 110 13.88 -55.26 29.86
C THR G 110 12.38 -55.43 29.84
N VAL G 111 11.92 -56.62 29.47
CA VAL G 111 10.50 -56.96 29.43
C VAL G 111 10.34 -58.30 30.14
N SER G 112 9.39 -58.37 31.07
CA SER G 112 9.16 -59.55 31.88
C SER G 112 7.79 -60.13 31.59
N SER G 113 7.71 -61.46 31.56
CA SER G 113 6.45 -62.15 31.31
C SER G 113 5.43 -61.85 32.40
N ASP H 1 -28.37 28.50 30.08
CA ASP H 1 -29.12 27.48 30.81
C ASP H 1 -29.76 26.51 29.83
N VAL H 2 -30.03 25.29 30.32
CA VAL H 2 -30.65 24.28 29.47
C VAL H 2 -32.05 24.75 29.07
N GLN H 3 -32.36 24.63 27.78
CA GLN H 3 -33.64 25.08 27.24
C GLN H 3 -34.30 23.94 26.47
N LEU H 4 -35.59 23.73 26.73
CA LEU H 4 -36.39 22.74 26.04
C LEU H 4 -37.49 23.46 25.27
N GLN H 5 -37.62 23.14 23.98
CA GLN H 5 -38.55 23.82 23.08
C GLN H 5 -39.45 22.77 22.43
N ALA H 6 -40.65 22.60 22.99
CA ALA H 6 -41.62 21.66 22.47
C ALA H 6 -42.39 22.30 21.32
N SER H 7 -42.50 21.57 20.21
CA SER H 7 -43.21 22.02 19.02
C SER H 7 -44.06 20.86 18.50
N GLY H 8 -44.68 21.07 17.34
CA GLY H 8 -45.45 20.03 16.68
C GLY H 8 -46.91 19.98 17.04
N GLY H 9 -47.39 20.84 17.94
CA GLY H 9 -48.79 20.87 18.29
C GLY H 9 -49.63 21.57 17.25
N GLY H 10 -50.93 21.51 17.44
CA GLY H 10 -51.87 22.13 16.53
C GLY H 10 -53.27 21.59 16.74
N SER H 11 -54.15 21.94 15.79
CA SER H 11 -55.55 21.55 15.83
C SER H 11 -55.80 20.45 14.82
N VAL H 12 -56.45 19.37 15.25
CA VAL H 12 -56.78 18.24 14.40
C VAL H 12 -58.18 17.75 14.75
N GLN H 13 -58.69 16.82 13.95
CA GLN H 13 -60.01 16.24 14.16
C GLN H 13 -59.91 15.03 15.08
N ALA H 14 -61.06 14.54 15.53
CA ALA H 14 -61.09 13.35 16.36
C ALA H 14 -60.60 12.15 15.56
N GLY H 15 -59.75 11.35 16.20
CA GLY H 15 -59.14 10.21 15.54
C GLY H 15 -57.93 10.55 14.70
N GLY H 16 -57.46 11.80 14.71
CA GLY H 16 -56.33 12.20 13.92
C GLY H 16 -55.01 11.83 14.55
N SER H 17 -53.94 12.27 13.91
CA SER H 17 -52.57 11.99 14.33
C SER H 17 -51.77 13.27 14.40
N LEU H 18 -50.85 13.32 15.36
CA LEU H 18 -49.97 14.47 15.54
C LEU H 18 -48.63 13.97 16.10
N ARG H 19 -47.60 14.78 15.91
CA ARG H 19 -46.26 14.47 16.39
C ARG H 19 -45.68 15.71 17.06
N LEU H 20 -45.21 15.54 18.30
CA LEU H 20 -44.53 16.60 19.02
C LEU H 20 -43.02 16.37 18.94
N SER H 21 -42.27 17.47 18.80
CA SER H 21 -40.81 17.41 18.70
C SER H 21 -40.23 18.43 19.67
N CYS H 22 -39.62 17.94 20.75
CA CYS H 22 -38.97 18.79 21.74
C CYS H 22 -37.46 18.74 21.51
N VAL H 23 -36.87 19.89 21.22
CA VAL H 23 -35.46 20.01 20.90
C VAL H 23 -34.74 20.65 22.07
N ALA H 24 -33.48 20.23 22.27
CA ALA H 24 -32.63 20.72 23.34
C ALA H 24 -31.46 21.49 22.76
N SER H 25 -31.10 22.59 23.41
CA SER H 25 -29.97 23.40 22.97
C SER H 25 -28.62 22.81 23.38
N GLN H 26 -28.62 21.78 24.23
CA GLN H 26 -27.38 21.13 24.65
C GLN H 26 -27.51 19.61 24.50
N ASN H 27 -26.44 18.88 24.81
CA ASN H 27 -26.42 17.43 24.76
C ASN H 27 -26.62 16.91 26.17
N LEU H 28 -27.88 16.69 26.54
CA LEU H 28 -28.23 16.14 27.84
C LEU H 28 -28.78 14.73 27.78
N PHE H 29 -29.19 14.26 26.59
CA PHE H 29 -29.82 12.94 26.50
C PHE H 29 -28.87 11.84 26.94
N GLU H 30 -27.55 12.05 26.79
CA GLU H 30 -26.58 11.02 27.15
C GLU H 30 -26.59 10.73 28.65
N TYR H 31 -27.00 11.71 29.46
CA TYR H 31 -26.93 11.60 30.92
C TYR H 31 -28.28 11.83 31.58
N TYR H 32 -29.34 12.05 30.81
CA TYR H 32 -30.66 12.41 31.36
C TYR H 32 -31.70 11.44 30.84
N THR H 33 -32.86 11.46 31.50
CA THR H 33 -34.05 10.75 31.04
C THR H 33 -35.07 11.78 30.58
N MET H 34 -35.68 11.51 29.42
CA MET H 34 -36.60 12.45 28.78
C MET H 34 -38.02 11.94 28.96
N GLY H 35 -38.90 12.82 29.42
CA GLY H 35 -40.29 12.46 29.66
C GLY H 35 -41.27 13.48 29.12
N TRP H 36 -42.45 13.01 28.73
CA TRP H 36 -43.52 13.86 28.21
C TRP H 36 -44.66 13.87 29.21
N TYR H 37 -45.18 15.06 29.51
CA TYR H 37 -46.26 15.24 30.47
C TYR H 37 -47.39 16.02 29.83
N ARG H 38 -48.62 15.75 30.28
CA ARG H 38 -49.82 16.35 29.74
C ARG H 38 -50.59 17.05 30.85
N GLN H 39 -51.13 18.23 30.55
CA GLN H 39 -51.82 19.06 31.52
C GLN H 39 -53.04 19.68 30.88
N VAL H 40 -54.23 19.32 31.39
CA VAL H 40 -55.48 19.95 30.97
C VAL H 40 -55.49 21.35 31.58
N PRO H 41 -56.14 22.35 30.95
CA PRO H 41 -56.29 23.64 31.63
C PRO H 41 -57.10 23.51 32.91
N GLY H 42 -56.45 23.73 34.05
CA GLY H 42 -57.07 23.56 35.35
C GLY H 42 -56.73 22.26 36.04
N SER H 43 -55.85 21.44 35.48
CA SER H 43 -55.43 20.18 36.06
C SER H 43 -53.93 20.16 36.28
N GLN H 44 -53.46 19.17 37.03
CA GLN H 44 -52.04 18.99 37.27
C GLN H 44 -51.41 18.16 36.16
N ARG H 45 -50.11 18.37 35.95
CA ARG H 45 -49.40 17.66 34.90
C ARG H 45 -49.41 16.16 35.16
N GLU H 46 -49.72 15.38 34.11
CA GLU H 46 -49.78 13.93 34.19
C GLU H 46 -48.77 13.33 33.22
N ARG H 47 -48.04 12.32 33.69
CA ARG H 47 -46.98 11.70 32.91
C ARG H 47 -47.59 11.00 31.69
N VAL H 48 -46.99 11.23 30.52
CA VAL H 48 -47.45 10.61 29.29
C VAL H 48 -46.52 9.47 28.86
N ALA H 49 -45.22 9.75 28.76
CA ALA H 49 -44.26 8.74 28.34
C ALA H 49 -42.87 9.14 28.82
N LEU H 50 -42.03 8.12 28.99
CA LEU H 50 -40.63 8.30 29.35
C LEU H 50 -39.76 7.55 28.36
N ILE H 51 -38.50 7.97 28.25
CA ILE H 51 -37.54 7.27 27.40
C ILE H 51 -36.12 7.67 27.73
N ASN H 52 -35.19 6.74 27.51
CA ASN H 52 -33.77 7.05 27.38
C ASN H 52 -33.17 6.05 26.40
N ASN H 53 -31.85 5.92 26.42
CA ASN H 53 -31.15 5.14 25.39
C ASN H 53 -31.64 3.71 25.33
N GLY H 54 -31.76 3.05 26.49
CA GLY H 54 -32.07 1.62 26.49
C GLY H 54 -33.45 1.31 25.98
N GLY H 55 -34.46 2.07 26.41
CA GLY H 55 -35.83 1.78 26.02
C GLY H 55 -36.75 2.92 26.39
N SER H 56 -38.04 2.70 26.11
CA SER H 56 -39.08 3.69 26.29
C SER H 56 -40.16 3.14 27.22
N ASN H 57 -41.13 4.00 27.54
CA ASN H 57 -42.24 3.60 28.39
C ASN H 57 -43.37 4.61 28.21
N VAL H 58 -44.61 4.11 28.25
CA VAL H 58 -45.81 4.92 28.03
C VAL H 58 -46.85 4.54 29.07
N ALA H 59 -47.61 5.55 29.51
CA ALA H 59 -48.66 5.33 30.49
C ALA H 59 -49.77 4.45 29.91
N GLY H 60 -50.47 3.76 30.81
CA GLY H 60 -51.53 2.84 30.42
C GLY H 60 -52.78 3.48 29.89
N SER H 61 -53.02 4.76 30.20
CA SER H 61 -54.20 5.45 29.69
C SER H 61 -54.08 5.81 28.22
N VAL H 62 -52.86 6.03 27.74
CA VAL H 62 -52.60 6.36 26.35
C VAL H 62 -51.78 5.28 25.65
N GLU H 63 -51.69 4.08 26.24
CA GLU H 63 -50.91 3.01 25.66
C GLU H 63 -51.57 2.51 24.38
N GLY H 64 -50.73 2.11 23.42
CA GLY H 64 -51.21 1.62 22.14
C GLY H 64 -51.49 2.70 21.12
N ARG H 65 -51.41 3.97 21.51
CA ARG H 65 -51.65 5.10 20.61
C ARG H 65 -50.49 6.09 20.59
N PHE H 66 -49.87 6.35 21.74
CA PHE H 66 -48.76 7.28 21.85
C PHE H 66 -47.46 6.51 22.02
N THR H 67 -46.45 6.91 21.25
CA THR H 67 -45.14 6.27 21.28
C THR H 67 -44.07 7.37 21.28
N ILE H 68 -43.06 7.19 22.13
CA ILE H 68 -42.01 8.18 22.34
C ILE H 68 -40.70 7.65 21.77
N SER H 69 -39.88 8.55 21.25
CA SER H 69 -38.59 8.20 20.68
C SER H 69 -37.61 9.34 20.90
N ARG H 70 -36.32 9.02 20.86
CA ARG H 70 -35.25 10.00 21.04
C ARG H 70 -34.30 9.93 19.85
N ASP H 71 -33.84 11.09 19.40
CA ASP H 71 -32.86 11.22 18.32
C ASP H 71 -31.64 11.94 18.90
N ASN H 72 -30.54 11.21 19.05
CA ASN H 72 -29.37 11.75 19.73
C ASN H 72 -28.64 12.77 18.85
N ALA H 73 -28.49 12.46 17.56
CA ALA H 73 -27.68 13.32 16.69
C ALA H 73 -28.31 14.70 16.56
N LYS H 74 -29.63 14.77 16.38
CA LYS H 74 -30.32 16.05 16.29
C LYS H 74 -30.58 16.68 17.65
N ASN H 75 -30.35 15.95 18.75
CA ASN H 75 -30.70 16.42 20.09
C ASN H 75 -32.19 16.77 20.17
N SER H 76 -33.02 15.86 19.69
CA SER H 76 -34.47 16.01 19.70
C SER H 76 -35.10 14.70 20.16
N ILE H 77 -36.30 14.83 20.73
CA ILE H 77 -37.15 13.70 21.08
C ILE H 77 -38.48 13.87 20.39
N TYR H 78 -39.14 12.75 20.10
CA TYR H 78 -40.41 12.75 19.37
C TYR H 78 -41.45 11.92 20.11
N LEU H 79 -42.68 12.45 20.16
CA LEU H 79 -43.84 11.74 20.66
C LEU H 79 -44.88 11.71 19.55
N GLN H 80 -45.14 10.53 19.00
CA GLN H 80 -46.14 10.35 17.95
C GLN H 80 -47.49 10.08 18.58
N MET H 81 -48.56 10.56 17.95
CA MET H 81 -49.92 10.35 18.40
C MET H 81 -50.79 9.90 17.23
N ASN H 82 -51.76 9.04 17.54
CA ASN H 82 -52.73 8.57 16.55
C ASN H 82 -54.03 8.20 17.25
N ASN H 83 -55.11 8.23 16.49
CA ASN H 83 -56.44 7.89 17.02
C ASN H 83 -56.80 8.78 18.22
N LEU H 84 -56.64 10.09 18.04
CA LEU H 84 -56.91 11.03 19.12
C LEU H 84 -58.40 11.09 19.41
N LYS H 85 -58.73 11.46 20.65
CA LYS H 85 -60.09 11.62 21.12
C LYS H 85 -60.25 13.01 21.72
N PRO H 86 -61.48 13.47 21.93
CA PRO H 86 -61.67 14.83 22.47
C PRO H 86 -60.98 15.07 23.81
N GLU H 87 -60.79 14.02 24.62
CA GLU H 87 -60.12 14.18 25.90
C GLU H 87 -58.64 14.55 25.76
N ASP H 88 -58.07 14.45 24.56
CA ASP H 88 -56.64 14.67 24.38
C ASP H 88 -56.27 16.14 24.28
N SER H 89 -57.24 17.06 24.23
CA SER H 89 -56.94 18.47 24.23
C SER H 89 -56.29 18.87 25.55
N ALA H 90 -55.04 19.33 25.48
CA ALA H 90 -54.28 19.68 26.68
C ALA H 90 -53.00 20.38 26.24
N VAL H 91 -52.17 20.73 27.23
CA VAL H 91 -50.86 21.32 27.00
C VAL H 91 -49.81 20.28 27.34
N TYR H 92 -48.94 19.97 26.38
CA TYR H 92 -47.98 18.88 26.50
C TYR H 92 -46.60 19.46 26.75
N TYR H 93 -45.94 18.98 27.80
CA TYR H 93 -44.62 19.45 28.19
C TYR H 93 -43.60 18.33 28.08
N CYS H 94 -42.38 18.69 27.69
CA CYS H 94 -41.24 17.78 27.64
C CYS H 94 -40.31 18.11 28.79
N ARG H 95 -40.01 17.10 29.62
CA ARG H 95 -39.20 17.28 30.82
C ARG H 95 -37.86 16.58 30.62
N ALA H 96 -36.77 17.36 30.69
CA ALA H 96 -35.43 16.83 30.72
C ALA H 96 -35.02 16.66 32.17
N PHE H 97 -34.62 15.45 32.54
CA PHE H 97 -34.56 15.04 33.93
C PHE H 97 -33.27 14.28 34.19
N GLY H 98 -32.56 14.68 35.24
CA GLY H 98 -31.28 14.11 35.58
C GLY H 98 -30.75 14.71 36.87
N PRO H 99 -29.45 15.10 36.90
CA PRO H 99 -28.96 15.81 38.09
C PRO H 99 -29.71 17.10 38.37
N ALA H 100 -30.25 17.74 37.34
CA ALA H 100 -31.01 18.97 37.49
C ALA H 100 -32.29 18.87 36.66
N ASP H 101 -33.41 19.26 37.26
CA ASP H 101 -34.70 19.23 36.58
C ASP H 101 -34.82 20.41 35.63
N TYR H 102 -35.45 20.18 34.47
CA TYR H 102 -35.70 21.24 33.50
C TYR H 102 -37.06 20.99 32.87
N TRP H 103 -37.95 21.97 32.99
CA TRP H 103 -39.31 21.88 32.46
C TRP H 103 -39.39 22.57 31.11
N GLY H 104 -40.09 21.94 30.17
CA GLY H 104 -40.33 22.57 28.89
C GLY H 104 -41.47 23.58 28.96
N GLN H 105 -41.39 24.57 28.07
CA GLN H 105 -42.44 25.59 28.01
C GLN H 105 -43.77 25.04 27.53
N GLY H 106 -43.76 23.97 26.73
CA GLY H 106 -44.98 23.31 26.34
C GLY H 106 -45.60 23.85 25.06
N THR H 107 -46.44 23.03 24.43
CA THR H 107 -47.16 23.41 23.23
C THR H 107 -48.62 22.98 23.36
N GLN H 108 -49.49 23.68 22.64
CA GLN H 108 -50.92 23.43 22.71
C GLN H 108 -51.31 22.41 21.65
N VAL H 109 -51.94 21.31 22.09
CA VAL H 109 -52.51 20.30 21.21
C VAL H 109 -54.02 20.39 21.36
N THR H 110 -54.70 20.74 20.27
CA THR H 110 -56.16 20.83 20.24
C THR H 110 -56.70 19.72 19.35
N VAL H 111 -57.80 19.11 19.78
CA VAL H 111 -58.47 18.06 19.03
C VAL H 111 -59.98 18.31 19.11
N SER H 112 -60.64 18.27 17.96
CA SER H 112 -62.05 18.60 17.85
C SER H 112 -62.86 17.34 17.60
N SER H 113 -64.01 17.24 18.28
CA SER H 113 -64.89 16.08 18.13
C SER H 113 -65.43 16.01 16.70
N ASP I 1 3.62 15.28 -49.76
CA ASP I 1 2.22 14.90 -49.83
C ASP I 1 2.04 13.44 -49.44
N VAL I 2 0.88 13.13 -48.85
CA VAL I 2 0.60 11.75 -48.44
C VAL I 2 0.39 10.90 -49.69
N GLN I 3 1.05 9.74 -49.70
CA GLN I 3 1.01 8.82 -50.83
C GLN I 3 0.51 7.46 -50.37
N LEU I 4 -0.34 6.85 -51.19
CA LEU I 4 -0.87 5.51 -50.96
C LEU I 4 -0.24 4.56 -51.96
N GLN I 5 0.57 3.62 -51.47
CA GLN I 5 1.31 2.69 -52.32
C GLN I 5 0.68 1.31 -52.21
N ALA I 6 0.09 0.85 -53.29
CA ALA I 6 -0.60 -0.43 -53.34
C ALA I 6 0.29 -1.50 -53.94
N SER I 7 0.17 -2.73 -53.44
CA SER I 7 0.96 -3.84 -53.93
C SER I 7 0.14 -5.12 -53.77
N GLY I 8 0.74 -6.24 -54.19
CA GLY I 8 0.11 -7.54 -54.09
C GLY I 8 -0.63 -7.99 -55.34
N GLY I 9 -0.79 -7.11 -56.33
CA GLY I 9 -1.47 -7.49 -57.55
C GLY I 9 -0.60 -8.37 -58.43
N GLY I 10 -1.26 -9.21 -59.22
CA GLY I 10 -0.54 -10.10 -60.10
C GLY I 10 -1.49 -10.92 -60.96
N SER I 11 -0.98 -12.03 -61.49
CA SER I 11 -1.73 -12.91 -62.35
C SER I 11 -1.95 -14.24 -61.64
N VAL I 12 -3.19 -14.73 -61.68
CA VAL I 12 -3.59 -15.97 -61.02
C VAL I 12 -4.61 -16.67 -61.90
N GLN I 13 -5.06 -17.85 -61.45
CA GLN I 13 -6.09 -18.63 -62.12
C GLN I 13 -7.40 -18.54 -61.35
N ALA I 14 -8.47 -19.03 -61.98
CA ALA I 14 -9.76 -19.09 -61.32
C ALA I 14 -9.70 -20.03 -60.13
N GLY I 15 -10.35 -19.63 -59.04
CA GLY I 15 -10.28 -20.37 -57.79
C GLY I 15 -9.07 -20.06 -56.94
N GLY I 16 -8.20 -19.14 -57.39
CA GLY I 16 -7.04 -18.78 -56.61
C GLY I 16 -7.33 -17.72 -55.57
N SER I 17 -6.29 -17.34 -54.84
CA SER I 17 -6.40 -16.35 -53.77
C SER I 17 -5.25 -15.36 -53.86
N LEU I 18 -5.48 -14.15 -53.37
CA LEU I 18 -4.49 -13.10 -53.37
C LEU I 18 -4.72 -12.20 -52.16
N ARG I 19 -3.70 -11.43 -51.81
CA ARG I 19 -3.78 -10.47 -50.71
C ARG I 19 -3.11 -9.18 -51.15
N LEU I 20 -3.92 -8.14 -51.34
CA LEU I 20 -3.41 -6.81 -51.63
C LEU I 20 -2.96 -6.15 -50.34
N SER I 21 -2.10 -5.13 -50.47
CA SER I 21 -1.58 -4.39 -49.32
C SER I 21 -1.29 -2.97 -49.76
N CYS I 22 -1.95 -2.00 -49.11
CA CYS I 22 -1.71 -0.58 -49.34
C CYS I 22 -1.10 0.03 -48.09
N VAL I 23 0.03 0.72 -48.28
CA VAL I 23 0.77 1.33 -47.17
C VAL I 23 0.84 2.83 -47.43
N ALA I 24 0.46 3.61 -46.41
CA ALA I 24 0.46 5.06 -46.49
C ALA I 24 1.79 5.61 -45.98
N SER I 25 2.21 6.74 -46.58
CA SER I 25 3.46 7.37 -46.19
C SER I 25 3.40 8.01 -44.80
N GLN I 26 2.21 8.19 -44.23
CA GLN I 26 2.04 8.79 -42.92
C GLN I 26 0.95 8.05 -42.17
N ASN I 27 0.97 8.18 -40.84
CA ASN I 27 -0.05 7.57 -39.98
C ASN I 27 -1.34 8.36 -40.15
N LEU I 28 -2.23 7.85 -41.00
CA LEU I 28 -3.46 8.55 -41.38
C LEU I 28 -4.72 7.76 -41.09
N PHE I 29 -4.62 6.46 -40.78
CA PHE I 29 -5.80 5.62 -40.67
C PHE I 29 -6.65 6.03 -39.47
N GLU I 30 -6.00 6.50 -38.39
CA GLU I 30 -6.73 6.80 -37.16
C GLU I 30 -7.77 7.89 -37.36
N TYR I 31 -7.57 8.77 -38.35
CA TYR I 31 -8.52 9.83 -38.68
C TYR I 31 -9.28 9.59 -39.99
N TYR I 32 -8.97 8.50 -40.72
CA TYR I 32 -9.51 8.28 -42.05
C TYR I 32 -10.21 6.92 -42.12
N THR I 33 -11.13 6.81 -43.08
CA THR I 33 -11.70 5.53 -43.45
C THR I 33 -11.02 5.01 -44.71
N MET I 34 -10.61 3.75 -44.67
CA MET I 34 -9.85 3.14 -45.75
C MET I 34 -10.78 2.38 -46.68
N GLY I 35 -10.51 2.47 -47.98
CA GLY I 35 -11.36 1.86 -48.98
C GLY I 35 -10.56 1.27 -50.12
N TRP I 36 -11.08 0.18 -50.67
CA TRP I 36 -10.53 -0.48 -51.85
C TRP I 36 -11.55 -0.37 -52.98
N TYR I 37 -11.11 0.16 -54.12
CA TYR I 37 -11.95 0.33 -55.29
C TYR I 37 -11.35 -0.39 -56.49
N ARG I 38 -12.18 -1.13 -57.21
CA ARG I 38 -11.78 -1.81 -58.43
C ARG I 38 -12.25 -1.02 -59.64
N GLN I 39 -11.48 -1.11 -60.72
CA GLN I 39 -11.79 -0.43 -61.97
C GLN I 39 -11.50 -1.38 -63.13
N VAL I 40 -12.55 -1.93 -63.72
CA VAL I 40 -12.37 -2.71 -64.95
C VAL I 40 -11.90 -1.76 -66.05
N PRO I 41 -10.97 -2.18 -66.96
CA PRO I 41 -10.54 -1.27 -68.03
C PRO I 41 -11.69 -0.74 -68.86
N GLY I 42 -11.89 0.58 -68.82
CA GLY I 42 -13.00 1.22 -69.48
C GLY I 42 -14.21 1.46 -68.62
N SER I 43 -14.19 1.05 -67.36
CA SER I 43 -15.29 1.21 -66.43
C SER I 43 -14.93 2.22 -65.34
N GLN I 44 -15.95 2.69 -64.64
CA GLN I 44 -15.75 3.62 -63.53
C GLN I 44 -15.29 2.88 -62.28
N ARG I 45 -14.49 3.55 -61.47
CA ARG I 45 -14.07 2.99 -60.20
C ARG I 45 -15.29 2.71 -59.33
N GLU I 46 -15.36 1.50 -58.79
CA GLU I 46 -16.47 1.06 -57.96
C GLU I 46 -15.94 0.44 -56.68
N ARG I 47 -16.63 0.72 -55.57
CA ARG I 47 -16.14 0.33 -54.26
C ARG I 47 -16.11 -1.18 -54.12
N VAL I 48 -15.07 -1.68 -53.45
CA VAL I 48 -14.96 -3.10 -53.10
C VAL I 48 -15.26 -3.33 -51.63
N ALA I 49 -14.61 -2.57 -50.75
CA ALA I 49 -14.84 -2.68 -49.33
C ALA I 49 -14.37 -1.39 -48.66
N LEU I 50 -14.90 -1.15 -47.46
CA LEU I 50 -14.52 -0.01 -46.65
C LEU I 50 -14.32 -0.48 -45.21
N ILE I 51 -13.46 0.23 -44.48
CA ILE I 51 -13.12 -0.17 -43.12
C ILE I 51 -12.70 1.07 -42.34
N ASN I 52 -13.07 1.10 -41.07
CA ASN I 52 -12.65 2.11 -40.11
C ASN I 52 -12.91 1.56 -38.72
N ASN I 53 -12.83 2.42 -37.70
CA ASN I 53 -13.00 1.97 -36.32
C ASN I 53 -14.37 1.36 -36.08
N GLY I 54 -15.37 1.68 -36.90
CA GLY I 54 -16.70 1.15 -36.76
C GLY I 54 -16.92 -0.22 -37.38
N GLY I 55 -15.87 -0.83 -37.91
CA GLY I 55 -15.96 -2.13 -38.55
C GLY I 55 -15.58 -2.07 -40.02
N SER I 56 -16.01 -3.09 -40.75
CA SER I 56 -15.74 -3.22 -42.17
C SER I 56 -17.02 -3.60 -42.91
N ASN I 57 -17.21 -2.99 -44.08
CA ASN I 57 -18.33 -3.28 -44.96
C ASN I 57 -17.79 -3.59 -46.34
N VAL I 58 -18.17 -4.74 -46.89
CA VAL I 58 -17.67 -5.21 -48.18
C VAL I 58 -18.80 -5.17 -49.19
N ALA I 59 -18.45 -4.98 -50.45
CA ALA I 59 -19.45 -4.90 -51.51
C ALA I 59 -20.18 -6.24 -51.65
N GLY I 60 -21.45 -6.17 -52.05
CA GLY I 60 -22.26 -7.36 -52.18
C GLY I 60 -21.86 -8.25 -53.34
N SER I 61 -21.17 -7.70 -54.34
CA SER I 61 -20.68 -8.52 -55.45
C SER I 61 -19.68 -9.55 -54.96
N VAL I 62 -18.85 -9.17 -53.98
CA VAL I 62 -17.76 -10.00 -53.49
C VAL I 62 -17.94 -10.35 -52.02
N GLU I 63 -19.19 -10.44 -51.55
CA GLU I 63 -19.44 -10.83 -50.17
C GLU I 63 -19.05 -12.29 -49.97
N GLY I 64 -18.40 -12.57 -48.85
CA GLY I 64 -17.97 -13.91 -48.52
C GLY I 64 -16.73 -14.38 -49.24
N ARG I 65 -16.13 -13.57 -50.10
CA ARG I 65 -14.90 -13.90 -50.80
C ARG I 65 -13.80 -12.87 -50.63
N PHE I 66 -14.15 -11.58 -50.57
CA PHE I 66 -13.19 -10.51 -50.29
C PHE I 66 -13.42 -10.01 -48.88
N THR I 67 -12.35 -9.90 -48.10
CA THR I 67 -12.41 -9.39 -46.74
C THR I 67 -11.29 -8.38 -46.52
N ILE I 68 -11.62 -7.27 -45.88
CA ILE I 68 -10.72 -6.15 -45.69
C ILE I 68 -10.34 -6.07 -44.22
N SER I 69 -9.05 -5.88 -43.95
CA SER I 69 -8.52 -5.76 -42.60
C SER I 69 -7.61 -4.55 -42.52
N ARG I 70 -7.46 -4.02 -41.31
CA ARG I 70 -6.67 -2.82 -41.06
C ARG I 70 -5.64 -3.09 -39.98
N ASP I 71 -4.52 -2.36 -40.06
CA ASP I 71 -3.47 -2.43 -39.05
C ASP I 71 -2.89 -1.03 -38.89
N ASN I 72 -3.35 -0.32 -37.86
CA ASN I 72 -2.92 1.06 -37.66
C ASN I 72 -1.42 1.14 -37.35
N ALA I 73 -0.91 0.20 -36.57
CA ALA I 73 0.50 0.25 -36.17
C ALA I 73 1.43 0.19 -37.38
N LYS I 74 1.13 -0.73 -38.31
CA LYS I 74 1.93 -0.83 -39.52
C LYS I 74 1.50 0.15 -40.61
N ASN I 75 0.41 0.87 -40.42
CA ASN I 75 -0.15 1.75 -41.44
C ASN I 75 -0.38 1.00 -42.74
N SER I 76 -0.99 -0.19 -42.59
CA SER I 76 -1.25 -1.09 -43.71
C SER I 76 -2.69 -1.58 -43.64
N ILE I 77 -3.31 -1.70 -44.82
CA ILE I 77 -4.62 -2.31 -44.98
C ILE I 77 -4.49 -3.46 -45.97
N TYR I 78 -5.15 -4.58 -45.66
CA TYR I 78 -5.04 -5.79 -46.45
C TYR I 78 -6.42 -6.24 -46.92
N LEU I 79 -6.48 -6.68 -48.18
CA LEU I 79 -7.70 -7.21 -48.79
C LEU I 79 -7.39 -8.62 -49.28
N GLN I 80 -7.88 -9.62 -48.56
CA GLN I 80 -7.62 -11.02 -48.89
C GLN I 80 -8.71 -11.50 -49.85
N MET I 81 -8.32 -11.78 -51.08
CA MET I 81 -9.22 -12.29 -52.10
C MET I 81 -9.14 -13.81 -52.14
N ASN I 82 -10.30 -14.46 -52.25
CA ASN I 82 -10.38 -15.91 -52.33
C ASN I 82 -11.46 -16.30 -53.33
N ASN I 83 -11.23 -17.43 -54.00
CA ASN I 83 -12.18 -17.97 -54.98
C ASN I 83 -12.49 -16.93 -56.07
N LEU I 84 -11.44 -16.39 -56.67
CA LEU I 84 -11.61 -15.39 -57.71
C LEU I 84 -12.18 -16.02 -58.98
N LYS I 85 -12.93 -15.22 -59.73
CA LYS I 85 -13.56 -15.60 -60.98
C LYS I 85 -13.09 -14.67 -62.08
N PRO I 86 -13.25 -15.07 -63.36
CA PRO I 86 -12.63 -14.29 -64.46
C PRO I 86 -13.03 -12.82 -64.50
N GLU I 87 -14.22 -12.47 -64.00
CA GLU I 87 -14.66 -11.08 -64.04
C GLU I 87 -13.98 -10.20 -63.01
N ASP I 88 -13.24 -10.78 -62.07
CA ASP I 88 -12.61 -9.98 -61.02
C ASP I 88 -11.40 -9.22 -61.52
N SER I 89 -10.92 -9.51 -62.74
CA SER I 89 -9.75 -8.84 -63.28
C SER I 89 -10.00 -7.35 -63.43
N ALA I 90 -9.14 -6.55 -62.80
CA ALA I 90 -9.27 -5.09 -62.83
C ALA I 90 -8.09 -4.43 -62.12
N VAL I 91 -8.02 -3.10 -62.20
CA VAL I 91 -7.01 -2.32 -61.49
C VAL I 91 -7.62 -1.86 -60.18
N TYR I 92 -7.01 -2.25 -59.06
CA TYR I 92 -7.54 -2.00 -57.73
C TYR I 92 -6.75 -0.88 -57.07
N TYR I 93 -7.47 0.16 -56.63
CA TYR I 93 -6.87 1.35 -56.01
C TYR I 93 -7.35 1.45 -54.56
N CYS I 94 -6.41 1.75 -53.67
CA CYS I 94 -6.74 2.00 -52.27
C CYS I 94 -7.03 3.49 -52.07
N ARG I 95 -8.13 3.78 -51.40
CA ARG I 95 -8.59 5.15 -51.16
C ARG I 95 -8.63 5.42 -49.67
N ALA I 96 -8.05 6.54 -49.25
CA ALA I 96 -8.11 7.03 -47.88
C ALA I 96 -8.94 8.30 -47.87
N PHE I 97 -10.08 8.26 -47.19
CA PHE I 97 -11.04 9.37 -47.16
C PHE I 97 -11.11 9.98 -45.77
N GLY I 98 -11.04 11.30 -45.72
CA GLY I 98 -11.15 12.05 -44.48
C GLY I 98 -11.50 13.49 -44.77
N PRO I 99 -10.90 14.43 -44.04
CA PRO I 99 -10.99 15.84 -44.47
C PRO I 99 -10.47 16.04 -45.88
N ALA I 100 -9.45 15.29 -46.28
CA ALA I 100 -8.95 15.25 -47.64
C ALA I 100 -9.05 13.81 -48.17
N ASP I 101 -9.08 13.69 -49.49
CA ASP I 101 -9.23 12.40 -50.17
C ASP I 101 -7.96 12.11 -50.96
N TYR I 102 -7.44 10.89 -50.80
CA TYR I 102 -6.24 10.43 -51.50
C TYR I 102 -6.53 9.11 -52.17
N TRP I 103 -6.04 8.96 -53.39
CA TRP I 103 -6.25 7.77 -54.21
C TRP I 103 -4.93 7.04 -54.44
N GLY I 104 -4.96 5.72 -54.28
CA GLY I 104 -3.78 4.93 -54.56
C GLY I 104 -3.53 4.81 -56.06
N GLN I 105 -2.26 4.65 -56.40
CA GLN I 105 -1.89 4.49 -57.81
C GLN I 105 -2.44 3.21 -58.41
N GLY I 106 -2.52 2.14 -57.63
CA GLY I 106 -3.18 0.92 -58.06
C GLY I 106 -2.25 -0.14 -58.62
N THR I 107 -2.71 -1.38 -58.58
CA THR I 107 -1.97 -2.52 -59.12
C THR I 107 -2.91 -3.36 -59.99
N GLN I 108 -2.33 -4.04 -60.98
CA GLN I 108 -3.08 -4.85 -61.91
C GLN I 108 -3.33 -6.23 -61.31
N VAL I 109 -4.59 -6.66 -61.33
CA VAL I 109 -4.99 -7.99 -60.89
C VAL I 109 -5.64 -8.69 -62.09
N THR I 110 -5.09 -9.84 -62.47
CA THR I 110 -5.62 -10.63 -63.57
C THR I 110 -5.89 -12.05 -63.07
N VAL I 111 -7.08 -12.55 -63.38
CA VAL I 111 -7.49 -13.90 -63.00
C VAL I 111 -8.08 -14.57 -64.23
N SER I 112 -7.61 -15.77 -64.54
CA SER I 112 -7.98 -16.50 -65.74
C SER I 112 -8.76 -17.75 -65.38
N SER I 113 -9.71 -18.12 -66.25
CA SER I 113 -10.52 -19.31 -66.03
C SER I 113 -9.65 -20.57 -66.09
#